data_5OQQ
#
_entry.id   5OQQ
#
_cell.length_a   185.534
_cell.length_b   185.534
_cell.length_c   148.321
_cell.angle_alpha   90.00
_cell.angle_beta   90.00
_cell.angle_gamma   120.00
#
_symmetry.space_group_name_H-M   'P 31 2 1'
#
loop_
_entity.id
_entity.type
_entity.pdbx_description
1 polymer 'Condensin complex subunit 3'
2 polymer 'Condensin complex subunit 2'
3 water water
#
loop_
_entity_poly.entity_id
_entity_poly.type
_entity_poly.pdbx_seq_one_letter_code
_entity_poly.pdbx_strand_id
1 'polypeptide(L)'
;MGIDINTKIFNSVAEVFQKAQGSYAGHRKHIAVLKKIQSKAVEQGYEDAFNFWFDKLVTKILPLKKNEIIGDRIVKLVAA
FIASLERELILAKKQNYKLTNDEEGIFSRFVDQFIRHVLRGVESPDKNVRFRVLQLLAVIMDNIGEIDESLFNLLILSLN
KRIYDREPTVRIQAVFCLTKFQDEEQTEHLTELSDNEENFEATRTLVASIQNDPSAEVRRAAMLNLINDNNTRPYILERA
RDVNIVNRRLVYSRILKSMGRKCFDDIEPHIFDQLIEWGLEDRELSVRNACKRLIAHDWLNALDGDLIELLEKLDVSRSS
VCVKAIEALFQSRPDILSKIKFPESIWKDFTVEIAFLFRAIYLYCLDNNITEMLEENFPEASKLSEHLNHYILLRYHHND
ISNDSQSHFDYNTLEFIIEQLSIAAERYDYSDEVGRRSMLTVVRNMLALTTLSEPLIKIGIRVMKSLSINEKDFVTMAIE
IINDIRDDDIEKQESESDIINNLPPEKEASSATIVLCLTRSSYMLELVNTPLTENILIASLMDTLITPAVRNTAPNIREL
GVKNLGLCCLLDVKLAIDNMYILGMCVSKGNASLKYIALQVIVDIFSVHGNTVVDGEGKVDSISLHKIFYKVLKNNGLPE
CQVIAAEGLCKLFLADVFTDDDLFETLVLSYFSPINSSNEALVQAFAFCIPVYCFSHPAHQQRMSRTAADILLRLCVLWD
DLQSSVIPEVDREAMLKPNIIFQQLLFWTDPRNLVNQTGSTKKDTVQLTFLIDVLKIYAQIEKKEIKKMIITNINAIFLS
SEQDYSTLKELLEYSDDIAENDNLDNVSKNALDKLRNNLNSLIEEINERSETQTKDENNTANDQYSSILGN
;
A,B
2 'polypeptide(L)'
;GPLGHMSIFEKDLMAYFDENLNRNWRGREHWKVRNFKKANLVNKESDLLEETRTTIGDTTDKNTTDDKSMDTKKKHKQKK
VLEIDFFKTDDSFEDKVFASKGRTKIDMPIKNRKNDTHYLLPDDFHFSTDRITRLFIKPGQKMSLFSHRKHT
;
D,C
#
# COMPACT_ATOMS: atom_id res chain seq x y z
N ASP A 4 -32.35 -66.62 44.61
CA ASP A 4 -32.91 -65.42 45.21
C ASP A 4 -33.61 -64.57 44.15
N ILE A 5 -34.05 -63.38 44.54
CA ILE A 5 -34.77 -62.51 43.61
C ILE A 5 -33.83 -61.55 42.87
N ASN A 6 -32.61 -61.33 43.39
CA ASN A 6 -31.66 -60.47 42.70
C ASN A 6 -31.18 -61.13 41.41
N THR A 7 -30.81 -62.41 41.48
CA THR A 7 -30.42 -63.13 40.27
C THR A 7 -31.59 -63.30 39.31
N LYS A 8 -32.81 -63.42 39.85
CA LYS A 8 -33.99 -63.56 39.00
C LYS A 8 -34.19 -62.30 38.16
N ILE A 9 -33.96 -61.12 38.75
CA ILE A 9 -34.04 -59.87 37.98
C ILE A 9 -33.05 -59.92 36.82
N PHE A 10 -31.79 -60.26 37.12
CA PHE A 10 -30.76 -60.31 36.08
C PHE A 10 -31.18 -61.25 34.95
N ASN A 11 -31.63 -62.45 35.29
CA ASN A 11 -32.03 -63.41 34.27
C ASN A 11 -33.20 -62.88 33.44
N SER A 12 -34.14 -62.20 34.10
CA SER A 12 -35.31 -61.68 33.38
C SER A 12 -34.91 -60.61 32.37
N VAL A 13 -34.03 -59.69 32.76
CA VAL A 13 -33.65 -58.60 31.87
C VAL A 13 -32.68 -59.08 30.80
N ALA A 14 -31.76 -59.99 31.15
CA ALA A 14 -30.82 -60.49 30.16
C ALA A 14 -31.53 -61.31 29.09
N GLU A 15 -32.60 -62.02 29.46
CA GLU A 15 -33.36 -62.78 28.48
C GLU A 15 -33.96 -61.84 27.42
N VAL A 16 -34.43 -60.67 27.84
CA VAL A 16 -34.95 -59.69 26.89
C VAL A 16 -33.84 -59.24 25.94
N PHE A 17 -32.73 -58.77 26.50
CA PHE A 17 -31.62 -58.31 25.68
C PHE A 17 -31.12 -59.41 24.76
N GLN A 18 -31.17 -60.67 25.21
CA GLN A 18 -30.67 -61.77 24.38
C GLN A 18 -31.48 -61.92 23.10
N LYS A 19 -32.80 -61.79 23.20
CA LYS A 19 -33.68 -61.92 22.04
C LYS A 19 -33.84 -60.63 21.27
N ALA A 20 -33.74 -59.48 21.94
CA ALA A 20 -33.96 -58.20 21.27
C ALA A 20 -32.84 -57.86 20.30
N GLN A 21 -31.64 -58.39 20.54
CA GLN A 21 -30.51 -58.09 19.66
C GLN A 21 -30.66 -58.74 18.29
N GLY A 22 -31.45 -59.80 18.17
CA GLY A 22 -31.52 -60.58 16.95
C GLY A 22 -32.52 -60.08 15.94
N SER A 23 -33.54 -59.35 16.38
CA SER A 23 -34.59 -58.92 15.47
C SER A 23 -35.47 -57.89 16.18
N TYR A 24 -36.05 -56.99 15.38
CA TYR A 24 -37.02 -56.03 15.87
C TYR A 24 -38.42 -56.61 15.99
N ALA A 25 -38.61 -57.88 15.61
CA ALA A 25 -39.95 -58.43 15.52
C ALA A 25 -40.70 -58.30 16.84
N GLY A 26 -40.08 -58.68 17.95
CA GLY A 26 -40.76 -58.72 19.23
C GLY A 26 -40.33 -57.61 20.18
N HIS A 27 -39.88 -56.48 19.63
CA HIS A 27 -39.42 -55.40 20.49
C HIS A 27 -40.57 -54.80 21.30
N ARG A 28 -41.76 -54.69 20.70
CA ARG A 28 -42.90 -54.16 21.44
C ARG A 28 -43.28 -55.07 22.59
N LYS A 29 -43.19 -56.39 22.39
CA LYS A 29 -43.38 -57.31 23.51
C LYS A 29 -42.23 -57.23 24.50
N HIS A 30 -41.01 -57.00 24.01
CA HIS A 30 -39.85 -56.92 24.91
C HIS A 30 -39.95 -55.73 25.84
N ILE A 31 -40.42 -54.59 25.33
CA ILE A 31 -40.66 -53.45 26.20
C ILE A 31 -41.74 -53.79 27.22
N ALA A 32 -42.79 -54.49 26.78
CA ALA A 32 -43.89 -54.82 27.68
C ALA A 32 -43.40 -55.59 28.90
N VAL A 33 -42.47 -56.52 28.70
CA VAL A 33 -42.00 -57.33 29.83
C VAL A 33 -40.99 -56.55 30.67
N LEU A 34 -40.13 -55.75 30.02
CA LEU A 34 -39.19 -54.94 30.77
C LEU A 34 -39.91 -54.03 31.76
N LYS A 35 -41.06 -53.49 31.37
CA LYS A 35 -41.82 -52.64 32.27
C LYS A 35 -42.37 -53.42 33.45
N LYS A 36 -42.69 -54.71 33.26
CA LYS A 36 -43.16 -55.53 34.37
C LYS A 36 -42.01 -55.92 35.30
N ILE A 37 -40.88 -56.32 34.73
CA ILE A 37 -39.70 -56.62 35.54
C ILE A 37 -39.36 -55.43 36.42
N GLN A 38 -39.40 -54.23 35.85
CA GLN A 38 -39.12 -53.02 36.62
C GLN A 38 -40.16 -52.82 37.71
N SER A 39 -41.45 -52.79 37.33
CA SER A 39 -42.51 -52.51 38.30
C SER A 39 -42.43 -53.46 39.49
N LYS A 40 -42.31 -54.77 39.22
CA LYS A 40 -42.21 -55.73 40.31
C LYS A 40 -40.92 -55.52 41.10
N ALA A 41 -39.81 -55.21 40.41
CA ALA A 41 -38.54 -55.03 41.10
C ALA A 41 -38.63 -53.91 42.13
N VAL A 42 -39.28 -52.80 41.78
CA VAL A 42 -39.45 -51.70 42.72
C VAL A 42 -40.39 -52.13 43.84
N GLU A 43 -41.41 -52.92 43.51
CA GLU A 43 -42.36 -53.37 44.52
C GLU A 43 -41.64 -54.09 45.66
N GLN A 44 -40.62 -54.88 45.35
CA GLN A 44 -39.85 -55.60 46.34
C GLN A 44 -38.65 -54.82 46.85
N GLY A 45 -38.55 -53.54 46.51
CA GLY A 45 -37.47 -52.71 47.00
C GLY A 45 -36.13 -52.94 46.32
N TYR A 46 -36.13 -53.54 45.13
CA TYR A 46 -34.91 -53.79 44.37
C TYR A 46 -34.88 -52.94 43.10
N GLU A 47 -35.33 -51.70 43.19
CA GLU A 47 -35.23 -50.78 42.07
C GLU A 47 -33.79 -50.64 41.61
N ASP A 48 -32.84 -50.65 42.54
CA ASP A 48 -31.44 -50.46 42.19
C ASP A 48 -30.81 -51.71 41.58
N ALA A 49 -31.36 -52.89 41.85
CA ALA A 49 -30.89 -54.10 41.18
C ALA A 49 -31.26 -54.06 39.70
N PHE A 50 -32.49 -53.66 39.38
CA PHE A 50 -32.90 -53.52 37.99
C PHE A 50 -32.05 -52.47 37.29
N ASN A 51 -31.94 -51.27 37.87
CA ASN A 51 -31.14 -50.21 37.27
C ASN A 51 -29.70 -50.66 37.06
N PHE A 52 -29.16 -51.45 37.99
CA PHE A 52 -27.77 -51.89 37.88
C PHE A 52 -27.60 -52.89 36.74
N TRP A 53 -28.50 -53.87 36.63
CA TRP A 53 -28.37 -54.89 35.61
C TRP A 53 -28.72 -54.35 34.23
N PHE A 54 -29.72 -53.47 34.15
CA PHE A 54 -30.03 -52.81 32.88
C PHE A 54 -28.80 -52.10 32.34
N ASP A 55 -28.11 -51.34 33.20
CA ASP A 55 -26.88 -50.66 32.80
C ASP A 55 -25.83 -51.66 32.33
N LYS A 56 -25.59 -52.71 33.13
CA LYS A 56 -24.55 -53.69 32.80
C LYS A 56 -24.72 -54.22 31.39
N LEU A 57 -25.95 -54.59 31.02
CA LEU A 57 -26.17 -55.17 29.70
C LEU A 57 -25.98 -54.16 28.59
N VAL A 58 -26.23 -52.87 28.88
CA VAL A 58 -26.02 -51.84 27.88
C VAL A 58 -24.54 -51.59 27.65
N THR A 59 -23.71 -51.79 28.68
CA THR A 59 -22.27 -51.58 28.51
C THR A 59 -21.69 -52.55 27.49
N LYS A 60 -22.29 -53.72 27.34
CA LYS A 60 -21.76 -54.73 26.43
C LYS A 60 -21.81 -54.29 24.97
N ILE A 61 -22.68 -53.33 24.64
CA ILE A 61 -22.79 -52.85 23.25
C ILE A 61 -22.01 -51.56 23.00
N LEU A 62 -21.50 -50.92 24.06
CA LEU A 62 -20.80 -49.65 23.86
C LEU A 62 -19.58 -49.78 22.94
N PRO A 63 -18.73 -50.80 23.04
CA PRO A 63 -17.55 -50.86 22.17
C PRO A 63 -17.84 -51.34 20.75
N LEU A 64 -19.08 -51.65 20.40
CA LEU A 64 -19.39 -52.09 19.05
C LEU A 64 -19.32 -50.92 18.09
N LYS A 65 -18.73 -51.17 16.91
CA LYS A 65 -18.47 -50.11 15.95
C LYS A 65 -19.77 -49.68 15.27
N LYS A 66 -19.72 -48.48 14.70
CA LYS A 66 -20.91 -47.82 14.15
C LYS A 66 -21.85 -48.77 13.41
N ASN A 67 -21.30 -49.63 12.54
CA ASN A 67 -22.14 -50.36 11.61
C ASN A 67 -22.82 -51.56 12.24
N GLU A 68 -22.22 -52.17 13.26
CA GLU A 68 -22.72 -53.46 13.76
C GLU A 68 -24.19 -53.37 14.12
N ILE A 69 -25.01 -54.15 13.40
CA ILE A 69 -26.45 -54.12 13.59
C ILE A 69 -26.83 -54.49 15.01
N ILE A 70 -26.07 -55.39 15.65
CA ILE A 70 -26.43 -55.86 16.98
C ILE A 70 -26.47 -54.70 17.96
N GLY A 71 -25.47 -53.81 17.88
CA GLY A 71 -25.51 -52.61 18.70
C GLY A 71 -26.69 -51.72 18.35
N ASP A 72 -26.93 -51.53 17.05
CA ASP A 72 -28.05 -50.69 16.62
C ASP A 72 -29.37 -51.21 17.16
N ARG A 73 -29.53 -52.54 17.22
CA ARG A 73 -30.80 -53.10 17.68
C ARG A 73 -31.02 -52.89 19.16
N ILE A 74 -29.96 -52.89 19.97
CA ILE A 74 -30.13 -52.70 21.41
C ILE A 74 -30.30 -51.22 21.73
N VAL A 75 -29.63 -50.34 20.99
CA VAL A 75 -29.86 -48.91 21.14
C VAL A 75 -31.33 -48.59 20.94
N LYS A 76 -31.95 -49.20 19.92
CA LYS A 76 -33.36 -48.96 19.66
C LYS A 76 -34.23 -49.52 20.79
N LEU A 77 -33.83 -50.66 21.36
CA LEU A 77 -34.56 -51.20 22.51
C LEU A 77 -34.51 -50.24 23.69
N VAL A 78 -33.31 -49.77 24.04
CA VAL A 78 -33.17 -48.82 25.13
C VAL A 78 -34.05 -47.61 24.89
N ALA A 79 -33.99 -47.04 23.69
CA ALA A 79 -34.80 -45.85 23.38
C ALA A 79 -36.28 -46.17 23.45
N ALA A 80 -36.69 -47.32 22.92
CA ALA A 80 -38.11 -47.70 22.97
C ALA A 80 -38.58 -47.89 24.40
N PHE A 81 -37.69 -48.33 25.29
CA PHE A 81 -38.07 -48.54 26.69
C PHE A 81 -38.33 -47.20 27.38
N ILE A 82 -37.42 -46.25 27.22
CA ILE A 82 -37.60 -44.94 27.84
C ILE A 82 -38.79 -44.21 27.22
N ALA A 83 -38.96 -44.33 25.90
CA ALA A 83 -40.10 -43.71 25.25
C ALA A 83 -41.41 -44.32 25.72
N SER A 84 -41.40 -45.61 26.05
CA SER A 84 -42.61 -46.27 26.53
C SER A 84 -42.97 -45.78 27.93
N LEU A 85 -41.98 -45.71 28.82
CA LEU A 85 -42.23 -45.22 30.17
C LEU A 85 -42.74 -43.80 30.15
N GLU A 86 -42.17 -42.95 29.29
CA GLU A 86 -42.58 -41.55 29.27
C GLU A 86 -43.98 -41.39 28.70
N ARG A 87 -44.35 -42.21 27.73
CA ARG A 87 -45.68 -42.10 27.13
C ARG A 87 -46.76 -42.31 28.19
N GLU A 88 -46.55 -43.25 29.11
CA GLU A 88 -47.51 -43.46 30.20
C GLU A 88 -47.60 -42.22 31.09
N LEU A 89 -46.49 -41.50 31.28
CA LEU A 89 -46.52 -40.29 32.07
C LEU A 89 -47.18 -39.14 31.31
N ILE A 90 -47.00 -39.09 29.99
CA ILE A 90 -47.62 -38.04 29.20
C ILE A 90 -49.13 -38.25 29.09
N LEU A 91 -49.56 -39.50 29.00
CA LEU A 91 -51.00 -39.77 28.90
C LEU A 91 -51.73 -39.41 30.19
N ALA A 92 -51.23 -39.88 31.32
CA ALA A 92 -51.84 -39.53 32.60
C ALA A 92 -51.95 -38.02 32.76
N LYS A 93 -50.99 -37.28 32.21
CA LYS A 93 -51.04 -35.82 32.26
C LYS A 93 -52.03 -35.27 31.23
N LYS A 94 -52.04 -35.83 30.02
CA LYS A 94 -52.91 -35.31 28.97
C LYS A 94 -54.34 -35.80 29.12
N GLN A 95 -54.54 -37.01 29.61
CA GLN A 95 -55.87 -37.52 29.90
C GLN A 95 -56.30 -37.25 31.34
N ASN A 96 -55.42 -36.68 32.16
CA ASN A 96 -55.75 -36.24 33.51
C ASN A 96 -56.36 -37.39 34.34
N TYR A 97 -55.51 -38.38 34.60
CA TYR A 97 -55.80 -39.39 35.60
C TYR A 97 -54.54 -39.62 36.44
N LYS A 98 -54.75 -40.13 37.65
CA LYS A 98 -53.67 -40.25 38.62
C LYS A 98 -52.89 -41.54 38.42
N LEU A 99 -51.57 -41.46 38.64
CA LEU A 99 -50.72 -42.63 38.67
C LEU A 99 -50.35 -42.94 40.13
N THR A 100 -50.49 -44.20 40.52
CA THR A 100 -50.46 -44.58 41.93
C THR A 100 -49.29 -45.49 42.30
N ASN A 101 -48.38 -45.77 41.37
CA ASN A 101 -47.25 -46.66 41.64
C ASN A 101 -45.92 -45.94 41.51
N ASP A 102 -45.92 -44.61 41.70
CA ASP A 102 -44.69 -43.82 41.69
C ASP A 102 -44.01 -43.87 40.32
N GLU A 103 -44.79 -44.01 39.25
CA GLU A 103 -44.20 -44.09 37.91
C GLU A 103 -43.35 -42.88 37.62
N GLU A 104 -43.78 -41.69 38.05
CA GLU A 104 -42.98 -40.48 37.84
C GLU A 104 -41.62 -40.60 38.51
N GLY A 105 -41.60 -40.89 39.81
CA GLY A 105 -40.34 -40.98 40.53
C GLY A 105 -39.41 -42.02 39.93
N ILE A 106 -39.94 -43.20 39.63
CA ILE A 106 -39.12 -44.27 39.05
C ILE A 106 -38.49 -43.80 37.75
N PHE A 107 -39.30 -43.17 36.88
CA PHE A 107 -38.80 -42.72 35.60
C PHE A 107 -37.69 -41.69 35.77
N SER A 108 -37.99 -40.61 36.51
CA SER A 108 -36.99 -39.55 36.70
C SER A 108 -35.68 -40.11 37.23
N ARG A 109 -35.75 -41.10 38.13
CA ARG A 109 -34.54 -41.67 38.69
C ARG A 109 -33.85 -42.61 37.71
N PHE A 110 -34.61 -43.42 36.98
CA PHE A 110 -34.00 -44.32 36.01
C PHE A 110 -33.28 -43.53 34.91
N VAL A 111 -33.97 -42.55 34.33
CA VAL A 111 -33.34 -41.73 33.29
C VAL A 111 -32.08 -41.08 33.82
N ASP A 112 -32.18 -40.38 34.95
CA ASP A 112 -31.02 -39.69 35.50
C ASP A 112 -29.88 -40.66 35.75
N GLN A 113 -30.19 -41.82 36.35
CA GLN A 113 -29.15 -42.81 36.62
C GLN A 113 -28.55 -43.36 35.34
N PHE A 114 -29.38 -43.55 34.31
CA PHE A 114 -28.89 -44.17 33.09
C PHE A 114 -28.00 -43.23 32.28
N ILE A 115 -28.39 -41.96 32.17
CA ILE A 115 -27.55 -41.00 31.45
C ILE A 115 -26.19 -40.91 32.11
N ARG A 116 -26.16 -40.80 33.44
CA ARG A 116 -24.89 -40.71 34.16
C ARG A 116 -24.02 -41.94 33.90
N HIS A 117 -24.63 -43.13 33.91
CA HIS A 117 -23.89 -44.35 33.62
C HIS A 117 -23.31 -44.31 32.22
N VAL A 118 -24.12 -43.91 31.24
CA VAL A 118 -23.66 -43.88 29.85
C VAL A 118 -22.59 -42.81 29.66
N LEU A 119 -22.68 -41.69 30.40
CA LEU A 119 -21.70 -40.63 30.25
C LEU A 119 -20.34 -40.99 30.81
N ARG A 120 -20.24 -42.08 31.59
CA ARG A 120 -18.93 -42.50 32.09
C ARG A 120 -17.95 -42.82 30.97
N GLY A 121 -18.45 -43.03 29.74
CA GLY A 121 -17.58 -43.35 28.63
C GLY A 121 -17.64 -42.32 27.51
N VAL A 122 -18.13 -41.12 27.81
CA VAL A 122 -18.25 -40.10 26.77
C VAL A 122 -16.88 -39.62 26.32
N GLU A 123 -15.89 -39.64 27.21
CA GLU A 123 -14.53 -39.25 26.87
C GLU A 123 -13.57 -40.44 26.83
N SER A 124 -14.10 -41.64 26.63
CA SER A 124 -13.27 -42.84 26.62
C SER A 124 -12.25 -42.77 25.49
N PRO A 125 -11.14 -43.50 25.61
CA PRO A 125 -10.18 -43.55 24.50
C PRO A 125 -10.74 -44.25 23.27
N ASP A 126 -11.61 -45.25 23.45
CA ASP A 126 -12.19 -45.98 22.34
C ASP A 126 -13.23 -45.11 21.65
N LYS A 127 -12.95 -44.72 20.40
CA LYS A 127 -13.91 -43.91 19.66
C LYS A 127 -15.22 -44.64 19.42
N ASN A 128 -15.23 -45.97 19.51
CA ASN A 128 -16.46 -46.72 19.30
C ASN A 128 -17.46 -46.49 20.42
N VAL A 129 -16.99 -46.43 21.66
CA VAL A 129 -17.91 -46.18 22.77
C VAL A 129 -18.34 -44.72 22.79
N ARG A 130 -17.41 -43.80 22.47
CA ARG A 130 -17.77 -42.40 22.39
C ARG A 130 -18.89 -42.19 21.38
N PHE A 131 -18.87 -42.94 20.27
CA PHE A 131 -19.96 -42.86 19.31
C PHE A 131 -21.24 -43.47 19.89
N ARG A 132 -21.15 -44.69 20.42
CA ARG A 132 -22.33 -45.33 20.98
C ARG A 132 -22.92 -44.54 22.12
N VAL A 133 -22.07 -43.90 22.93
CA VAL A 133 -22.57 -43.09 24.05
C VAL A 133 -23.44 -41.96 23.52
N LEU A 134 -22.91 -41.18 22.58
CA LEU A 134 -23.68 -40.08 22.02
C LEU A 134 -24.85 -40.57 21.17
N GLN A 135 -24.74 -41.77 20.60
CA GLN A 135 -25.87 -42.34 19.87
C GLN A 135 -27.01 -42.65 20.83
N LEU A 136 -26.71 -43.29 21.96
CA LEU A 136 -27.73 -43.55 22.97
C LEU A 136 -28.35 -42.24 23.44
N LEU A 137 -27.52 -41.24 23.75
CA LEU A 137 -28.04 -39.95 24.18
C LEU A 137 -28.94 -39.34 23.12
N ALA A 138 -28.43 -39.23 21.89
CA ALA A 138 -29.19 -38.60 20.81
C ALA A 138 -30.58 -39.23 20.65
N VAL A 139 -30.66 -40.56 20.81
CA VAL A 139 -31.90 -41.27 20.51
C VAL A 139 -32.89 -41.29 21.66
N ILE A 140 -32.50 -40.82 22.85
CA ILE A 140 -33.41 -40.74 23.99
C ILE A 140 -33.74 -39.31 24.39
N MET A 141 -33.06 -38.31 23.82
CA MET A 141 -33.26 -36.93 24.25
C MET A 141 -34.74 -36.54 24.28
N ASP A 142 -35.48 -36.91 23.24
CA ASP A 142 -36.87 -36.47 23.15
C ASP A 142 -37.72 -37.01 24.31
N ASN A 143 -37.32 -38.14 24.89
CA ASN A 143 -38.18 -38.85 25.83
C ASN A 143 -37.61 -38.92 27.25
N ILE A 144 -36.68 -38.04 27.61
CA ILE A 144 -36.18 -38.00 28.98
C ILE A 144 -36.97 -37.06 29.87
N GLY A 145 -37.86 -36.24 29.29
CA GLY A 145 -38.71 -35.39 30.10
C GLY A 145 -37.92 -34.32 30.81
N GLU A 146 -38.32 -34.03 32.05
CA GLU A 146 -37.72 -32.97 32.85
C GLU A 146 -36.64 -33.54 33.73
N ILE A 147 -35.46 -32.93 33.69
CA ILE A 147 -34.28 -33.39 34.41
C ILE A 147 -33.74 -32.24 35.24
N ASP A 148 -33.22 -32.55 36.43
CA ASP A 148 -32.68 -31.50 37.28
C ASP A 148 -31.49 -30.84 36.60
N GLU A 149 -31.04 -29.73 37.19
CA GLU A 149 -30.07 -28.88 36.51
C GLU A 149 -28.68 -29.51 36.47
N SER A 150 -28.30 -30.23 37.53
CA SER A 150 -26.98 -30.83 37.56
C SER A 150 -26.77 -31.74 36.35
N LEU A 151 -27.76 -32.58 36.03
CA LEU A 151 -27.64 -33.45 34.88
C LEU A 151 -27.72 -32.69 33.57
N PHE A 152 -28.51 -31.60 33.52
CA PHE A 152 -28.58 -30.80 32.31
C PHE A 152 -27.26 -30.09 32.05
N ASN A 153 -26.62 -29.56 33.09
CA ASN A 153 -25.31 -28.95 32.92
C ASN A 153 -24.29 -29.99 32.49
N LEU A 154 -24.34 -31.17 33.09
CA LEU A 154 -23.39 -32.23 32.71
C LEU A 154 -23.57 -32.62 31.26
N LEU A 155 -24.82 -32.70 30.79
CA LEU A 155 -25.08 -33.07 29.40
C LEU A 155 -24.49 -32.03 28.44
N ILE A 156 -24.86 -30.77 28.62
CA ILE A 156 -24.41 -29.72 27.70
C ILE A 156 -22.90 -29.64 27.67
N LEU A 157 -22.26 -29.71 28.84
CA LEU A 157 -20.80 -29.63 28.89
C LEU A 157 -20.16 -30.83 28.20
N SER A 158 -20.73 -32.02 28.38
CA SER A 158 -20.20 -33.20 27.72
C SER A 158 -20.32 -33.08 26.21
N LEU A 159 -21.49 -32.67 25.73
CA LEU A 159 -21.69 -32.52 24.29
C LEU A 159 -20.83 -31.41 23.71
N ASN A 160 -20.80 -30.25 24.38
CA ASN A 160 -20.00 -29.13 23.90
C ASN A 160 -18.53 -29.49 23.74
N LYS A 161 -18.06 -30.52 24.44
CA LYS A 161 -16.70 -31.01 24.22
C LYS A 161 -16.64 -31.96 23.04
N ARG A 162 -17.69 -32.76 22.84
CA ARG A 162 -17.71 -33.73 21.74
C ARG A 162 -17.94 -33.08 20.39
N ILE A 163 -18.41 -31.83 20.35
CA ILE A 163 -18.53 -31.14 19.07
C ILE A 163 -17.16 -30.94 18.44
N TYR A 164 -16.10 -31.03 19.24
CA TYR A 164 -14.73 -30.95 18.75
C TYR A 164 -14.00 -32.28 18.91
N ASP A 165 -14.73 -33.39 18.82
CA ASP A 165 -14.09 -34.69 18.92
C ASP A 165 -13.17 -34.92 17.71
N ARG A 166 -12.22 -35.83 17.89
CA ARG A 166 -11.24 -36.08 16.83
C ARG A 166 -11.88 -36.79 15.64
N GLU A 167 -12.89 -37.64 15.88
CA GLU A 167 -13.56 -38.36 14.82
C GLU A 167 -14.75 -37.56 14.29
N PRO A 168 -14.89 -37.40 12.97
CA PRO A 168 -16.12 -36.78 12.47
C PRO A 168 -17.36 -37.60 12.77
N THR A 169 -17.20 -38.92 12.93
CA THR A 169 -18.33 -39.77 13.25
C THR A 169 -18.93 -39.40 14.61
N VAL A 170 -18.08 -39.16 15.60
CA VAL A 170 -18.56 -38.73 16.92
C VAL A 170 -19.12 -37.31 16.85
N ARG A 171 -18.50 -36.45 16.04
CA ARG A 171 -18.98 -35.07 15.94
C ARG A 171 -20.38 -35.02 15.36
N ILE A 172 -20.66 -35.81 14.33
CA ILE A 172 -22.02 -35.89 13.80
C ILE A 172 -22.99 -36.28 14.91
N GLN A 173 -22.62 -37.30 15.69
CA GLN A 173 -23.48 -37.71 16.79
C GLN A 173 -23.61 -36.59 17.81
N ALA A 174 -22.52 -35.85 18.06
CA ALA A 174 -22.62 -34.67 18.91
C ALA A 174 -23.59 -33.66 18.33
N VAL A 175 -23.58 -33.49 17.00
CA VAL A 175 -24.52 -32.57 16.36
C VAL A 175 -25.95 -33.03 16.61
N PHE A 176 -26.23 -34.31 16.32
CA PHE A 176 -27.60 -34.82 16.52
C PHE A 176 -28.10 -34.57 17.92
N CYS A 177 -27.23 -34.72 18.92
CA CYS A 177 -27.64 -34.46 20.30
C CYS A 177 -28.01 -32.99 20.51
N LEU A 178 -27.20 -32.07 19.97
CA LEU A 178 -27.43 -30.65 20.21
C LEU A 178 -28.62 -30.12 19.43
N THR A 179 -28.97 -30.76 18.31
CA THR A 179 -30.14 -30.31 17.55
C THR A 179 -31.40 -30.35 18.41
N LYS A 180 -31.50 -31.32 19.32
CA LYS A 180 -32.69 -31.48 20.15
C LYS A 180 -32.77 -30.44 21.26
N PHE A 181 -31.74 -29.62 21.45
CA PHE A 181 -31.76 -28.53 22.44
C PHE A 181 -31.88 -27.17 21.77
N GLN A 182 -32.46 -27.12 20.58
CA GLN A 182 -32.62 -25.87 19.86
C GLN A 182 -33.85 -25.11 20.38
N ASP A 183 -33.95 -23.85 19.98
CA ASP A 183 -35.02 -22.98 20.44
C ASP A 183 -35.38 -21.94 19.39
N GLU A 201 -28.31 -20.86 22.20
CA GLU A 201 -27.01 -21.44 22.55
C GLU A 201 -26.68 -22.61 21.64
N ALA A 202 -27.46 -23.69 21.75
CA ALA A 202 -27.24 -24.84 20.89
C ALA A 202 -27.39 -24.47 19.42
N THR A 203 -28.26 -23.51 19.11
CA THR A 203 -28.41 -23.08 17.73
C THR A 203 -27.15 -22.40 17.22
N ARG A 204 -26.54 -21.53 18.04
CA ARG A 204 -25.28 -20.90 17.63
C ARG A 204 -24.14 -21.90 17.56
N THR A 205 -24.14 -22.90 18.45
CA THR A 205 -23.10 -23.93 18.39
C THR A 205 -23.16 -24.69 17.07
N LEU A 206 -24.37 -24.92 16.56
CA LEU A 206 -24.52 -25.64 15.30
C LEU A 206 -24.13 -24.77 14.11
N VAL A 207 -24.49 -23.48 14.16
CA VAL A 207 -24.03 -22.56 13.12
C VAL A 207 -22.52 -22.42 13.16
N ALA A 208 -21.92 -22.49 14.36
CA ALA A 208 -20.48 -22.45 14.46
C ALA A 208 -19.86 -23.64 13.74
N SER A 209 -20.50 -24.80 13.81
CA SER A 209 -20.00 -26.00 13.14
C SER A 209 -20.34 -26.02 11.66
N ILE A 210 -21.40 -25.31 11.24
CA ILE A 210 -21.78 -25.32 9.83
C ILE A 210 -20.79 -24.55 8.98
N GLN A 211 -20.08 -23.59 9.58
CA GLN A 211 -19.12 -22.77 8.85
C GLN A 211 -17.68 -23.19 9.05
N ASN A 212 -17.33 -23.71 10.23
CA ASN A 212 -15.94 -23.82 10.63
C ASN A 212 -15.41 -25.24 10.68
N ASP A 213 -16.27 -26.24 10.78
CA ASP A 213 -15.80 -27.60 10.96
C ASP A 213 -15.20 -28.14 9.66
N PRO A 214 -14.05 -28.82 9.71
CA PRO A 214 -13.42 -29.26 8.46
C PRO A 214 -14.13 -30.42 7.79
N SER A 215 -14.75 -31.32 8.55
CA SER A 215 -15.41 -32.47 7.95
C SER A 215 -16.67 -32.03 7.22
N ALA A 216 -16.81 -32.50 5.97
CA ALA A 216 -17.97 -32.11 5.17
C ALA A 216 -19.25 -32.79 5.68
N GLU A 217 -19.14 -34.01 6.21
CA GLU A 217 -20.34 -34.74 6.62
C GLU A 217 -20.96 -34.14 7.87
N VAL A 218 -20.18 -33.42 8.69
CA VAL A 218 -20.75 -32.81 9.88
C VAL A 218 -21.41 -31.48 9.52
N ARG A 219 -20.77 -30.68 8.66
CA ARG A 219 -21.44 -29.52 8.10
C ARG A 219 -22.76 -29.92 7.47
N ARG A 220 -22.77 -31.06 6.78
CA ARG A 220 -24.00 -31.58 6.20
C ARG A 220 -25.01 -31.93 7.29
N ALA A 221 -24.55 -32.57 8.36
CA ALA A 221 -25.44 -32.94 9.46
C ALA A 221 -26.02 -31.70 10.12
N ALA A 222 -25.17 -30.72 10.43
CA ALA A 222 -25.67 -29.47 11.01
C ALA A 222 -26.66 -28.80 10.07
N MET A 223 -26.29 -28.68 8.80
CA MET A 223 -27.15 -28.02 7.83
C MET A 223 -28.53 -28.66 7.78
N LEU A 224 -28.58 -29.98 7.60
CA LEU A 224 -29.87 -30.65 7.38
C LEU A 224 -30.75 -30.61 8.63
N ASN A 225 -30.15 -30.52 9.82
CA ASN A 225 -30.91 -30.58 11.06
C ASN A 225 -31.04 -29.24 11.76
N LEU A 226 -30.47 -28.18 11.20
CA LEU A 226 -30.59 -26.85 11.80
C LEU A 226 -31.98 -26.28 11.53
N ILE A 227 -32.62 -25.74 12.57
CA ILE A 227 -33.94 -25.15 12.41
C ILE A 227 -33.88 -24.09 11.32
N ASN A 228 -34.90 -24.10 10.45
CA ASN A 228 -34.94 -23.18 9.30
C ASN A 228 -35.71 -21.92 9.73
N ASP A 229 -34.97 -21.02 10.36
CA ASP A 229 -35.51 -19.79 10.91
C ASP A 229 -34.96 -18.59 10.14
N ASN A 230 -35.68 -17.47 10.22
CA ASN A 230 -35.19 -16.23 9.62
C ASN A 230 -33.81 -15.87 10.15
N ASN A 231 -33.46 -16.35 11.35
CA ASN A 231 -32.13 -16.11 11.90
C ASN A 231 -31.10 -17.06 11.30
N THR A 232 -31.51 -18.30 11.04
CA THR A 232 -30.57 -19.35 10.62
C THR A 232 -30.57 -19.61 9.13
N ARG A 233 -31.67 -19.30 8.43
CA ARG A 233 -31.74 -19.58 7.00
C ARG A 233 -30.55 -19.01 6.23
N PRO A 234 -30.08 -17.78 6.50
CA PRO A 234 -28.89 -17.31 5.78
C PRO A 234 -27.68 -18.22 5.92
N TYR A 235 -27.47 -18.79 7.12
CA TYR A 235 -26.33 -19.68 7.30
C TYR A 235 -26.56 -21.03 6.62
N ILE A 236 -27.81 -21.48 6.55
CA ILE A 236 -28.12 -22.74 5.86
C ILE A 236 -27.88 -22.58 4.36
N LEU A 237 -28.53 -21.59 3.75
CA LEU A 237 -28.37 -21.37 2.32
C LEU A 237 -26.95 -20.94 1.96
N GLU A 238 -26.18 -20.45 2.93
CA GLU A 238 -24.79 -20.11 2.65
C GLU A 238 -24.02 -21.32 2.13
N ARG A 239 -24.43 -22.53 2.50
CA ARG A 239 -23.75 -23.74 2.08
C ARG A 239 -24.04 -24.08 0.62
N ALA A 240 -24.74 -23.22 -0.12
CA ALA A 240 -24.86 -23.40 -1.55
C ALA A 240 -23.53 -23.23 -2.27
N ARG A 241 -22.49 -22.79 -1.57
CA ARG A 241 -21.15 -22.68 -2.12
C ARG A 241 -20.14 -23.51 -1.33
N ASP A 242 -20.60 -24.46 -0.53
CA ASP A 242 -19.71 -25.33 0.19
C ASP A 242 -18.72 -25.99 -0.77
N VAL A 243 -17.48 -26.17 -0.29
CA VAL A 243 -16.46 -26.79 -1.15
C VAL A 243 -16.88 -28.18 -1.58
N ASN A 244 -17.63 -28.90 -0.74
CA ASN A 244 -18.14 -30.21 -1.11
C ASN A 244 -19.32 -30.06 -2.06
N ILE A 245 -19.41 -30.97 -3.03
CA ILE A 245 -20.46 -30.90 -4.03
C ILE A 245 -21.79 -31.36 -3.46
N VAL A 246 -21.78 -32.37 -2.59
CA VAL A 246 -23.02 -32.88 -2.01
C VAL A 246 -23.71 -31.78 -1.21
N ASN A 247 -22.97 -31.15 -0.30
CA ASN A 247 -23.55 -30.07 0.49
C ASN A 247 -24.20 -29.01 -0.40
N ARG A 248 -23.55 -28.70 -1.54
CA ARG A 248 -24.16 -27.78 -2.49
C ARG A 248 -25.40 -28.40 -3.13
N ARG A 249 -25.31 -29.65 -3.57
CA ARG A 249 -26.44 -30.32 -4.19
C ARG A 249 -27.63 -30.41 -3.23
N LEU A 250 -27.35 -30.68 -1.95
CA LEU A 250 -28.43 -30.88 -0.99
C LEU A 250 -29.22 -29.59 -0.77
N VAL A 251 -28.61 -28.43 -1.00
CA VAL A 251 -29.34 -27.18 -0.89
C VAL A 251 -30.55 -27.20 -1.81
N TYR A 252 -30.35 -27.68 -3.05
CA TYR A 252 -31.45 -27.79 -4.00
C TYR A 252 -32.19 -29.10 -3.88
N SER A 253 -31.49 -30.17 -3.52
CA SER A 253 -32.11 -31.50 -3.46
C SER A 253 -33.06 -31.63 -2.27
N ARG A 254 -32.81 -30.91 -1.17
CA ARG A 254 -33.61 -31.08 0.03
C ARG A 254 -34.02 -29.76 0.67
N ILE A 255 -33.04 -28.90 0.99
CA ILE A 255 -33.36 -27.66 1.71
C ILE A 255 -34.40 -26.85 0.94
N LEU A 256 -34.04 -26.38 -0.25
CA LEU A 256 -34.97 -25.57 -1.03
C LEU A 256 -36.22 -26.34 -1.39
N LYS A 257 -36.12 -27.67 -1.53
CA LYS A 257 -37.29 -28.48 -1.83
C LYS A 257 -38.22 -28.57 -0.63
N SER A 258 -37.66 -28.72 0.58
CA SER A 258 -38.48 -28.77 1.78
C SER A 258 -39.32 -27.50 1.92
N MET A 259 -38.73 -26.33 1.68
CA MET A 259 -39.47 -25.08 1.83
C MET A 259 -40.65 -25.02 0.87
N GLY A 260 -40.46 -25.44 -0.37
CA GLY A 260 -41.51 -25.41 -1.35
C GLY A 260 -41.88 -24.00 -1.78
N ARG A 261 -43.09 -23.56 -1.45
CA ARG A 261 -43.54 -22.24 -1.88
C ARG A 261 -42.86 -21.12 -1.10
N LYS A 262 -42.50 -21.37 0.16
CA LYS A 262 -41.81 -20.35 0.96
C LYS A 262 -40.50 -19.90 0.32
N CYS A 263 -40.00 -20.61 -0.69
CA CYS A 263 -38.84 -20.19 -1.46
C CYS A 263 -39.11 -18.93 -2.26
N PHE A 264 -40.33 -18.38 -2.22
CA PHE A 264 -40.64 -17.15 -2.94
C PHE A 264 -41.19 -16.06 -2.03
N ASP A 265 -41.28 -16.32 -0.72
CA ASP A 265 -41.82 -15.37 0.25
C ASP A 265 -40.85 -15.09 1.38
N ASP A 266 -40.49 -16.09 2.20
CA ASP A 266 -39.61 -15.90 3.33
C ASP A 266 -38.13 -15.98 2.96
N ILE A 267 -37.81 -15.90 1.67
CA ILE A 267 -36.43 -15.91 1.20
C ILE A 267 -36.17 -14.58 0.50
N GLU A 268 -35.09 -13.92 0.88
CA GLU A 268 -34.78 -12.62 0.31
C GLU A 268 -34.63 -12.75 -1.20
N PRO A 269 -35.24 -11.85 -2.00
CA PRO A 269 -35.19 -12.06 -3.46
C PRO A 269 -33.80 -11.94 -4.04
N HIS A 270 -32.90 -11.17 -3.43
CA HIS A 270 -31.56 -11.02 -3.98
C HIS A 270 -30.75 -12.29 -3.81
N ILE A 271 -30.79 -12.90 -2.62
CA ILE A 271 -30.11 -14.19 -2.44
C ILE A 271 -30.83 -15.27 -3.24
N PHE A 272 -32.14 -15.15 -3.41
CA PHE A 272 -32.90 -16.11 -4.20
C PHE A 272 -32.30 -16.24 -5.60
N ASP A 273 -32.23 -15.12 -6.32
CA ASP A 273 -31.69 -15.16 -7.68
C ASP A 273 -30.27 -15.70 -7.68
N GLN A 274 -29.48 -15.40 -6.64
CA GLN A 274 -28.10 -15.86 -6.59
C GLN A 274 -28.03 -17.37 -6.43
N LEU A 275 -29.03 -17.99 -5.79
CA LEU A 275 -29.02 -19.44 -5.63
C LEU A 275 -29.26 -20.15 -6.95
N ILE A 276 -30.20 -19.66 -7.75
CA ILE A 276 -30.46 -20.29 -9.06
C ILE A 276 -29.25 -20.13 -9.97
N GLU A 277 -28.70 -18.92 -10.04
CA GLU A 277 -27.53 -18.69 -10.88
C GLU A 277 -26.38 -19.61 -10.48
N TRP A 278 -26.15 -19.76 -9.18
CA TRP A 278 -25.07 -20.63 -8.71
C TRP A 278 -25.32 -22.07 -9.13
N GLY A 279 -26.52 -22.59 -8.86
CA GLY A 279 -26.81 -23.98 -9.19
C GLY A 279 -26.77 -24.25 -10.68
N LEU A 280 -27.32 -23.34 -11.48
CA LEU A 280 -27.37 -23.54 -12.93
C LEU A 280 -26.01 -23.37 -13.59
N GLU A 281 -25.09 -22.64 -12.96
CA GLU A 281 -23.77 -22.40 -13.52
C GLU A 281 -22.68 -23.19 -12.80
N ASP A 282 -23.04 -24.00 -11.80
CA ASP A 282 -22.05 -24.78 -11.08
C ASP A 282 -21.20 -25.60 -12.05
N ARG A 283 -19.95 -25.88 -11.66
CA ARG A 283 -19.05 -26.62 -12.52
C ARG A 283 -19.32 -28.12 -12.52
N GLU A 284 -20.08 -28.62 -11.55
CA GLU A 284 -20.37 -30.04 -11.43
C GLU A 284 -21.77 -30.34 -11.93
N LEU A 285 -21.92 -31.49 -12.59
CA LEU A 285 -23.19 -31.84 -13.22
C LEU A 285 -24.24 -32.21 -12.17
N SER A 286 -23.83 -32.89 -11.10
CA SER A 286 -24.77 -33.26 -10.04
C SER A 286 -25.47 -32.04 -9.47
N VAL A 287 -24.71 -30.97 -9.22
CA VAL A 287 -25.31 -29.75 -8.68
C VAL A 287 -26.21 -29.09 -9.72
N ARG A 288 -25.75 -29.03 -10.96
CA ARG A 288 -26.56 -28.44 -12.02
C ARG A 288 -27.89 -29.15 -12.17
N ASN A 289 -27.85 -30.48 -12.32
CA ASN A 289 -29.10 -31.24 -12.48
C ASN A 289 -29.99 -31.10 -11.25
N ALA A 290 -29.38 -31.09 -10.06
CA ALA A 290 -30.18 -30.92 -8.84
C ALA A 290 -30.95 -29.61 -8.86
N CYS A 291 -30.28 -28.52 -9.21
CA CYS A 291 -30.98 -27.23 -9.30
C CYS A 291 -31.98 -27.23 -10.45
N LYS A 292 -31.61 -27.85 -11.58
CA LYS A 292 -32.54 -27.95 -12.70
C LYS A 292 -33.84 -28.63 -12.26
N ARG A 293 -33.71 -29.80 -11.61
CA ARG A 293 -34.90 -30.56 -11.22
C ARG A 293 -35.75 -29.78 -10.22
N LEU A 294 -35.10 -29.03 -9.32
CA LEU A 294 -35.86 -28.21 -8.37
C LEU A 294 -36.73 -27.20 -9.09
N ILE A 295 -36.24 -26.64 -10.19
CA ILE A 295 -37.00 -25.64 -10.93
C ILE A 295 -38.05 -26.30 -11.83
N ALA A 296 -37.63 -27.31 -12.59
CA ALA A 296 -38.49 -27.85 -13.63
C ALA A 296 -39.56 -28.79 -13.07
N HIS A 297 -39.23 -29.54 -12.02
CA HIS A 297 -40.14 -30.55 -11.48
C HIS A 297 -40.73 -30.15 -10.13
N ASP A 298 -39.89 -29.83 -9.16
CA ASP A 298 -40.37 -29.62 -7.80
C ASP A 298 -41.11 -28.29 -7.66
N TRP A 299 -40.48 -27.19 -8.09
CA TRP A 299 -41.15 -25.90 -8.01
C TRP A 299 -42.40 -25.89 -8.89
N LEU A 300 -42.24 -26.11 -10.19
CA LEU A 300 -43.37 -26.09 -11.11
C LEU A 300 -44.56 -26.86 -10.55
N ASN A 301 -44.30 -28.05 -9.98
CA ASN A 301 -45.38 -28.82 -9.37
C ASN A 301 -45.96 -28.09 -8.15
N ALA A 302 -45.10 -27.47 -7.35
CA ALA A 302 -45.57 -26.71 -6.20
C ALA A 302 -46.49 -25.56 -6.61
N LEU A 303 -46.45 -25.14 -7.86
CA LEU A 303 -47.28 -24.04 -8.35
C LEU A 303 -48.37 -24.53 -9.30
N ASP A 304 -48.69 -25.82 -9.26
CA ASP A 304 -49.86 -26.38 -9.96
C ASP A 304 -49.77 -26.15 -11.47
N GLY A 305 -48.63 -26.55 -12.05
CA GLY A 305 -48.46 -26.52 -13.49
C GLY A 305 -48.49 -25.14 -14.12
N ASP A 306 -48.66 -24.09 -13.31
CA ASP A 306 -48.73 -22.73 -13.82
C ASP A 306 -47.32 -22.28 -14.18
N LEU A 307 -46.96 -22.39 -15.46
CA LEU A 307 -45.64 -21.98 -15.91
C LEU A 307 -45.48 -20.46 -15.83
N ILE A 308 -46.55 -19.72 -16.13
CA ILE A 308 -46.47 -18.26 -16.13
C ILE A 308 -46.06 -17.76 -14.75
N GLU A 309 -46.70 -18.29 -13.70
CA GLU A 309 -46.36 -17.86 -12.35
C GLU A 309 -44.93 -18.25 -11.99
N LEU A 310 -44.51 -19.46 -12.39
CA LEU A 310 -43.13 -19.86 -12.16
C LEU A 310 -42.16 -18.84 -12.75
N LEU A 311 -42.48 -18.32 -13.95
CA LEU A 311 -41.65 -17.27 -14.54
C LEU A 311 -41.76 -15.97 -13.76
N GLU A 312 -42.92 -15.69 -13.16
CA GLU A 312 -43.05 -14.51 -12.32
C GLU A 312 -42.13 -14.59 -11.11
N LYS A 313 -41.86 -15.80 -10.61
CA LYS A 313 -40.96 -15.95 -9.48
C LYS A 313 -39.51 -15.75 -9.90
N LEU A 314 -39.13 -16.27 -11.07
CA LEU A 314 -37.77 -16.09 -11.57
C LEU A 314 -37.48 -14.65 -11.97
N ASP A 315 -38.52 -13.86 -12.24
CA ASP A 315 -38.34 -12.46 -12.61
C ASP A 315 -37.52 -12.35 -13.88
N VAL A 316 -38.16 -12.54 -15.05
CA VAL A 316 -37.44 -12.47 -16.31
C VAL A 316 -36.96 -11.05 -16.58
N SER A 317 -37.69 -10.04 -16.10
CA SER A 317 -37.38 -8.66 -16.43
C SER A 317 -36.04 -8.22 -15.85
N ARG A 318 -35.61 -8.84 -14.73
CA ARG A 318 -34.41 -8.40 -14.02
C ARG A 318 -33.45 -9.56 -13.80
N SER A 319 -33.41 -10.52 -14.72
CA SER A 319 -32.51 -11.66 -14.56
C SER A 319 -32.39 -12.38 -15.90
N SER A 320 -31.21 -12.96 -16.12
CA SER A 320 -30.95 -13.79 -17.29
C SER A 320 -30.86 -15.26 -16.96
N VAL A 321 -31.00 -15.63 -15.68
CA VAL A 321 -30.96 -17.04 -15.30
C VAL A 321 -32.09 -17.81 -15.95
N CYS A 322 -33.23 -17.15 -16.18
CA CYS A 322 -34.39 -17.82 -16.73
C CYS A 322 -34.12 -18.46 -18.09
N VAL A 323 -33.14 -17.94 -18.83
CA VAL A 323 -32.82 -18.53 -20.13
C VAL A 323 -32.41 -19.98 -19.96
N LYS A 324 -31.60 -20.27 -18.93
CA LYS A 324 -31.21 -21.64 -18.65
C LYS A 324 -32.30 -22.40 -17.91
N ALA A 325 -33.06 -21.71 -17.05
CA ALA A 325 -34.07 -22.38 -16.24
C ALA A 325 -35.18 -22.95 -17.11
N ILE A 326 -35.62 -22.19 -18.12
CA ILE A 326 -36.73 -22.66 -18.95
C ILE A 326 -36.25 -23.72 -19.94
N GLU A 327 -35.03 -23.55 -20.48
CA GLU A 327 -34.46 -24.62 -21.30
C GLU A 327 -34.26 -25.88 -20.47
N ALA A 328 -33.86 -25.72 -19.21
CA ALA A 328 -33.84 -26.85 -18.29
C ALA A 328 -35.22 -27.49 -18.18
N LEU A 329 -36.26 -26.66 -18.10
CA LEU A 329 -37.62 -27.18 -18.01
C LEU A 329 -38.03 -27.89 -19.29
N PHE A 330 -37.73 -27.29 -20.44
CA PHE A 330 -38.17 -27.87 -21.71
C PHE A 330 -37.61 -29.28 -21.90
N GLN A 331 -36.35 -29.50 -21.52
CA GLN A 331 -35.78 -30.85 -21.60
C GLN A 331 -36.55 -31.81 -20.71
N SER A 332 -36.83 -31.39 -19.47
CA SER A 332 -37.50 -32.27 -18.52
C SER A 332 -38.96 -32.51 -18.89
N ARG A 333 -39.62 -31.53 -19.48
CA ARG A 333 -41.06 -31.58 -19.73
C ARG A 333 -41.33 -31.17 -21.18
N PRO A 334 -41.15 -32.09 -22.13
CA PRO A 334 -41.57 -31.78 -23.51
C PRO A 334 -43.08 -31.78 -23.70
N ASP A 335 -43.85 -32.36 -22.77
CA ASP A 335 -45.30 -32.40 -22.93
C ASP A 335 -45.91 -31.01 -22.87
N ILE A 336 -45.41 -30.15 -21.98
CA ILE A 336 -45.92 -28.78 -21.90
C ILE A 336 -45.48 -27.94 -23.09
N LEU A 337 -44.40 -28.33 -23.77
CA LEU A 337 -43.82 -27.46 -24.80
C LEU A 337 -44.79 -27.27 -25.97
N SER A 338 -45.47 -28.34 -26.39
CA SER A 338 -46.37 -28.28 -27.54
C SER A 338 -47.71 -27.64 -27.21
N LYS A 339 -47.92 -27.21 -25.96
CA LYS A 339 -49.21 -26.64 -25.55
C LYS A 339 -49.24 -25.12 -25.61
N ILE A 340 -48.08 -24.46 -25.70
CA ILE A 340 -48.03 -23.00 -25.76
C ILE A 340 -48.12 -22.60 -27.24
N LYS A 341 -49.31 -22.21 -27.66
CA LYS A 341 -49.51 -21.61 -28.98
C LYS A 341 -49.62 -20.10 -28.85
N PHE A 342 -49.54 -19.41 -29.99
CA PHE A 342 -49.58 -17.95 -30.03
C PHE A 342 -50.55 -17.50 -31.11
N PRO A 343 -51.85 -17.62 -30.87
CA PRO A 343 -52.83 -17.03 -31.78
C PRO A 343 -52.89 -15.52 -31.61
N GLU A 344 -53.50 -14.86 -32.59
CA GLU A 344 -53.62 -13.40 -32.52
C GLU A 344 -54.28 -12.93 -31.24
N SER A 345 -55.03 -13.79 -30.56
CA SER A 345 -55.69 -13.41 -29.32
C SER A 345 -54.72 -13.23 -28.17
N ILE A 346 -53.53 -13.87 -28.23
CA ILE A 346 -52.59 -13.77 -27.11
C ILE A 346 -52.10 -12.33 -26.94
N TRP A 347 -52.00 -11.59 -28.04
CA TRP A 347 -51.38 -10.26 -28.00
C TRP A 347 -52.25 -9.24 -27.27
N LYS A 348 -53.53 -9.55 -27.04
CA LYS A 348 -54.38 -8.65 -26.27
C LYS A 348 -53.91 -8.55 -24.82
N ASP A 349 -53.36 -9.64 -24.28
CA ASP A 349 -52.83 -9.68 -22.92
C ASP A 349 -51.39 -10.20 -23.00
N PHE A 350 -50.49 -9.37 -23.51
CA PHE A 350 -49.09 -9.72 -23.70
C PHE A 350 -48.28 -9.07 -22.58
N THR A 351 -47.53 -9.88 -21.84
CA THR A 351 -46.76 -9.41 -20.69
C THR A 351 -45.32 -9.84 -20.83
N VAL A 352 -44.49 -9.36 -19.91
CA VAL A 352 -43.05 -9.67 -19.97
C VAL A 352 -42.83 -11.17 -19.89
N GLU A 353 -43.64 -11.87 -19.10
CA GLU A 353 -43.47 -13.31 -18.95
C GLU A 353 -43.80 -14.02 -20.26
N ILE A 354 -44.94 -13.68 -20.87
CA ILE A 354 -45.32 -14.31 -22.13
C ILE A 354 -44.32 -13.92 -23.23
N ALA A 355 -43.88 -12.66 -23.24
CA ALA A 355 -42.91 -12.23 -24.24
C ALA A 355 -41.62 -13.04 -24.15
N PHE A 356 -41.13 -13.27 -22.92
CA PHE A 356 -39.92 -14.07 -22.76
C PHE A 356 -40.14 -15.50 -23.24
N LEU A 357 -41.35 -16.05 -22.99
CA LEU A 357 -41.66 -17.37 -23.52
C LEU A 357 -41.59 -17.38 -25.04
N PHE A 358 -42.09 -16.32 -25.68
CA PHE A 358 -42.12 -16.28 -27.13
C PHE A 358 -40.74 -16.49 -27.72
N ARG A 359 -39.73 -15.76 -27.21
CA ARG A 359 -38.38 -15.95 -27.71
C ARG A 359 -37.79 -17.27 -27.22
N ALA A 360 -38.07 -17.64 -25.98
CA ALA A 360 -37.46 -18.84 -25.40
C ALA A 360 -37.90 -20.09 -26.14
N ILE A 361 -39.19 -20.18 -26.47
CA ILE A 361 -39.68 -21.34 -27.20
C ILE A 361 -39.13 -21.34 -28.62
N TYR A 362 -39.30 -20.21 -29.34
CA TYR A 362 -38.91 -20.17 -30.74
C TYR A 362 -37.43 -20.50 -30.90
N LEU A 363 -36.57 -19.90 -30.09
CA LEU A 363 -35.14 -20.19 -30.20
C LEU A 363 -34.82 -21.61 -29.76
N TYR A 364 -35.55 -22.15 -28.77
CA TYR A 364 -35.26 -23.49 -28.31
C TYR A 364 -35.61 -24.53 -29.38
N CYS A 365 -36.68 -24.28 -30.14
CA CYS A 365 -37.08 -25.24 -31.16
C CYS A 365 -36.16 -25.19 -32.38
N LEU A 366 -35.64 -24.00 -32.72
CA LEU A 366 -34.68 -23.93 -33.81
C LEU A 366 -33.40 -24.67 -33.46
N ASP A 367 -32.96 -24.58 -32.20
CA ASP A 367 -31.71 -25.21 -31.80
C ASP A 367 -31.84 -26.74 -31.80
N ASN A 368 -33.01 -27.25 -31.41
CA ASN A 368 -33.24 -28.69 -31.39
C ASN A 368 -34.17 -29.14 -32.51
N ASN A 369 -34.42 -28.29 -33.50
CA ASN A 369 -35.06 -28.69 -34.76
C ASN A 369 -36.41 -29.35 -34.54
N ILE A 370 -37.22 -28.79 -33.64
CA ILE A 370 -38.60 -29.23 -33.50
C ILE A 370 -39.46 -28.37 -34.41
N THR A 371 -39.16 -28.41 -35.71
CA THR A 371 -39.90 -27.61 -36.69
C THR A 371 -41.38 -27.97 -36.71
N GLU A 372 -41.75 -29.12 -36.15
CA GLU A 372 -43.16 -29.52 -36.11
C GLU A 372 -44.04 -28.37 -35.62
N MET A 373 -43.69 -27.77 -34.49
CA MET A 373 -44.52 -26.79 -33.82
C MET A 373 -44.02 -25.37 -34.02
N LEU A 374 -43.52 -25.06 -35.22
CA LEU A 374 -43.27 -23.69 -35.63
C LEU A 374 -44.18 -23.24 -36.75
N GLU A 375 -44.74 -24.17 -37.51
CA GLU A 375 -45.64 -23.86 -38.61
C GLU A 375 -47.07 -23.68 -38.13
N GLU A 376 -47.39 -24.16 -36.93
CA GLU A 376 -48.74 -24.06 -36.38
C GLU A 376 -48.81 -23.29 -35.07
N ASN A 377 -47.71 -23.11 -34.35
CA ASN A 377 -47.72 -22.46 -33.04
C ASN A 377 -47.38 -20.97 -33.10
N PHE A 378 -46.57 -20.54 -34.07
CA PHE A 378 -46.12 -19.17 -34.12
C PHE A 378 -46.68 -18.46 -35.35
N PRO A 379 -46.86 -17.15 -35.30
CA PRO A 379 -47.29 -16.42 -36.50
C PRO A 379 -46.23 -16.48 -37.58
N GLU A 380 -46.64 -16.09 -38.79
CA GLU A 380 -45.66 -15.90 -39.85
C GLU A 380 -44.99 -14.54 -39.69
N ALA A 381 -43.89 -14.35 -40.41
CA ALA A 381 -43.08 -13.15 -40.23
C ALA A 381 -43.91 -11.88 -40.41
N SER A 382 -44.86 -11.88 -41.35
CA SER A 382 -45.63 -10.67 -41.62
C SER A 382 -46.50 -10.29 -40.43
N LYS A 383 -47.07 -11.28 -39.74
CA LYS A 383 -47.91 -10.96 -38.59
C LYS A 383 -47.05 -10.57 -37.38
N LEU A 384 -45.89 -11.20 -37.22
CA LEU A 384 -45.00 -10.83 -36.13
C LEU A 384 -44.47 -9.41 -36.31
N SER A 385 -44.34 -8.94 -37.55
CA SER A 385 -43.89 -7.58 -37.79
C SER A 385 -44.92 -6.56 -37.33
N GLU A 386 -46.21 -6.89 -37.46
CA GLU A 386 -47.25 -5.98 -37.00
C GLU A 386 -47.22 -5.82 -35.49
N HIS A 387 -47.12 -6.93 -34.77
CA HIS A 387 -47.12 -6.87 -33.30
C HIS A 387 -45.86 -6.19 -32.80
N LEU A 388 -44.70 -6.58 -33.33
CA LEU A 388 -43.46 -5.90 -32.97
C LEU A 388 -43.57 -4.40 -33.19
N ASN A 389 -44.08 -4.00 -34.36
CA ASN A 389 -44.28 -2.59 -34.65
C ASN A 389 -45.17 -1.95 -33.59
N HIS A 390 -46.37 -2.50 -33.40
CA HIS A 390 -47.32 -1.97 -32.44
C HIS A 390 -46.65 -1.51 -31.15
N TYR A 391 -45.88 -2.39 -30.51
CA TYR A 391 -45.24 -2.04 -29.24
C TYR A 391 -44.19 -0.94 -29.42
N ILE A 392 -43.57 -0.87 -30.59
CA ILE A 392 -42.64 0.23 -30.86
C ILE A 392 -43.40 1.56 -30.85
N LEU A 393 -44.63 1.56 -31.37
CA LEU A 393 -45.42 2.79 -31.39
C LEU A 393 -45.81 3.20 -29.98
N LEU A 394 -46.31 2.26 -29.18
CA LEU A 394 -46.70 2.57 -27.80
C LEU A 394 -45.57 3.24 -27.04
N ARG A 395 -44.32 2.88 -27.35
CA ARG A 395 -43.19 3.32 -26.54
C ARG A 395 -42.55 4.61 -27.05
N TYR A 396 -42.43 4.78 -28.36
CA TYR A 396 -41.70 5.91 -28.93
C TYR A 396 -42.59 6.79 -29.80
N HIS A 397 -43.88 6.86 -29.48
CA HIS A 397 -44.80 7.75 -30.19
C HIS A 397 -45.91 8.22 -29.25
N ASP A 410 -46.27 1.15 -18.85
CA ASP A 410 -44.92 1.25 -18.31
C ASP A 410 -43.88 1.20 -19.43
N TYR A 411 -42.97 2.17 -19.46
CA TYR A 411 -42.00 2.25 -20.54
C TYR A 411 -40.97 1.13 -20.45
N ASN A 412 -40.64 0.67 -19.24
CA ASN A 412 -39.67 -0.43 -19.12
C ASN A 412 -40.22 -1.71 -19.74
N THR A 413 -41.47 -2.07 -19.39
CA THR A 413 -42.05 -3.31 -19.91
C THR A 413 -42.15 -3.27 -21.42
N LEU A 414 -42.51 -2.12 -21.99
CA LEU A 414 -42.59 -1.99 -23.45
C LEU A 414 -41.24 -2.24 -24.08
N GLU A 415 -40.19 -1.59 -23.56
CA GLU A 415 -38.84 -1.79 -24.09
C GLU A 415 -38.43 -3.25 -23.96
N PHE A 416 -38.82 -3.90 -22.86
CA PHE A 416 -38.50 -5.31 -22.68
C PHE A 416 -39.21 -6.18 -23.72
N ILE A 417 -40.50 -5.97 -23.91
CA ILE A 417 -41.26 -6.77 -24.89
C ILE A 417 -40.65 -6.58 -26.27
N ILE A 418 -40.35 -5.34 -26.65
CA ILE A 418 -39.74 -5.08 -27.95
C ILE A 418 -38.46 -5.88 -28.11
N GLU A 419 -37.66 -5.98 -27.04
CA GLU A 419 -36.41 -6.72 -27.11
C GLU A 419 -36.67 -8.21 -27.33
N GLN A 420 -37.63 -8.78 -26.59
CA GLN A 420 -37.89 -10.21 -26.71
C GLN A 420 -38.36 -10.58 -28.10
N LEU A 421 -39.29 -9.80 -28.66
CA LEU A 421 -39.77 -10.08 -30.01
C LEU A 421 -38.65 -9.92 -31.04
N SER A 422 -37.79 -8.91 -30.85
CA SER A 422 -36.71 -8.68 -31.78
C SER A 422 -35.70 -9.83 -31.76
N ILE A 423 -35.42 -10.36 -30.56
CA ILE A 423 -34.54 -11.52 -30.46
C ILE A 423 -35.05 -12.66 -31.33
N ALA A 424 -36.34 -12.99 -31.19
CA ALA A 424 -36.93 -14.02 -32.02
C ALA A 424 -36.92 -13.61 -33.50
N ALA A 425 -37.19 -12.33 -33.76
CA ALA A 425 -37.23 -11.84 -35.14
C ALA A 425 -35.92 -12.12 -35.85
N GLU A 426 -34.79 -11.95 -35.16
CA GLU A 426 -33.48 -12.16 -35.79
C GLU A 426 -33.36 -13.56 -36.36
N ARG A 427 -33.96 -14.55 -35.70
CA ARG A 427 -33.88 -15.94 -36.13
C ARG A 427 -35.18 -16.44 -36.76
N TYR A 428 -36.10 -15.53 -37.08
CA TYR A 428 -37.37 -15.92 -37.67
C TYR A 428 -37.17 -16.39 -39.10
N ASP A 429 -38.21 -17.02 -39.65
CA ASP A 429 -38.21 -17.49 -41.03
C ASP A 429 -38.77 -16.41 -41.93
N TYR A 430 -37.96 -15.95 -42.89
CA TYR A 430 -38.38 -14.95 -43.87
C TYR A 430 -38.35 -15.52 -45.28
N SER A 431 -38.58 -16.83 -45.40
CA SER A 431 -38.69 -17.44 -46.72
C SER A 431 -39.76 -16.75 -47.54
N ASP A 432 -40.91 -16.46 -46.93
CA ASP A 432 -41.96 -15.71 -47.62
C ASP A 432 -41.52 -14.26 -47.78
N GLU A 433 -41.21 -13.87 -49.02
CA GLU A 433 -40.68 -12.55 -49.28
C GLU A 433 -41.60 -11.43 -48.77
N VAL A 434 -42.89 -11.73 -48.61
CA VAL A 434 -43.80 -10.72 -48.07
C VAL A 434 -43.42 -10.39 -46.63
N GLY A 435 -43.08 -11.41 -45.84
CA GLY A 435 -42.74 -11.18 -44.44
C GLY A 435 -41.39 -10.54 -44.25
N ARG A 436 -40.46 -10.74 -45.20
CA ARG A 436 -39.14 -10.15 -45.08
C ARG A 436 -39.21 -8.63 -45.20
N ARG A 437 -39.95 -8.13 -46.19
CA ARG A 437 -40.05 -6.69 -46.37
C ARG A 437 -40.84 -6.06 -45.23
N SER A 438 -41.94 -6.66 -44.83
CA SER A 438 -42.74 -6.14 -43.72
C SER A 438 -41.86 -5.97 -42.49
N MET A 439 -41.20 -7.05 -42.06
CA MET A 439 -40.31 -6.95 -40.91
C MET A 439 -39.20 -5.94 -41.16
N LEU A 440 -38.70 -5.87 -42.39
CA LEU A 440 -37.58 -4.96 -42.67
C LEU A 440 -37.99 -3.51 -42.49
N THR A 441 -39.06 -3.09 -43.15
CA THR A 441 -39.52 -1.71 -43.00
C THR A 441 -39.90 -1.39 -41.56
N VAL A 442 -40.19 -2.40 -40.76
CA VAL A 442 -40.50 -2.19 -39.35
C VAL A 442 -39.23 -1.81 -38.59
N VAL A 443 -38.16 -2.59 -38.76
CA VAL A 443 -36.94 -2.35 -37.98
C VAL A 443 -36.22 -1.11 -38.47
N ARG A 444 -36.28 -0.81 -39.77
CA ARG A 444 -35.66 0.40 -40.27
C ARG A 444 -36.29 1.64 -39.65
N ASN A 445 -37.63 1.64 -39.52
CA ASN A 445 -38.31 2.74 -38.84
C ASN A 445 -37.91 2.80 -37.38
N MET A 446 -37.74 1.63 -36.74
CA MET A 446 -37.30 1.61 -35.36
C MET A 446 -35.90 2.19 -35.21
N LEU A 447 -34.95 1.69 -36.01
CA LEU A 447 -33.59 2.19 -35.94
C LEU A 447 -33.49 3.66 -36.30
N ALA A 448 -34.49 4.19 -37.00
CA ALA A 448 -34.52 5.63 -37.30
C ALA A 448 -34.90 6.47 -36.08
N LEU A 449 -35.48 5.84 -35.05
CA LEU A 449 -35.90 6.58 -33.86
C LEU A 449 -34.67 7.06 -33.09
N THR A 450 -34.53 8.38 -32.95
CA THR A 450 -33.40 8.93 -32.22
C THR A 450 -33.47 8.59 -30.73
N THR A 451 -34.64 8.24 -30.22
CA THR A 451 -34.82 7.93 -28.81
C THR A 451 -34.65 6.46 -28.49
N LEU A 452 -34.30 5.62 -29.46
CA LEU A 452 -34.24 4.20 -29.24
C LEU A 452 -33.12 3.85 -28.26
N SER A 453 -33.46 3.06 -27.24
CA SER A 453 -32.48 2.64 -26.25
C SER A 453 -31.37 1.83 -26.91
N GLU A 454 -30.21 1.79 -26.25
CA GLU A 454 -29.08 1.06 -26.79
C GLU A 454 -29.38 -0.43 -26.94
N PRO A 455 -29.95 -1.12 -25.95
CA PRO A 455 -30.25 -2.54 -26.15
C PRO A 455 -31.14 -2.81 -27.35
N LEU A 456 -31.98 -1.85 -27.75
CA LEU A 456 -32.83 -2.04 -28.91
C LEU A 456 -32.17 -1.61 -30.21
N ILE A 457 -31.13 -0.77 -30.15
CA ILE A 457 -30.28 -0.56 -31.32
C ILE A 457 -29.51 -1.84 -31.62
N LYS A 458 -28.89 -2.42 -30.58
CA LYS A 458 -28.11 -3.64 -30.72
C LYS A 458 -28.90 -4.74 -31.42
N ILE A 459 -30.07 -5.08 -30.88
CA ILE A 459 -30.85 -6.17 -31.48
C ILE A 459 -31.51 -5.72 -32.76
N GLY A 460 -31.90 -4.45 -32.85
CA GLY A 460 -32.52 -3.97 -34.09
C GLY A 460 -31.59 -4.11 -35.29
N ILE A 461 -30.30 -3.84 -35.09
CA ILE A 461 -29.35 -3.94 -36.19
C ILE A 461 -29.09 -5.39 -36.55
N ARG A 462 -28.99 -6.27 -35.54
CA ARG A 462 -28.76 -7.68 -35.82
C ARG A 462 -29.90 -8.29 -36.61
N VAL A 463 -31.13 -7.86 -36.34
CA VAL A 463 -32.27 -8.30 -37.15
C VAL A 463 -32.09 -7.86 -38.60
N MET A 464 -31.76 -6.58 -38.81
CA MET A 464 -31.57 -6.08 -40.17
C MET A 464 -30.48 -6.85 -40.89
N LYS A 465 -29.51 -7.41 -40.17
CA LYS A 465 -28.50 -8.24 -40.80
C LYS A 465 -29.11 -9.53 -41.32
N SER A 466 -29.96 -10.17 -40.51
CA SER A 466 -30.64 -11.38 -40.96
C SER A 466 -31.54 -11.09 -42.17
N LEU A 467 -32.19 -9.93 -42.18
CA LEU A 467 -33.08 -9.59 -43.27
C LEU A 467 -32.31 -9.25 -44.54
N SER A 468 -31.13 -8.64 -44.41
CA SER A 468 -30.36 -8.24 -45.57
C SER A 468 -29.93 -9.47 -46.36
N ILE A 469 -29.78 -9.29 -47.67
CA ILE A 469 -29.38 -10.39 -48.54
C ILE A 469 -27.88 -10.64 -48.43
N ASN A 470 -27.09 -9.59 -48.18
CA ASN A 470 -25.65 -9.70 -48.11
C ASN A 470 -25.11 -8.49 -47.37
N GLU A 471 -23.80 -8.50 -47.12
CA GLU A 471 -23.18 -7.44 -46.33
C GLU A 471 -23.46 -6.06 -46.94
N LYS A 472 -23.28 -5.93 -48.25
CA LYS A 472 -23.46 -4.63 -48.89
C LYS A 472 -24.88 -4.11 -48.69
N ASP A 473 -25.88 -4.98 -48.85
CA ASP A 473 -27.25 -4.58 -48.55
C ASP A 473 -27.39 -4.18 -47.08
N PHE A 474 -26.61 -4.81 -46.21
CA PHE A 474 -26.70 -4.52 -44.78
C PHE A 474 -26.09 -3.17 -44.44
N VAL A 475 -24.86 -2.91 -44.92
CA VAL A 475 -24.19 -1.67 -44.57
C VAL A 475 -24.86 -0.49 -45.25
N THR A 476 -25.33 -0.67 -46.48
CA THR A 476 -25.99 0.42 -47.19
C THR A 476 -27.25 0.87 -46.44
N MET A 477 -28.06 -0.09 -45.97
CA MET A 477 -29.24 0.26 -45.20
C MET A 477 -28.86 0.87 -43.85
N ALA A 478 -27.79 0.35 -43.23
CA ALA A 478 -27.38 0.86 -41.93
C ALA A 478 -26.85 2.28 -42.04
N ILE A 479 -25.95 2.53 -42.98
CA ILE A 479 -25.37 3.86 -43.12
C ILE A 479 -26.43 4.87 -43.57
N GLU A 480 -27.36 4.43 -44.43
CA GLU A 480 -28.46 5.30 -44.83
C GLU A 480 -29.22 5.80 -43.60
N ILE A 481 -29.51 4.90 -42.66
CA ILE A 481 -30.13 5.29 -41.40
C ILE A 481 -29.26 6.32 -40.68
N ILE A 482 -28.01 5.94 -40.39
CA ILE A 482 -27.10 6.79 -39.62
C ILE A 482 -27.06 8.20 -40.21
N ASN A 483 -26.83 8.29 -41.52
CA ASN A 483 -26.67 9.61 -42.13
C ASN A 483 -27.92 10.46 -41.96
N ASP A 484 -29.10 9.84 -42.02
CA ASP A 484 -30.33 10.59 -41.83
C ASP A 484 -30.40 11.20 -40.43
N ILE A 485 -29.89 10.50 -39.43
CA ILE A 485 -29.89 11.03 -38.08
C ILE A 485 -28.99 12.25 -37.98
N ARG A 486 -27.78 12.17 -38.55
CA ARG A 486 -26.86 13.30 -38.47
C ARG A 486 -27.31 14.45 -39.37
N ASP A 487 -27.85 14.13 -40.55
CA ASP A 487 -28.31 15.18 -41.47
C ASP A 487 -29.49 15.93 -40.88
N ASP A 488 -30.48 15.20 -40.36
CA ASP A 488 -31.63 15.84 -39.72
C ASP A 488 -31.19 16.76 -38.59
N ASP A 489 -30.09 16.41 -37.90
CA ASP A 489 -29.61 17.26 -36.83
C ASP A 489 -29.18 18.62 -37.34
N ILE A 490 -28.73 18.70 -38.61
CA ILE A 490 -28.21 19.93 -39.17
C ILE A 490 -29.30 20.85 -39.70
N GLU A 491 -30.53 20.36 -39.84
CA GLU A 491 -31.65 21.23 -40.18
C GLU A 491 -32.22 21.94 -38.96
N LYS A 492 -32.43 21.21 -37.86
CA LYS A 492 -32.71 21.87 -36.59
C LYS A 492 -31.68 22.94 -36.27
N GLN A 493 -30.44 22.73 -36.72
CA GLN A 493 -29.42 23.76 -36.58
C GLN A 493 -29.59 24.87 -37.61
N GLU A 494 -29.94 24.51 -38.85
CA GLU A 494 -30.29 25.49 -39.88
C GLU A 494 -31.76 25.86 -39.82
N SER A 495 -32.23 26.13 -38.60
CA SER A 495 -33.60 26.56 -38.35
C SER A 495 -33.81 28.02 -38.72
N LYS A 507 -22.58 23.29 -40.96
CA LYS A 507 -22.03 23.22 -39.61
C LYS A 507 -22.01 21.76 -39.13
N GLU A 508 -21.80 21.56 -37.84
CA GLU A 508 -21.50 20.25 -37.29
C GLU A 508 -22.69 19.71 -36.48
N ALA A 509 -22.80 18.39 -36.47
CA ALA A 509 -23.86 17.73 -35.73
C ALA A 509 -23.62 17.81 -34.23
N SER A 510 -24.71 17.80 -33.47
CA SER A 510 -24.64 17.89 -32.02
C SER A 510 -23.81 16.72 -31.46
N SER A 511 -23.43 16.87 -30.19
CA SER A 511 -22.68 15.80 -29.52
C SER A 511 -23.57 14.59 -29.23
N ALA A 512 -24.80 14.85 -28.75
CA ALA A 512 -25.72 13.75 -28.49
C ALA A 512 -26.03 12.99 -29.78
N THR A 513 -26.20 13.72 -30.89
CA THR A 513 -26.48 13.06 -32.17
C THR A 513 -25.34 12.14 -32.58
N ILE A 514 -24.11 12.48 -32.22
CA ILE A 514 -22.97 11.64 -32.59
C ILE A 514 -22.98 10.35 -31.78
N VAL A 515 -23.39 10.42 -30.52
CA VAL A 515 -23.49 9.22 -29.70
C VAL A 515 -24.44 8.21 -30.35
N LEU A 516 -25.53 8.69 -30.94
CA LEU A 516 -26.49 7.79 -31.57
C LEU A 516 -25.90 7.15 -32.82
N CYS A 517 -25.20 7.93 -33.64
CA CYS A 517 -24.65 7.39 -34.89
C CYS A 517 -23.54 6.38 -34.62
N LEU A 518 -22.70 6.65 -33.62
CA LEU A 518 -21.59 5.75 -33.34
C LEU A 518 -22.07 4.47 -32.67
N THR A 519 -23.06 4.58 -31.78
CA THR A 519 -23.66 3.38 -31.20
C THR A 519 -24.21 2.47 -32.28
N ARG A 520 -24.93 3.05 -33.25
CA ARG A 520 -25.46 2.26 -34.35
C ARG A 520 -24.34 1.68 -35.21
N SER A 521 -23.32 2.47 -35.51
CA SER A 521 -22.24 2.00 -36.37
C SER A 521 -21.40 0.93 -35.68
N SER A 522 -21.19 1.07 -34.37
CA SER A 522 -20.39 0.08 -33.66
C SER A 522 -21.02 -1.31 -33.76
N TYR A 523 -22.36 -1.38 -33.63
CA TYR A 523 -23.04 -2.66 -33.75
C TYR A 523 -23.10 -3.12 -35.20
N MET A 524 -23.10 -2.18 -36.15
CA MET A 524 -22.99 -2.55 -37.56
C MET A 524 -21.61 -3.16 -37.85
N LEU A 525 -20.56 -2.43 -37.50
CA LEU A 525 -19.20 -2.89 -37.82
C LEU A 525 -18.85 -4.20 -37.11
N GLU A 526 -19.52 -4.51 -36.00
CA GLU A 526 -19.30 -5.81 -35.37
C GLU A 526 -19.72 -6.96 -36.28
N LEU A 527 -20.63 -6.71 -37.22
CA LEU A 527 -21.15 -7.74 -38.10
C LEU A 527 -20.53 -7.69 -39.50
N VAL A 528 -19.69 -6.70 -39.78
CA VAL A 528 -18.97 -6.65 -41.05
C VAL A 528 -17.76 -7.58 -40.97
N ASN A 529 -17.49 -8.29 -42.07
CA ASN A 529 -16.38 -9.22 -42.11
C ASN A 529 -15.57 -9.13 -43.41
N THR A 530 -15.84 -8.13 -44.28
CA THR A 530 -15.07 -7.95 -45.49
C THR A 530 -14.08 -6.79 -45.33
N PRO A 531 -12.97 -6.82 -46.05
CA PRO A 531 -12.01 -5.70 -45.96
C PRO A 531 -12.68 -4.36 -46.25
N LEU A 532 -12.18 -3.32 -45.60
CA LEU A 532 -12.74 -1.98 -45.81
C LEU A 532 -12.56 -1.54 -47.26
N THR A 533 -11.53 -2.06 -47.93
CA THR A 533 -11.32 -1.72 -49.34
C THR A 533 -12.58 -1.98 -50.17
N GLU A 534 -13.36 -2.99 -49.80
CA GLU A 534 -14.57 -3.33 -50.54
C GLU A 534 -15.73 -2.41 -50.19
N ASN A 535 -15.78 -1.90 -48.96
CA ASN A 535 -16.87 -1.03 -48.51
C ASN A 535 -16.38 0.42 -48.56
N ILE A 536 -16.86 1.17 -49.56
CA ILE A 536 -16.50 2.58 -49.67
C ILE A 536 -17.18 3.39 -48.56
N LEU A 537 -18.45 3.12 -48.30
CA LEU A 537 -19.20 3.96 -47.36
C LEU A 537 -18.60 3.92 -45.97
N ILE A 538 -17.99 2.80 -45.59
CA ILE A 538 -17.32 2.74 -44.29
C ILE A 538 -16.09 3.65 -44.29
N ALA A 539 -15.41 3.78 -45.44
CA ALA A 539 -14.31 4.73 -45.54
C ALA A 539 -14.78 6.15 -45.27
N SER A 540 -15.98 6.49 -45.74
CA SER A 540 -16.55 7.81 -45.46
C SER A 540 -16.86 7.96 -43.98
N LEU A 541 -17.53 6.96 -43.39
CA LEU A 541 -17.86 7.02 -41.97
C LEU A 541 -16.62 7.26 -41.13
N MET A 542 -15.48 6.68 -41.55
CA MET A 542 -14.22 6.94 -40.86
C MET A 542 -13.92 8.43 -40.80
N ASP A 543 -13.90 9.09 -41.97
CA ASP A 543 -13.52 10.50 -42.02
C ASP A 543 -14.60 11.39 -41.42
N THR A 544 -15.87 11.13 -41.74
CA THR A 544 -16.94 12.04 -41.35
C THR A 544 -17.26 11.94 -39.87
N LEU A 545 -17.10 10.76 -39.26
CA LEU A 545 -17.70 10.51 -37.95
C LEU A 545 -16.76 9.89 -36.94
N ILE A 546 -16.01 8.85 -37.34
CA ILE A 546 -15.28 8.07 -36.36
C ILE A 546 -14.04 8.81 -35.85
N THR A 547 -13.17 9.27 -36.76
CA THR A 547 -11.92 9.87 -36.30
C THR A 547 -12.19 11.21 -35.60
N PRO A 548 -13.19 11.99 -35.99
CA PRO A 548 -13.57 13.13 -35.12
C PRO A 548 -13.98 12.71 -33.73
N ALA A 549 -14.62 11.55 -33.58
CA ALA A 549 -15.04 11.10 -32.25
C ALA A 549 -13.83 10.74 -31.39
N VAL A 550 -12.82 10.10 -32.00
CA VAL A 550 -11.59 9.82 -31.28
C VAL A 550 -10.91 11.12 -30.85
N ARG A 551 -11.22 12.23 -31.54
CA ARG A 551 -10.53 13.49 -31.31
C ARG A 551 -11.06 14.20 -30.07
N ASN A 552 -12.38 14.30 -29.93
CA ASN A 552 -12.98 15.18 -28.93
C ASN A 552 -13.44 14.39 -27.70
N THR A 553 -14.19 15.07 -26.84
CA THR A 553 -14.66 14.52 -25.56
C THR A 553 -16.16 14.89 -25.49
N ALA A 554 -16.95 14.41 -24.52
CA ALA A 554 -16.54 13.61 -23.35
C ALA A 554 -16.08 12.20 -23.70
N PRO A 555 -15.78 11.37 -22.69
CA PRO A 555 -15.57 9.93 -22.98
C PRO A 555 -16.66 9.30 -23.82
N ASN A 556 -17.93 9.44 -23.40
CA ASN A 556 -19.01 8.71 -24.07
C ASN A 556 -18.91 8.82 -25.58
N ILE A 557 -18.48 9.97 -26.11
CA ILE A 557 -18.29 10.12 -27.55
C ILE A 557 -16.92 9.63 -28.00
N ARG A 558 -15.91 9.73 -27.14
CA ARG A 558 -14.57 9.26 -27.48
C ARG A 558 -14.45 7.76 -27.36
N GLU A 559 -15.06 7.18 -26.32
CA GLU A 559 -15.05 5.72 -26.17
C GLU A 559 -15.68 5.05 -27.38
N LEU A 560 -16.78 5.61 -27.89
CA LEU A 560 -17.41 5.04 -29.07
C LEU A 560 -16.52 5.15 -30.30
N GLY A 561 -15.77 6.25 -30.40
CA GLY A 561 -14.86 6.39 -31.52
C GLY A 561 -13.78 5.33 -31.54
N VAL A 562 -13.22 5.01 -30.37
CA VAL A 562 -12.16 4.01 -30.30
C VAL A 562 -12.69 2.63 -30.65
N LYS A 563 -13.86 2.27 -30.12
CA LYS A 563 -14.44 0.97 -30.44
C LYS A 563 -14.76 0.88 -31.93
N ASN A 564 -15.37 1.94 -32.49
CA ASN A 564 -15.61 1.96 -33.93
C ASN A 564 -14.32 1.86 -34.71
N LEU A 565 -13.28 2.58 -34.28
CA LEU A 565 -11.99 2.50 -34.95
C LEU A 565 -11.41 1.09 -34.85
N GLY A 566 -11.34 0.55 -33.63
CA GLY A 566 -10.80 -0.78 -33.44
C GLY A 566 -11.47 -1.81 -34.33
N LEU A 567 -12.79 -1.72 -34.48
CA LEU A 567 -13.51 -2.66 -35.32
C LEU A 567 -13.11 -2.50 -36.78
N CYS A 568 -12.84 -1.27 -37.22
CA CYS A 568 -12.36 -1.07 -38.58
C CYS A 568 -10.92 -1.58 -38.73
N CYS A 569 -10.09 -1.40 -37.70
CA CYS A 569 -8.72 -1.89 -37.77
C CYS A 569 -8.68 -3.40 -37.94
N LEU A 570 -9.69 -4.12 -37.46
CA LEU A 570 -9.75 -5.56 -37.66
C LEU A 570 -9.97 -5.93 -39.11
N LEU A 571 -10.39 -4.97 -39.94
CA LEU A 571 -10.67 -5.24 -41.35
C LEU A 571 -9.56 -4.77 -42.29
N ASP A 572 -8.69 -3.87 -41.85
CA ASP A 572 -7.64 -3.32 -42.71
C ASP A 572 -6.35 -3.28 -41.90
N VAL A 573 -5.37 -4.09 -42.31
CA VAL A 573 -4.12 -4.19 -41.56
C VAL A 573 -3.41 -2.84 -41.53
N LYS A 574 -3.44 -2.09 -42.64
CA LYS A 574 -2.75 -0.80 -42.66
C LYS A 574 -3.40 0.17 -41.69
N LEU A 575 -4.73 0.22 -41.68
CA LEU A 575 -5.43 1.08 -40.72
C LEU A 575 -5.01 0.76 -39.29
N ALA A 576 -4.82 -0.52 -38.99
CA ALA A 576 -4.33 -0.91 -37.66
C ALA A 576 -2.91 -0.41 -37.43
N ILE A 577 -2.08 -0.45 -38.47
CA ILE A 577 -0.71 0.06 -38.36
C ILE A 577 -0.73 1.55 -38.08
N ASP A 578 -1.58 2.29 -38.81
CA ASP A 578 -1.59 3.75 -38.72
C ASP A 578 -2.29 4.26 -37.48
N ASN A 579 -2.93 3.41 -36.68
CA ASN A 579 -3.61 3.83 -35.47
C ASN A 579 -3.02 3.20 -34.22
N MET A 580 -1.88 2.52 -34.33
CA MET A 580 -1.26 1.93 -33.15
C MET A 580 -0.76 3.01 -32.20
N TYR A 581 -0.30 4.15 -32.74
CA TYR A 581 0.14 5.24 -31.89
C TYR A 581 -1.04 5.88 -31.17
N ILE A 582 -2.16 6.06 -31.86
CA ILE A 582 -3.35 6.64 -31.25
C ILE A 582 -3.77 5.81 -30.05
N LEU A 583 -3.85 4.49 -30.22
CA LEU A 583 -4.36 3.62 -29.16
C LEU A 583 -3.42 3.60 -27.95
N GLY A 584 -2.11 3.67 -28.19
CA GLY A 584 -1.18 3.79 -27.07
C GLY A 584 -1.41 5.04 -26.26
N MET A 585 -1.79 6.14 -26.93
CA MET A 585 -2.09 7.37 -26.22
C MET A 585 -3.42 7.29 -25.47
N CYS A 586 -4.39 6.54 -26.01
CA CYS A 586 -5.70 6.48 -25.37
C CYS A 586 -5.63 5.76 -24.03
N VAL A 587 -4.77 4.75 -23.91
CA VAL A 587 -4.64 4.05 -22.63
C VAL A 587 -3.79 4.88 -21.66
N SER A 588 -2.83 5.64 -22.17
CA SER A 588 -1.91 6.37 -21.29
C SER A 588 -2.52 7.66 -20.76
N LYS A 589 -3.42 8.29 -21.52
CA LYS A 589 -3.97 9.59 -21.14
C LYS A 589 -5.49 9.53 -20.95
N GLY A 590 -6.05 8.33 -20.84
CA GLY A 590 -7.49 8.19 -20.74
C GLY A 590 -7.97 7.66 -19.41
N ASN A 591 -9.23 7.93 -19.08
CA ASN A 591 -9.82 7.40 -17.87
C ASN A 591 -9.83 5.87 -17.91
N ALA A 592 -10.15 5.27 -16.75
CA ALA A 592 -10.14 3.82 -16.64
C ALA A 592 -11.03 3.16 -17.69
N SER A 593 -12.11 3.85 -18.10
CA SER A 593 -13.00 3.28 -19.09
C SER A 593 -12.39 3.31 -20.48
N LEU A 594 -11.68 4.40 -20.82
CA LEU A 594 -11.07 4.48 -22.14
C LEU A 594 -9.90 3.52 -22.26
N LYS A 595 -9.08 3.40 -21.21
CA LYS A 595 -8.08 2.35 -21.19
C LYS A 595 -8.72 0.99 -21.43
N TYR A 596 -9.87 0.75 -20.81
CA TYR A 596 -10.54 -0.54 -20.92
C TYR A 596 -10.79 -0.92 -22.38
N ILE A 597 -11.31 0.01 -23.16
CA ILE A 597 -11.65 -0.28 -24.55
C ILE A 597 -10.40 -0.31 -25.41
N ALA A 598 -9.55 0.71 -25.30
CA ALA A 598 -8.37 0.81 -26.16
C ALA A 598 -7.46 -0.39 -25.97
N LEU A 599 -7.35 -0.89 -24.73
CA LEU A 599 -6.53 -2.08 -24.49
C LEU A 599 -7.10 -3.28 -25.22
N GLN A 600 -8.41 -3.50 -25.09
CA GLN A 600 -9.04 -4.61 -25.82
C GLN A 600 -8.81 -4.47 -27.32
N VAL A 601 -8.91 -3.25 -27.85
CA VAL A 601 -8.65 -3.03 -29.26
C VAL A 601 -7.23 -3.45 -29.61
N ILE A 602 -6.26 -3.05 -28.79
CA ILE A 602 -4.86 -3.38 -29.07
C ILE A 602 -4.67 -4.89 -29.09
N VAL A 603 -5.17 -5.58 -28.08
CA VAL A 603 -5.00 -7.03 -28.00
C VAL A 603 -5.65 -7.71 -29.21
N ASP A 604 -6.79 -7.19 -29.66
CA ASP A 604 -7.48 -7.82 -30.79
C ASP A 604 -6.77 -7.54 -32.10
N ILE A 605 -6.28 -6.31 -32.30
CA ILE A 605 -5.49 -6.01 -33.49
C ILE A 605 -4.31 -6.99 -33.59
N PHE A 606 -3.66 -7.26 -32.46
CA PHE A 606 -2.58 -8.24 -32.47
C PHE A 606 -3.09 -9.63 -32.84
N SER A 607 -4.24 -10.02 -32.29
CA SER A 607 -4.76 -11.36 -32.54
C SER A 607 -5.11 -11.55 -34.01
N VAL A 608 -5.61 -10.51 -34.66
CA VAL A 608 -6.05 -10.63 -36.05
C VAL A 608 -4.88 -10.47 -37.01
N HIS A 609 -4.00 -9.51 -36.74
CA HIS A 609 -2.94 -9.16 -37.70
C HIS A 609 -1.57 -9.67 -37.30
N GLY A 610 -1.35 -10.00 -36.04
CA GLY A 610 -0.05 -10.50 -35.62
C GLY A 610 0.94 -9.37 -35.37
N ASN A 611 2.22 -9.70 -35.55
CA ASN A 611 3.31 -8.79 -35.26
C ASN A 611 3.67 -7.87 -36.43
N THR A 612 2.84 -7.81 -37.47
CA THR A 612 3.13 -6.93 -38.60
C THR A 612 2.72 -5.49 -38.34
N VAL A 613 2.14 -5.19 -37.18
CA VAL A 613 1.77 -3.83 -36.83
C VAL A 613 2.83 -3.19 -35.93
N VAL A 614 4.05 -3.73 -35.91
CA VAL A 614 5.01 -3.38 -34.88
C VAL A 614 6.41 -3.61 -35.41
N ASP A 615 7.36 -2.81 -34.90
CA ASP A 615 8.78 -2.99 -35.18
C ASP A 615 9.07 -2.87 -36.68
N GLY A 616 9.11 -1.65 -37.19
CA GLY A 616 9.44 -1.40 -38.57
C GLY A 616 9.24 0.07 -38.87
N GLU A 617 9.56 0.44 -40.10
CA GLU A 617 9.39 1.83 -40.52
C GLU A 617 7.92 2.23 -40.47
N GLY A 618 7.64 3.34 -39.79
CA GLY A 618 6.27 3.80 -39.64
C GLY A 618 5.44 3.01 -38.67
N LYS A 619 6.06 2.18 -37.83
CA LYS A 619 5.35 1.31 -36.90
C LYS A 619 5.85 1.55 -35.48
N VAL A 620 4.94 1.43 -34.52
CA VAL A 620 5.33 1.56 -33.11
C VAL A 620 6.24 0.40 -32.72
N ASP A 621 6.96 0.59 -31.63
CA ASP A 621 7.88 -0.42 -31.12
C ASP A 621 7.14 -1.42 -30.23
N SER A 622 7.45 -2.70 -30.39
CA SER A 622 6.88 -3.71 -29.51
C SER A 622 7.18 -3.39 -28.05
N ILE A 623 8.45 -3.11 -27.74
CA ILE A 623 8.84 -2.85 -26.37
C ILE A 623 8.06 -1.66 -25.80
N SER A 624 7.66 -0.72 -26.66
CA SER A 624 6.83 0.38 -26.19
C SER A 624 5.46 -0.10 -25.73
N LEU A 625 4.85 -1.01 -26.49
CA LEU A 625 3.55 -1.55 -26.09
C LEU A 625 3.70 -2.49 -24.91
N HIS A 626 4.80 -3.24 -24.83
CA HIS A 626 5.07 -4.07 -23.66
C HIS A 626 5.00 -3.23 -22.39
N LYS A 627 5.57 -2.02 -22.42
CA LYS A 627 5.53 -1.16 -21.24
C LYS A 627 4.12 -0.67 -20.94
N ILE A 628 3.30 -0.44 -21.98
CA ILE A 628 1.93 -0.01 -21.75
C ILE A 628 1.15 -1.08 -21.00
N PHE A 629 1.31 -2.35 -21.41
CA PHE A 629 0.65 -3.44 -20.71
C PHE A 629 1.16 -3.57 -19.28
N TYR A 630 2.48 -3.54 -19.10
CA TYR A 630 3.06 -3.71 -17.78
C TYR A 630 2.58 -2.63 -16.81
N LYS A 631 2.54 -1.38 -17.26
CA LYS A 631 2.13 -0.30 -16.37
C LYS A 631 0.68 -0.48 -15.92
N VAL A 632 -0.19 -0.95 -16.83
CA VAL A 632 -1.57 -1.24 -16.46
C VAL A 632 -1.64 -2.49 -15.60
N LEU A 633 -0.89 -3.52 -15.97
CA LEU A 633 -1.04 -4.82 -15.32
C LEU A 633 -0.76 -4.74 -13.82
N LYS A 634 0.18 -3.89 -13.41
CA LYS A 634 0.57 -3.82 -12.01
C LYS A 634 -0.10 -2.70 -11.24
N ASN A 635 -1.02 -1.95 -11.86
CA ASN A 635 -1.72 -0.85 -11.19
C ASN A 635 -3.04 -1.39 -10.64
N ASN A 636 -2.98 -1.94 -9.43
CA ASN A 636 -4.19 -2.43 -8.78
C ASN A 636 -5.14 -1.30 -8.36
N GLY A 637 -4.78 -0.04 -8.60
CA GLY A 637 -5.74 1.04 -8.40
C GLY A 637 -7.00 0.82 -9.21
N LEU A 638 -6.86 0.33 -10.43
CA LEU A 638 -7.99 -0.08 -11.27
C LEU A 638 -7.80 -1.54 -11.63
N PRO A 639 -8.50 -2.48 -10.97
CA PRO A 639 -8.24 -3.90 -11.22
C PRO A 639 -9.01 -4.45 -12.41
N GLU A 640 -10.05 -3.76 -12.86
CA GLU A 640 -10.78 -4.21 -14.04
C GLU A 640 -9.86 -4.29 -15.25
N CYS A 641 -8.99 -3.30 -15.42
CA CYS A 641 -8.10 -3.30 -16.58
C CYS A 641 -7.01 -4.36 -16.45
N GLN A 642 -6.62 -4.70 -15.22
CA GLN A 642 -5.58 -5.70 -15.04
C GLN A 642 -5.97 -7.04 -15.66
N VAL A 643 -7.25 -7.38 -15.59
CA VAL A 643 -7.70 -8.64 -16.17
C VAL A 643 -7.54 -8.61 -17.69
N ILE A 644 -7.88 -7.48 -18.31
CA ILE A 644 -7.73 -7.36 -19.76
C ILE A 644 -6.25 -7.48 -20.13
N ALA A 645 -5.39 -6.79 -19.40
CA ALA A 645 -3.96 -6.93 -19.60
C ALA A 645 -3.51 -8.35 -19.29
N ALA A 646 -3.91 -8.87 -18.13
CA ALA A 646 -3.55 -10.24 -17.75
C ALA A 646 -4.08 -11.25 -18.77
N GLU A 647 -5.40 -11.22 -19.00
CA GLU A 647 -5.98 -12.11 -19.99
C GLU A 647 -5.43 -11.82 -21.38
N GLY A 648 -5.43 -10.55 -21.78
CA GLY A 648 -4.96 -10.20 -23.12
C GLY A 648 -3.58 -10.74 -23.44
N LEU A 649 -2.65 -10.56 -22.50
CA LEU A 649 -1.28 -11.04 -22.74
C LEU A 649 -1.25 -12.56 -22.86
N CYS A 650 -2.05 -13.26 -22.05
CA CYS A 650 -2.14 -14.71 -22.19
C CYS A 650 -2.64 -15.10 -23.58
N LYS A 651 -3.61 -14.36 -24.10
CA LYS A 651 -4.14 -14.66 -25.43
C LYS A 651 -3.05 -14.54 -26.49
N LEU A 652 -2.14 -13.58 -26.34
CA LEU A 652 -1.14 -13.33 -27.35
C LEU A 652 0.02 -14.32 -27.26
N PHE A 653 0.50 -14.62 -26.05
CA PHE A 653 1.50 -15.66 -25.90
C PHE A 653 0.99 -17.00 -26.41
N LEU A 654 -0.30 -17.28 -26.20
CA LEU A 654 -0.87 -18.56 -26.63
C LEU A 654 -0.89 -18.67 -28.14
N ALA A 655 -1.26 -17.60 -28.84
CA ALA A 655 -1.22 -17.58 -30.29
C ALA A 655 0.20 -17.44 -30.84
N ASP A 656 1.21 -17.36 -29.98
CA ASP A 656 2.61 -17.17 -30.32
C ASP A 656 2.90 -15.77 -30.87
N VAL A 657 1.89 -14.90 -30.98
CA VAL A 657 2.14 -13.52 -31.38
C VAL A 657 3.14 -12.87 -30.44
N PHE A 658 3.12 -13.23 -29.16
CA PHE A 658 4.10 -12.78 -28.19
C PHE A 658 4.97 -13.95 -27.76
N THR A 659 6.26 -13.69 -27.56
CA THR A 659 7.19 -14.76 -27.23
C THR A 659 8.42 -14.26 -26.48
N ASP A 660 8.28 -13.16 -25.74
CA ASP A 660 9.39 -12.61 -24.97
C ASP A 660 9.46 -13.29 -23.61
N ASP A 661 10.63 -13.85 -23.29
CA ASP A 661 10.81 -14.55 -22.03
C ASP A 661 10.60 -13.62 -20.85
N ASP A 662 11.18 -12.42 -20.90
CA ASP A 662 11.11 -11.52 -19.75
C ASP A 662 9.68 -11.11 -19.45
N LEU A 663 8.87 -10.90 -20.48
CA LEU A 663 7.48 -10.51 -20.24
C LEU A 663 6.67 -11.68 -19.70
N PHE A 664 6.79 -12.86 -20.32
CA PHE A 664 6.10 -14.03 -19.81
C PHE A 664 6.38 -14.22 -18.32
N GLU A 665 7.60 -13.89 -17.90
CA GLU A 665 7.96 -14.01 -16.49
C GLU A 665 7.22 -12.99 -15.63
N THR A 666 6.95 -11.80 -16.18
CA THR A 666 6.17 -10.82 -15.41
C THR A 666 4.75 -11.33 -15.17
N LEU A 667 4.21 -12.11 -16.10
CA LEU A 667 2.87 -12.65 -15.92
C LEU A 667 2.83 -13.65 -14.77
N VAL A 668 3.67 -14.68 -14.84
CA VAL A 668 3.68 -15.72 -13.81
C VAL A 668 3.85 -15.09 -12.43
N LEU A 669 4.66 -14.03 -12.33
CA LEU A 669 4.90 -13.41 -11.04
C LEU A 669 3.69 -12.59 -10.59
N SER A 670 2.96 -11.98 -11.52
CA SER A 670 1.74 -11.27 -11.15
C SER A 670 0.65 -12.26 -10.70
N TYR A 671 0.72 -13.51 -11.16
CA TYR A 671 -0.22 -14.52 -10.69
C TYR A 671 0.06 -14.91 -9.24
N PHE A 672 1.32 -15.25 -8.94
CA PHE A 672 1.72 -15.57 -7.58
C PHE A 672 1.86 -14.34 -6.69
N SER A 673 1.62 -13.14 -7.23
CA SER A 673 1.94 -11.94 -6.48
C SER A 673 1.01 -11.78 -5.28
N PRO A 674 1.49 -11.18 -4.18
CA PRO A 674 0.61 -10.90 -3.04
C PRO A 674 -0.34 -9.73 -3.25
N ILE A 675 -0.01 -8.79 -4.14
CA ILE A 675 -0.87 -7.62 -4.35
C ILE A 675 -2.12 -8.01 -5.14
N ASN A 676 -2.06 -9.05 -5.96
CA ASN A 676 -3.16 -9.43 -6.82
C ASN A 676 -4.04 -10.52 -6.24
N SER A 677 -3.80 -10.93 -4.98
CA SER A 677 -4.71 -11.86 -4.33
C SER A 677 -6.12 -11.29 -4.26
N SER A 678 -6.24 -9.95 -4.19
CA SER A 678 -7.55 -9.32 -4.12
C SER A 678 -8.34 -9.52 -5.41
N ASN A 679 -7.66 -9.64 -6.54
CA ASN A 679 -8.31 -9.71 -7.85
C ASN A 679 -8.54 -11.16 -8.20
N GLU A 680 -9.73 -11.66 -7.87
CA GLU A 680 -10.07 -13.04 -8.19
C GLU A 680 -10.05 -13.29 -9.69
N ALA A 681 -10.64 -12.38 -10.47
CA ALA A 681 -10.69 -12.58 -11.92
C ALA A 681 -9.29 -12.70 -12.51
N LEU A 682 -8.36 -11.88 -12.03
CA LEU A 682 -6.99 -11.95 -12.54
C LEU A 682 -6.35 -13.28 -12.19
N VAL A 683 -6.48 -13.71 -10.93
CA VAL A 683 -5.88 -14.97 -10.51
C VAL A 683 -6.47 -16.13 -11.29
N GLN A 684 -7.79 -16.12 -11.51
CA GLN A 684 -8.43 -17.19 -12.25
C GLN A 684 -8.07 -17.14 -13.73
N ALA A 685 -7.90 -15.93 -14.28
CA ALA A 685 -7.41 -15.82 -15.65
C ALA A 685 -6.06 -16.50 -15.81
N PHE A 686 -5.07 -16.06 -15.04
CA PHE A 686 -3.75 -16.68 -15.10
C PHE A 686 -3.82 -18.16 -14.73
N ALA A 687 -4.75 -18.54 -13.85
CA ALA A 687 -4.82 -19.93 -13.43
C ALA A 687 -5.25 -20.86 -14.56
N PHE A 688 -6.05 -20.35 -15.50
CA PHE A 688 -6.52 -21.17 -16.61
C PHE A 688 -5.63 -21.06 -17.84
N CYS A 689 -4.92 -19.94 -18.01
CA CYS A 689 -4.18 -19.70 -19.25
C CYS A 689 -2.81 -20.38 -19.23
N ILE A 690 -2.02 -20.14 -18.20
CA ILE A 690 -0.61 -20.49 -18.24
C ILE A 690 -0.41 -22.01 -18.14
N PRO A 691 -1.39 -22.80 -17.63
CA PRO A 691 -1.23 -24.26 -17.70
C PRO A 691 -1.46 -24.80 -19.12
N VAL A 692 -2.45 -24.25 -19.83
CA VAL A 692 -2.72 -24.74 -21.18
C VAL A 692 -1.64 -24.25 -22.14
N TYR A 693 -1.02 -23.12 -21.83
CA TYR A 693 0.07 -22.62 -22.68
C TYR A 693 1.20 -23.63 -22.77
N CYS A 694 1.72 -24.05 -21.61
CA CYS A 694 2.78 -25.06 -21.59
C CYS A 694 2.31 -26.35 -22.23
N PHE A 695 1.12 -26.83 -21.85
CA PHE A 695 0.65 -28.14 -22.25
C PHE A 695 0.13 -28.21 -23.68
N SER A 696 0.18 -27.10 -24.42
CA SER A 696 -0.29 -27.10 -25.80
C SER A 696 0.82 -27.31 -26.82
N HIS A 697 2.06 -27.00 -26.47
CA HIS A 697 3.19 -27.11 -27.41
C HIS A 697 4.49 -27.03 -26.61
N PRO A 698 5.48 -27.86 -26.91
CA PRO A 698 6.68 -27.89 -26.04
C PRO A 698 7.49 -26.60 -26.11
N ALA A 699 7.47 -25.89 -27.24
CA ALA A 699 8.15 -24.59 -27.30
C ALA A 699 7.60 -23.65 -26.23
N HIS A 700 6.29 -23.66 -26.02
CA HIS A 700 5.70 -22.88 -24.94
C HIS A 700 6.24 -23.34 -23.59
N GLN A 701 6.16 -24.64 -23.31
CA GLN A 701 6.71 -25.17 -22.06
C GLN A 701 8.21 -24.94 -21.98
N GLN A 702 8.91 -25.04 -23.12
CA GLN A 702 10.33 -24.73 -23.14
C GLN A 702 10.60 -23.34 -22.57
N ARG A 703 9.69 -22.40 -22.82
CA ARG A 703 9.83 -21.06 -22.27
C ARG A 703 9.72 -21.07 -20.76
N MET A 704 8.72 -21.79 -20.24
CA MET A 704 8.54 -21.87 -18.79
C MET A 704 9.79 -22.39 -18.09
N SER A 705 10.45 -23.38 -18.71
CA SER A 705 11.58 -24.02 -18.05
C SER A 705 12.72 -23.03 -17.83
N ARG A 706 13.01 -22.18 -18.82
CA ARG A 706 14.11 -21.22 -18.68
C ARG A 706 13.81 -20.20 -17.58
N THR A 707 12.55 -19.80 -17.45
CA THR A 707 12.19 -18.75 -16.50
C THR A 707 11.93 -19.32 -15.11
N ALA A 708 11.36 -20.52 -15.03
CA ALA A 708 10.75 -21.00 -13.78
C ALA A 708 11.73 -20.97 -12.62
N ALA A 709 13.02 -21.21 -12.87
CA ALA A 709 14.00 -21.16 -11.79
C ALA A 709 14.13 -19.74 -11.24
N ASP A 710 14.24 -18.76 -12.13
CA ASP A 710 14.31 -17.37 -11.70
C ASP A 710 13.01 -16.94 -11.02
N ILE A 711 11.88 -17.45 -11.51
CA ILE A 711 10.59 -17.12 -10.91
C ILE A 711 10.53 -17.65 -9.48
N LEU A 712 10.86 -18.93 -9.30
CA LEU A 712 10.88 -19.52 -7.97
C LEU A 712 11.79 -18.72 -7.04
N LEU A 713 12.98 -18.34 -7.52
CA LEU A 713 13.88 -17.54 -6.71
C LEU A 713 13.21 -16.27 -6.23
N ARG A 714 12.59 -15.53 -7.15
CA ARG A 714 12.07 -14.20 -6.82
C ARG A 714 10.81 -14.24 -5.97
N LEU A 715 10.24 -15.40 -5.69
CA LEU A 715 9.09 -15.52 -4.81
C LEU A 715 9.46 -16.03 -3.42
N CYS A 716 10.51 -16.84 -3.32
CA CYS A 716 11.03 -17.20 -2.01
C CYS A 716 11.65 -16.00 -1.32
N VAL A 717 12.53 -15.29 -2.02
CA VAL A 717 13.07 -14.03 -1.50
C VAL A 717 11.93 -13.12 -1.06
N LEU A 718 10.83 -13.11 -1.84
CA LEU A 718 9.68 -12.30 -1.49
C LEU A 718 9.08 -12.75 -0.16
N TRP A 719 8.59 -14.00 -0.11
CA TRP A 719 7.92 -14.47 1.10
C TRP A 719 8.79 -14.28 2.34
N ASP A 720 10.09 -14.57 2.23
CA ASP A 720 10.99 -14.37 3.36
C ASP A 720 11.03 -12.90 3.78
N ASP A 721 10.78 -11.99 2.85
CA ASP A 721 10.76 -10.56 3.16
C ASP A 721 9.40 -10.09 3.65
N LEU A 722 8.35 -10.88 3.47
CA LEU A 722 7.07 -10.57 4.10
C LEU A 722 7.12 -10.83 5.60
N GLN A 723 8.19 -11.45 6.09
CA GLN A 723 8.43 -11.54 7.52
C GLN A 723 9.06 -10.26 8.06
N SER A 724 9.70 -9.48 7.20
CA SER A 724 10.32 -8.22 7.60
C SER A 724 9.26 -7.23 8.07
N SER A 725 9.70 -6.07 8.54
CA SER A 725 8.81 -5.08 9.15
C SER A 725 8.21 -4.12 8.14
N VAL A 726 7.92 -4.57 6.92
CA VAL A 726 7.34 -3.73 5.88
C VAL A 726 6.21 -4.54 5.23
N ILE A 727 4.98 -4.26 5.66
CA ILE A 727 3.80 -5.02 5.25
C ILE A 727 2.67 -3.98 5.11
N PRO A 728 1.65 -4.22 4.26
CA PRO A 728 1.21 -5.35 3.43
C PRO A 728 2.29 -5.94 2.52
N ARG A 732 4.18 -14.51 5.23
CA ARG A 732 2.79 -14.09 5.12
C ARG A 732 1.92 -15.10 4.38
N GLU A 733 0.66 -15.18 4.78
CA GLU A 733 -0.32 -16.07 4.17
C GLU A 733 -1.10 -15.42 3.04
N ALA A 734 -0.78 -14.17 2.68
CA ALA A 734 -1.39 -13.53 1.54
C ALA A 734 -0.94 -14.12 0.21
N MET A 735 0.02 -15.05 0.24
CA MET A 735 0.48 -15.73 -0.96
C MET A 735 0.83 -17.16 -0.60
N LEU A 736 0.97 -17.99 -1.63
CA LEU A 736 1.32 -19.39 -1.43
C LEU A 736 2.72 -19.50 -0.83
N LYS A 737 3.00 -20.67 -0.18
CA LYS A 737 4.35 -20.87 0.35
C LYS A 737 5.19 -21.66 -0.65
N PRO A 738 6.50 -21.35 -0.75
CA PRO A 738 7.33 -21.84 -1.86
C PRO A 738 7.08 -23.28 -2.29
N ASN A 739 6.96 -24.21 -1.35
CA ASN A 739 6.77 -25.62 -1.74
C ASN A 739 5.55 -25.76 -2.63
N ILE A 740 4.47 -25.03 -2.32
CA ILE A 740 3.31 -25.00 -3.21
C ILE A 740 3.72 -24.45 -4.57
N ILE A 741 4.40 -23.30 -4.57
CA ILE A 741 4.81 -22.68 -5.83
C ILE A 741 5.70 -23.64 -6.61
N PHE A 742 6.63 -24.31 -5.94
CA PHE A 742 7.57 -25.18 -6.64
C PHE A 742 6.84 -26.29 -7.37
N GLN A 743 6.15 -27.15 -6.63
CA GLN A 743 5.44 -28.26 -7.26
C GLN A 743 4.40 -27.76 -8.26
N GLN A 744 3.91 -26.53 -8.09
CA GLN A 744 3.11 -25.89 -9.13
C GLN A 744 3.96 -25.63 -10.37
N LEU A 745 5.08 -24.93 -10.20
CA LEU A 745 6.00 -24.70 -11.31
C LEU A 745 6.41 -26.02 -11.97
N LEU A 746 6.85 -26.98 -11.15
CA LEU A 746 7.31 -28.25 -11.68
C LEU A 746 6.22 -28.96 -12.46
N PHE A 747 4.96 -28.83 -12.01
CA PHE A 747 3.85 -29.47 -12.70
C PHE A 747 3.71 -28.95 -14.13
N TRP A 748 3.78 -27.62 -14.30
CA TRP A 748 3.69 -27.04 -15.63
C TRP A 748 4.82 -27.52 -16.54
N THR A 749 5.98 -27.82 -15.97
CA THR A 749 7.15 -28.19 -16.73
C THR A 749 7.23 -29.68 -17.04
N ASP A 750 6.26 -30.46 -16.60
CA ASP A 750 6.31 -31.90 -16.79
C ASP A 750 6.02 -32.24 -18.27
N PRO A 751 6.82 -33.13 -18.89
CA PRO A 751 6.65 -33.37 -20.34
C PRO A 751 5.37 -34.09 -20.70
N ARG A 752 5.04 -35.18 -20.00
CA ARG A 752 3.91 -36.02 -20.39
C ARG A 752 2.59 -35.27 -20.32
N ASN A 753 2.53 -34.13 -19.63
CA ASN A 753 1.30 -33.35 -19.56
C ASN A 753 1.00 -32.63 -20.86
N LEU A 754 2.01 -32.40 -21.71
CA LEU A 754 1.76 -31.93 -23.06
C LEU A 754 0.85 -32.93 -23.79
N VAL A 755 0.05 -32.41 -24.72
CA VAL A 755 -0.81 -33.28 -25.51
C VAL A 755 0.02 -34.31 -26.25
N THR A 761 5.60 -36.43 -27.83
CA THR A 761 5.67 -37.83 -28.23
C THR A 761 6.98 -38.49 -27.78
N LYS A 762 7.85 -37.71 -27.13
CA LYS A 762 9.15 -38.19 -26.68
C LYS A 762 9.44 -37.63 -25.30
N LYS A 763 10.51 -38.12 -24.67
CA LYS A 763 10.81 -37.70 -23.31
C LYS A 763 11.20 -36.22 -23.26
N ASP A 764 11.97 -35.75 -24.23
CA ASP A 764 12.27 -34.33 -24.40
C ASP A 764 13.25 -33.78 -23.37
N THR A 765 12.99 -34.01 -22.08
CA THR A 765 13.78 -33.47 -20.97
C THR A 765 13.62 -31.96 -20.81
N VAL A 766 12.50 -31.40 -21.27
CA VAL A 766 12.22 -30.00 -20.98
C VAL A 766 12.22 -29.76 -19.47
N GLN A 767 11.58 -30.66 -18.72
CA GLN A 767 11.54 -30.54 -17.27
C GLN A 767 12.93 -30.63 -16.66
N LEU A 768 13.75 -31.57 -17.16
CA LEU A 768 15.13 -31.69 -16.71
C LEU A 768 15.80 -30.33 -16.61
N THR A 769 15.81 -29.60 -17.72
CA THR A 769 16.54 -28.33 -17.79
C THR A 769 16.05 -27.37 -16.71
N PHE A 770 14.75 -27.40 -16.42
CA PHE A 770 14.21 -26.56 -15.36
C PHE A 770 14.85 -26.89 -14.02
N LEU A 771 14.96 -28.18 -13.70
CA LEU A 771 15.45 -28.59 -12.38
C LEU A 771 16.88 -28.12 -12.16
N ILE A 772 17.79 -28.41 -13.10
CA ILE A 772 19.18 -28.02 -12.94
C ILE A 772 19.27 -26.52 -12.66
N ASP A 773 18.47 -25.71 -13.37
CA ASP A 773 18.41 -24.29 -13.07
C ASP A 773 18.01 -24.07 -11.60
N VAL A 774 17.00 -24.80 -11.14
CA VAL A 774 16.54 -24.68 -9.76
C VAL A 774 17.65 -25.02 -8.77
N LEU A 775 18.63 -25.81 -9.18
CA LEU A 775 19.69 -26.21 -8.28
C LEU A 775 20.84 -25.21 -8.27
N LYS A 776 21.12 -24.54 -9.40
CA LYS A 776 22.10 -23.48 -9.39
C LYS A 776 21.64 -22.31 -8.52
N ILE A 777 20.38 -21.89 -8.69
CA ILE A 777 19.84 -20.79 -7.88
C ILE A 777 19.88 -21.18 -6.41
N TYR A 778 19.66 -22.46 -6.11
CA TYR A 778 19.61 -22.96 -4.74
C TYR A 778 20.82 -22.46 -3.96
N ALA A 779 20.72 -22.44 -2.63
CA ALA A 779 21.76 -22.00 -1.70
C ALA A 779 21.75 -20.48 -1.57
N GLN A 780 20.81 -19.79 -2.21
CA GLN A 780 20.72 -18.33 -2.15
C GLN A 780 19.59 -17.89 -1.22
N ILE A 781 19.69 -18.30 0.04
CA ILE A 781 18.55 -18.18 0.94
C ILE A 781 19.01 -17.87 2.36
N GLU A 782 18.24 -17.02 3.04
CA GLU A 782 18.47 -16.73 4.46
C GLU A 782 18.04 -17.91 5.32
N LYS A 783 16.84 -18.44 5.10
CA LYS A 783 16.22 -19.40 6.00
C LYS A 783 16.20 -20.78 5.36
N LYS A 784 16.68 -21.77 6.10
CA LYS A 784 16.62 -23.16 5.63
C LYS A 784 15.18 -23.63 5.47
N GLU A 785 14.26 -23.07 6.25
CA GLU A 785 12.86 -23.50 6.19
C GLU A 785 12.37 -23.57 4.75
N ILE A 786 12.71 -22.57 3.94
CA ILE A 786 12.29 -22.59 2.54
C ILE A 786 13.19 -23.49 1.71
N LYS A 787 14.44 -23.70 2.14
CA LYS A 787 15.28 -24.71 1.50
C LYS A 787 14.70 -26.10 1.72
N LYS A 788 14.25 -26.39 2.95
CA LYS A 788 13.56 -27.64 3.21
C LYS A 788 12.34 -27.78 2.32
N MET A 789 11.61 -26.68 2.11
CA MET A 789 10.45 -26.69 1.23
C MET A 789 10.84 -27.09 -0.19
N ILE A 790 11.87 -26.43 -0.75
CA ILE A 790 12.22 -26.68 -2.14
C ILE A 790 12.75 -28.09 -2.32
N ILE A 791 13.43 -28.64 -1.31
CA ILE A 791 14.13 -29.91 -1.50
C ILE A 791 13.18 -31.09 -1.36
N THR A 792 12.26 -31.04 -0.38
CA THR A 792 11.40 -32.20 -0.13
C THR A 792 10.50 -32.50 -1.32
N ASN A 793 10.04 -31.48 -2.03
CA ASN A 793 9.08 -31.65 -3.11
C ASN A 793 9.74 -32.11 -4.42
N ILE A 794 11.03 -32.40 -4.41
CA ILE A 794 11.68 -33.06 -5.54
C ILE A 794 11.29 -34.53 -5.47
N ASN A 795 11.53 -35.26 -6.56
CA ASN A 795 11.11 -36.63 -6.83
C ASN A 795 9.76 -36.63 -7.52
N ALA A 796 9.20 -35.47 -7.84
CA ALA A 796 8.05 -35.35 -8.74
C ALA A 796 8.46 -35.34 -10.21
N ILE A 797 9.70 -35.76 -10.50
CA ILE A 797 10.27 -35.66 -11.83
C ILE A 797 10.00 -36.94 -12.58
N PHE A 798 10.07 -36.85 -13.92
CA PHE A 798 10.03 -38.02 -14.77
C PHE A 798 11.45 -38.26 -15.29
N LEU A 799 12.06 -39.36 -14.85
CA LEU A 799 13.41 -39.71 -15.24
C LEU A 799 13.40 -41.04 -15.99
N SER A 800 14.46 -41.28 -16.75
CA SER A 800 14.60 -42.52 -17.51
C SER A 800 16.02 -42.69 -18.03
N GLN A 803 16.42 -39.57 -20.61
CA GLN A 803 17.49 -39.87 -21.55
C GLN A 803 18.43 -38.67 -21.66
N ASP A 804 19.19 -38.60 -22.74
CA ASP A 804 20.14 -37.52 -22.94
C ASP A 804 21.18 -37.57 -21.81
N TYR A 805 22.17 -38.45 -21.96
CA TYR A 805 23.12 -38.71 -20.87
C TYR A 805 23.72 -37.43 -20.32
N SER A 806 24.25 -36.58 -21.19
CA SER A 806 25.00 -35.41 -20.75
C SER A 806 24.25 -34.63 -19.67
N THR A 807 22.98 -34.33 -19.93
CA THR A 807 22.21 -33.50 -19.01
C THR A 807 22.14 -34.14 -17.63
N LEU A 808 21.81 -35.43 -17.56
CA LEU A 808 21.58 -36.05 -16.26
C LEU A 808 22.86 -36.12 -15.44
N LYS A 809 24.00 -36.40 -16.10
CA LYS A 809 25.27 -36.38 -15.38
C LYS A 809 25.53 -35.00 -14.78
N GLU A 810 25.29 -33.95 -15.55
CA GLU A 810 25.39 -32.60 -15.01
C GLU A 810 24.47 -32.42 -13.81
N LEU A 811 23.25 -32.94 -13.89
CA LEU A 811 22.32 -32.86 -12.75
C LEU A 811 22.90 -33.57 -11.53
N LEU A 812 23.49 -34.76 -11.73
CA LEU A 812 24.08 -35.47 -10.61
C LEU A 812 25.21 -34.65 -9.98
N GLU A 813 26.05 -34.03 -10.81
CA GLU A 813 27.18 -33.26 -10.29
C GLU A 813 26.71 -32.22 -9.27
N TYR A 814 25.66 -31.48 -9.61
CA TYR A 814 25.11 -30.51 -8.66
C TYR A 814 24.64 -31.20 -7.39
N SER A 815 23.74 -32.19 -7.53
CA SER A 815 23.22 -32.89 -6.36
C SER A 815 24.33 -33.36 -5.44
N ASP A 816 25.42 -33.89 -6.03
CA ASP A 816 26.58 -34.26 -5.21
C ASP A 816 27.15 -33.05 -4.49
N ASP A 817 27.27 -31.92 -5.21
CA ASP A 817 27.78 -30.71 -4.57
C ASP A 817 26.92 -30.32 -3.37
N ILE A 818 25.61 -30.54 -3.46
CA ILE A 818 24.71 -30.17 -2.37
C ILE A 818 24.79 -31.13 -1.19
N ALA A 819 25.64 -32.15 -1.26
CA ALA A 819 25.88 -33.04 -0.13
C ALA A 819 26.69 -32.30 0.93
N GLU A 820 26.07 -31.28 1.53
CA GLU A 820 26.76 -30.43 2.49
C GLU A 820 26.81 -31.09 3.86
N ASN A 826 16.16 -31.39 8.29
CA ASN A 826 17.38 -32.17 8.05
C ASN A 826 17.07 -33.40 7.20
N VAL A 827 15.87 -33.94 7.39
CA VAL A 827 15.39 -35.08 6.61
C VAL A 827 15.52 -34.78 5.12
N SER A 828 15.55 -33.51 4.76
CA SER A 828 15.83 -33.10 3.39
C SER A 828 16.98 -33.90 2.80
N LYS A 829 17.97 -34.23 3.64
CA LYS A 829 19.07 -35.07 3.20
C LYS A 829 18.56 -36.41 2.66
N ASN A 830 17.65 -37.05 3.40
CA ASN A 830 17.04 -38.28 2.92
C ASN A 830 16.40 -38.07 1.55
N ALA A 831 15.54 -37.05 1.45
CA ALA A 831 14.85 -36.79 0.18
C ALA A 831 15.84 -36.63 -0.97
N LEU A 832 16.96 -35.93 -0.73
CA LEU A 832 17.95 -35.76 -1.78
C LEU A 832 18.69 -37.07 -2.05
N ASP A 833 18.97 -37.85 -1.01
CA ASP A 833 19.62 -39.15 -1.22
C ASP A 833 18.72 -40.08 -2.02
N LYS A 834 17.41 -40.03 -1.77
CA LYS A 834 16.47 -40.78 -2.60
C LYS A 834 16.68 -40.47 -4.08
N LEU A 835 17.04 -39.23 -4.38
CA LEU A 835 17.22 -38.81 -5.77
C LEU A 835 18.49 -39.40 -6.37
N ARG A 836 19.57 -39.41 -5.60
CA ARG A 836 20.87 -39.79 -6.17
C ARG A 836 20.96 -41.29 -6.40
N ASN A 837 20.38 -42.10 -5.51
CA ASN A 837 20.39 -43.54 -5.71
C ASN A 837 19.63 -43.92 -6.97
N ASN A 838 18.39 -43.43 -7.10
CA ASN A 838 17.68 -43.53 -8.36
C ASN A 838 18.54 -43.02 -9.51
N LEU A 839 19.20 -41.88 -9.30
CA LEU A 839 20.05 -41.30 -10.32
C LEU A 839 21.22 -42.21 -10.66
N ASN A 840 22.04 -42.55 -9.65
CA ASN A 840 23.22 -43.37 -9.90
C ASN A 840 22.87 -44.63 -10.68
N SER A 841 21.67 -45.18 -10.48
CA SER A 841 21.24 -46.32 -11.27
C SER A 841 21.16 -45.97 -12.75
N LEU A 842 20.53 -44.84 -13.07
CA LEU A 842 20.48 -44.39 -14.47
C LEU A 842 21.87 -44.24 -15.06
N ILE A 843 22.85 -43.84 -14.24
CA ILE A 843 24.21 -43.64 -14.74
C ILE A 843 24.80 -44.95 -15.24
N GLU A 844 24.92 -45.93 -14.34
CA GLU A 844 25.52 -47.22 -14.72
C GLU A 844 24.75 -47.86 -15.86
N GLU A 845 23.43 -47.70 -15.88
CA GLU A 845 22.62 -48.28 -16.96
C GLU A 845 23.04 -47.72 -18.31
N ILE A 846 23.09 -46.40 -18.44
CA ILE A 846 23.46 -45.79 -19.72
C ILE A 846 24.91 -46.12 -20.05
N ASN A 847 25.82 -46.01 -19.06
CA ASN A 847 27.23 -46.26 -19.31
C ASN A 847 27.45 -47.64 -19.93
N GLU A 848 26.89 -48.68 -19.30
CA GLU A 848 27.08 -50.04 -19.77
C GLU A 848 26.39 -50.29 -21.11
N ARG A 849 25.38 -49.49 -21.47
CA ARG A 849 24.64 -49.73 -22.70
C ARG A 849 25.56 -49.79 -23.90
N SER A 850 26.60 -48.96 -23.92
CA SER A 850 27.52 -48.88 -25.06
C SER A 850 28.04 -50.26 -25.46
N ASP B 4 -5.14 40.12 69.72
CA ASP B 4 -3.96 40.40 68.90
C ASP B 4 -4.29 40.18 67.43
N ILE B 5 -4.21 41.25 66.64
CA ILE B 5 -4.54 41.17 65.22
C ILE B 5 -3.41 40.62 64.38
N ASN B 6 -2.20 40.51 64.93
CA ASN B 6 -1.07 40.00 64.16
C ASN B 6 -1.29 38.55 63.78
N THR B 7 -1.83 37.74 64.70
CA THR B 7 -2.23 36.38 64.37
C THR B 7 -3.46 36.37 63.47
N LYS B 8 -4.32 37.39 63.57
CA LYS B 8 -5.51 37.45 62.74
C LYS B 8 -5.15 37.71 61.28
N ILE B 9 -4.21 38.63 61.04
CA ILE B 9 -3.77 38.89 59.67
C ILE B 9 -3.21 37.61 59.06
N PHE B 10 -2.41 36.86 59.83
CA PHE B 10 -1.75 35.68 59.30
C PHE B 10 -2.77 34.62 58.88
N ASN B 11 -3.70 34.29 59.79
CA ASN B 11 -4.69 33.26 59.48
C ASN B 11 -5.61 33.68 58.34
N SER B 12 -5.91 34.98 58.22
CA SER B 12 -6.78 35.44 57.15
C SER B 12 -6.11 35.31 55.79
N VAL B 13 -4.88 35.80 55.67
CA VAL B 13 -4.16 35.69 54.41
C VAL B 13 -3.88 34.23 54.09
N ALA B 14 -3.56 33.43 55.11
CA ALA B 14 -3.31 32.01 54.88
C ALA B 14 -4.56 31.30 54.39
N GLU B 15 -5.73 31.68 54.91
CA GLU B 15 -6.97 31.08 54.45
C GLU B 15 -7.15 31.29 52.95
N VAL B 16 -6.82 32.49 52.46
CA VAL B 16 -6.92 32.77 51.02
C VAL B 16 -5.95 31.89 50.25
N PHE B 17 -4.68 31.89 50.66
CA PHE B 17 -3.68 31.09 49.95
C PHE B 17 -4.03 29.61 49.99
N GLN B 18 -4.44 29.11 51.16
CA GLN B 18 -4.75 27.69 51.30
C GLN B 18 -5.85 27.28 50.33
N LYS B 19 -6.82 28.17 50.09
CA LYS B 19 -7.92 27.86 49.19
C LYS B 19 -7.62 28.21 47.74
N ALA B 20 -6.81 29.26 47.51
CA ALA B 20 -6.53 29.69 46.15
C ALA B 20 -5.62 28.70 45.42
N GLN B 21 -4.74 28.01 46.14
CA GLN B 21 -3.84 27.06 45.49
C GLN B 21 -4.60 25.91 44.86
N GLY B 22 -5.79 25.60 45.36
CA GLY B 22 -6.48 24.40 44.92
C GLY B 22 -7.25 24.56 43.63
N SER B 23 -7.68 25.78 43.31
CA SER B 23 -8.53 25.98 42.13
C SER B 23 -8.57 27.46 41.80
N TYR B 24 -8.88 27.74 40.53
CA TYR B 24 -9.09 29.10 40.05
C TYR B 24 -10.51 29.60 40.29
N ALA B 25 -11.39 28.76 40.84
CA ALA B 25 -12.81 29.07 40.86
C ALA B 25 -13.09 30.39 41.57
N GLY B 26 -12.72 30.49 42.84
CA GLY B 26 -13.05 31.66 43.63
C GLY B 26 -11.93 32.65 43.76
N HIS B 27 -11.17 32.86 42.67
CA HIS B 27 -9.99 33.71 42.75
C HIS B 27 -10.37 35.19 42.80
N ARG B 28 -11.41 35.60 42.08
CA ARG B 28 -11.81 37.00 42.13
C ARG B 28 -12.36 37.38 43.50
N LYS B 29 -13.02 36.44 44.19
CA LYS B 29 -13.38 36.66 45.58
C LYS B 29 -12.13 36.78 46.44
N HIS B 30 -11.17 35.88 46.24
CA HIS B 30 -9.93 35.92 47.00
C HIS B 30 -9.26 37.28 46.91
N ILE B 31 -9.25 37.89 45.72
CA ILE B 31 -8.66 39.21 45.56
C ILE B 31 -9.40 40.22 46.42
N ALA B 32 -10.74 40.17 46.41
CA ALA B 32 -11.52 41.10 47.22
C ALA B 32 -11.22 40.92 48.70
N VAL B 33 -11.10 39.67 49.16
CA VAL B 33 -10.80 39.43 50.56
C VAL B 33 -9.41 39.94 50.90
N LEU B 34 -8.44 39.72 50.00
CA LEU B 34 -7.07 40.18 50.26
C LEU B 34 -7.02 41.69 50.38
N LYS B 35 -7.66 42.40 49.45
CA LYS B 35 -7.72 43.86 49.56
C LYS B 35 -8.41 44.28 50.83
N LYS B 36 -9.40 43.52 51.29
CA LYS B 36 -10.06 43.83 52.57
C LYS B 36 -9.12 43.57 53.73
N ILE B 37 -8.49 42.38 53.75
CA ILE B 37 -7.52 42.08 54.80
C ILE B 37 -6.43 43.13 54.85
N GLN B 38 -5.92 43.53 53.68
CA GLN B 38 -4.91 44.57 53.63
C GLN B 38 -5.44 45.87 54.24
N SER B 39 -6.60 46.33 53.78
CA SER B 39 -7.11 47.63 54.21
C SER B 39 -7.38 47.66 55.71
N LYS B 40 -7.97 46.59 56.25
CA LYS B 40 -8.22 46.55 57.68
C LYS B 40 -6.91 46.59 58.47
N ALA B 41 -5.87 45.94 57.95
CA ALA B 41 -4.57 46.00 58.61
C ALA B 41 -4.05 47.43 58.65
N VAL B 42 -4.27 48.19 57.58
CA VAL B 42 -3.72 49.55 57.50
C VAL B 42 -4.42 50.47 58.49
N GLU B 43 -5.75 50.48 58.47
CA GLU B 43 -6.51 51.41 59.31
C GLU B 43 -6.24 51.17 60.79
N GLN B 44 -5.73 50.01 61.17
CA GLN B 44 -5.36 49.72 62.54
C GLN B 44 -3.86 49.83 62.79
N GLY B 45 -3.11 50.38 61.82
CA GLY B 45 -1.70 50.64 62.01
C GLY B 45 -0.79 49.46 61.83
N TYR B 46 -1.28 48.35 61.29
CA TYR B 46 -0.45 47.16 61.11
C TYR B 46 -0.28 46.84 59.63
N GLU B 47 0.04 47.86 58.83
CA GLU B 47 0.28 47.65 57.41
C GLU B 47 1.49 46.75 57.17
N ASP B 48 2.62 47.10 57.80
CA ASP B 48 3.84 46.32 57.59
C ASP B 48 3.64 44.86 58.00
N ALA B 49 2.69 44.60 58.92
CA ALA B 49 2.38 43.22 59.28
C ALA B 49 1.77 42.47 58.10
N PHE B 50 0.86 43.13 57.37
CA PHE B 50 0.28 42.50 56.19
C PHE B 50 1.35 42.24 55.13
N ASN B 51 2.16 43.25 54.83
CA ASN B 51 3.25 43.06 53.89
C ASN B 51 4.16 41.92 54.31
N PHE B 52 4.35 41.74 55.62
CA PHE B 52 5.22 40.69 56.12
C PHE B 52 4.65 39.31 55.83
N TRP B 53 3.44 39.04 56.31
CA TRP B 53 2.84 37.72 56.14
C TRP B 53 2.52 37.42 54.68
N PHE B 54 2.17 38.44 53.90
CA PHE B 54 1.95 38.24 52.48
C PHE B 54 3.24 37.74 51.82
N ASP B 55 4.37 38.35 52.17
CA ASP B 55 5.66 37.89 51.68
C ASP B 55 5.91 36.43 52.07
N LYS B 56 5.79 36.13 53.37
CA LYS B 56 6.18 34.81 53.86
C LYS B 56 5.35 33.70 53.25
N LEU B 57 4.13 34.00 52.80
CA LEU B 57 3.32 33.00 52.12
C LEU B 57 3.68 32.91 50.65
N VAL B 58 4.20 33.98 50.05
CA VAL B 58 4.64 33.91 48.67
C VAL B 58 5.97 33.18 48.55
N THR B 59 6.81 33.22 49.59
CA THR B 59 8.07 32.49 49.56
C THR B 59 7.87 30.98 49.64
N LYS B 60 6.71 30.53 50.11
CA LYS B 60 6.45 29.11 50.23
C LYS B 60 6.26 28.43 48.88
N ILE B 61 5.95 29.20 47.82
CA ILE B 61 5.82 28.64 46.47
C ILE B 61 7.03 28.95 45.61
N LEU B 62 8.01 29.70 46.11
CA LEU B 62 9.21 29.98 45.32
C LEU B 62 10.01 28.72 44.99
N PRO B 63 10.21 27.76 45.90
CA PRO B 63 10.98 26.57 45.56
C PRO B 63 10.22 25.51 44.78
N LEU B 64 8.98 25.78 44.36
CA LEU B 64 8.23 24.82 43.57
C LEU B 64 8.75 24.79 42.13
N LYS B 65 8.79 23.59 41.56
CA LYS B 65 9.28 23.41 40.20
C LYS B 65 8.40 24.16 39.20
N LYS B 66 8.93 24.34 37.99
CA LYS B 66 8.20 25.04 36.94
C LYS B 66 6.79 24.47 36.77
N ASN B 67 6.70 23.18 36.46
CA ASN B 67 5.41 22.55 36.17
C ASN B 67 4.81 21.92 37.43
N GLU B 68 4.53 22.81 38.39
CA GLU B 68 3.79 22.48 39.59
C GLU B 68 2.67 23.50 39.73
N ILE B 69 1.43 23.06 39.49
CA ILE B 69 0.33 24.01 39.31
C ILE B 69 0.06 24.80 40.57
N ILE B 70 0.33 24.23 41.76
CA ILE B 70 0.11 24.96 43.00
C ILE B 70 0.82 26.31 42.95
N GLY B 71 2.06 26.32 42.45
CA GLY B 71 2.77 27.58 42.30
C GLY B 71 2.12 28.48 41.25
N ASP B 72 1.73 27.89 40.11
CA ASP B 72 1.10 28.68 39.05
C ASP B 72 -0.16 29.36 39.56
N ARG B 73 -0.92 28.70 40.45
CA ARG B 73 -2.16 29.30 40.92
C ARG B 73 -1.89 30.44 41.89
N ILE B 74 -0.91 30.30 42.78
CA ILE B 74 -0.57 31.40 43.68
C ILE B 74 0.03 32.56 42.92
N VAL B 75 0.91 32.27 41.95
CA VAL B 75 1.51 33.34 41.15
C VAL B 75 0.43 34.14 40.45
N LYS B 76 -0.55 33.47 39.86
CA LYS B 76 -1.65 34.19 39.21
C LYS B 76 -2.51 34.92 40.22
N LEU B 77 -2.54 34.46 41.48
CA LEU B 77 -3.25 35.20 42.52
C LEU B 77 -2.53 36.50 42.86
N VAL B 78 -1.21 36.42 43.08
CA VAL B 78 -0.42 37.61 43.37
C VAL B 78 -0.58 38.62 42.24
N ALA B 79 -0.56 38.15 41.00
CA ALA B 79 -0.67 39.06 39.85
C ALA B 79 -2.01 39.76 39.82
N ALA B 80 -3.10 39.01 40.04
CA ALA B 80 -4.43 39.62 40.04
C ALA B 80 -4.61 40.57 41.21
N PHE B 81 -3.94 40.29 42.34
CA PHE B 81 -4.03 41.17 43.50
C PHE B 81 -3.42 42.53 43.20
N ILE B 82 -2.25 42.55 42.58
CA ILE B 82 -1.61 43.81 42.23
C ILE B 82 -2.38 44.50 41.11
N ALA B 83 -2.87 43.73 40.13
CA ALA B 83 -3.62 44.32 39.02
C ALA B 83 -4.89 45.00 39.52
N SER B 84 -5.54 44.41 40.53
CA SER B 84 -6.79 44.98 41.04
C SER B 84 -6.54 46.23 41.87
N LEU B 85 -5.44 46.25 42.64
CA LEU B 85 -5.10 47.46 43.39
C LEU B 85 -4.79 48.61 42.44
N GLU B 86 -4.14 48.32 41.31
CA GLU B 86 -3.79 49.39 40.37
C GLU B 86 -5.01 49.91 39.64
N ARG B 87 -5.91 49.01 39.23
CA ARG B 87 -7.13 49.44 38.54
C ARG B 87 -7.88 50.48 39.35
N GLU B 88 -7.89 50.33 40.68
CA GLU B 88 -8.52 51.34 41.53
C GLU B 88 -7.88 52.71 41.32
N LEU B 89 -6.54 52.76 41.32
CA LEU B 89 -5.85 54.03 41.13
C LEU B 89 -6.01 54.54 39.70
N ILE B 90 -6.11 53.64 38.72
CA ILE B 90 -6.28 54.08 37.34
C ILE B 90 -7.64 54.72 37.15
N LEU B 91 -8.72 54.03 37.56
CA LEU B 91 -10.05 54.62 37.50
C LEU B 91 -10.07 55.96 38.22
N ALA B 92 -9.31 56.10 39.29
CA ALA B 92 -9.17 57.39 39.96
C ALA B 92 -8.50 58.41 39.04
N LYS B 93 -7.41 58.02 38.39
CA LYS B 93 -6.71 58.92 37.48
C LYS B 93 -7.55 59.19 36.23
N LYS B 94 -8.24 58.16 35.73
CA LYS B 94 -9.12 58.36 34.58
C LYS B 94 -10.07 59.52 34.81
N GLN B 95 -10.79 59.50 35.92
CA GLN B 95 -11.51 60.67 36.38
C GLN B 95 -10.53 61.65 37.02
N ASN B 96 -11.03 62.82 37.39
CA ASN B 96 -10.23 63.81 38.09
C ASN B 96 -10.52 63.84 39.59
N TYR B 97 -11.03 62.74 40.16
CA TYR B 97 -11.35 62.67 41.57
C TYR B 97 -10.33 61.80 42.29
N LYS B 98 -9.77 62.33 43.37
CA LYS B 98 -8.72 61.67 44.13
C LYS B 98 -9.32 60.82 45.24
N LEU B 99 -8.53 59.85 45.71
CA LEU B 99 -9.06 58.82 46.61
C LEU B 99 -8.97 59.17 48.08
N THR B 100 -8.00 60.00 48.47
CA THR B 100 -7.86 60.49 49.85
C THR B 100 -7.95 59.38 50.90
N ASN B 101 -7.65 58.13 50.50
CA ASN B 101 -7.56 57.02 51.46
C ASN B 101 -6.17 56.41 51.46
N ASP B 102 -5.19 57.05 50.82
CA ASP B 102 -3.80 56.64 50.80
C ASP B 102 -3.55 55.42 49.92
N GLU B 103 -4.53 54.97 49.14
CA GLU B 103 -4.33 53.84 48.26
C GLU B 103 -3.12 54.03 47.36
N GLU B 104 -2.87 55.28 46.94
CA GLU B 104 -1.70 55.55 46.10
C GLU B 104 -0.42 55.22 46.85
N GLY B 105 -0.31 55.64 48.10
CA GLY B 105 0.87 55.34 48.88
C GLY B 105 0.93 53.89 49.32
N ILE B 106 -0.20 53.32 49.73
CA ILE B 106 -0.24 51.91 50.07
C ILE B 106 0.25 51.07 48.90
N PHE B 107 -0.31 51.30 47.72
CA PHE B 107 0.07 50.54 46.54
C PHE B 107 1.54 50.74 46.21
N SER B 108 2.00 51.99 46.19
CA SER B 108 3.40 52.28 45.88
C SER B 108 4.32 51.60 46.89
N ARG B 109 3.98 51.65 48.18
CA ARG B 109 4.81 51.03 49.20
C ARG B 109 4.76 49.51 49.11
N PHE B 110 3.61 48.94 48.72
CA PHE B 110 3.50 47.49 48.63
C PHE B 110 4.34 46.94 47.48
N VAL B 111 4.23 47.53 46.30
CA VAL B 111 5.01 47.08 45.15
C VAL B 111 6.49 47.16 45.44
N ASP B 112 6.95 48.34 45.86
CA ASP B 112 8.37 48.51 46.18
C ASP B 112 8.82 47.47 47.19
N GLN B 113 8.02 47.23 48.22
CA GLN B 113 8.36 46.24 49.24
C GLN B 113 8.34 44.82 48.67
N PHE B 114 7.33 44.50 47.86
CA PHE B 114 7.20 43.14 47.35
C PHE B 114 8.27 42.81 46.31
N ILE B 115 8.64 43.77 45.48
CA ILE B 115 9.66 43.53 44.46
C ILE B 115 11.01 43.26 45.12
N ARG B 116 11.38 44.08 46.09
CA ARG B 116 12.66 43.88 46.77
C ARG B 116 12.70 42.56 47.52
N HIS B 117 11.54 42.08 47.99
CA HIS B 117 11.52 40.84 48.77
C HIS B 117 11.73 39.61 47.88
N VAL B 118 11.18 39.63 46.66
CA VAL B 118 11.36 38.49 45.77
C VAL B 118 12.74 38.54 45.12
N LEU B 119 13.30 39.73 44.96
CA LEU B 119 14.65 39.85 44.40
C LEU B 119 15.69 39.18 45.30
N ARG B 120 15.38 38.94 46.57
CA ARG B 120 16.33 38.30 47.46
C ARG B 120 16.73 36.91 46.99
N GLY B 121 15.89 36.26 46.18
CA GLY B 121 16.21 34.95 45.66
C GLY B 121 16.50 34.96 44.18
N VAL B 122 16.79 36.13 43.62
CA VAL B 122 17.03 36.23 42.19
C VAL B 122 18.33 35.54 41.81
N GLU B 123 19.29 35.48 42.73
CA GLU B 123 20.53 34.74 42.52
C GLU B 123 20.68 33.62 43.55
N SER B 124 19.56 33.02 43.95
CA SER B 124 19.58 31.94 44.91
C SER B 124 20.35 30.74 44.36
N PRO B 125 20.79 29.82 45.23
CA PRO B 125 21.35 28.57 44.70
C PRO B 125 20.30 27.70 44.05
N ASP B 126 19.09 27.66 44.62
CA ASP B 126 18.01 26.87 44.06
C ASP B 126 17.51 27.50 42.76
N LYS B 127 17.64 26.76 41.65
CA LYS B 127 17.19 27.29 40.37
C LYS B 127 15.68 27.52 40.34
N ASN B 128 14.92 26.67 41.03
CA ASN B 128 13.47 26.83 41.07
C ASN B 128 13.09 28.16 41.70
N VAL B 129 13.83 28.59 42.73
CA VAL B 129 13.61 29.92 43.30
C VAL B 129 13.78 30.98 42.24
N ARG B 130 14.89 30.90 41.49
CA ARG B 130 15.16 31.91 40.46
C ARG B 130 14.06 31.94 39.41
N PHE B 131 13.55 30.76 39.01
CA PHE B 131 12.46 30.72 38.05
C PHE B 131 11.20 31.39 38.62
N ARG B 132 10.79 30.96 39.82
CA ARG B 132 9.59 31.53 40.42
C ARG B 132 9.72 33.03 40.66
N VAL B 133 10.92 33.47 41.07
CA VAL B 133 11.13 34.89 41.26
C VAL B 133 10.89 35.65 39.96
N LEU B 134 11.57 35.23 38.89
CA LEU B 134 11.40 35.92 37.61
C LEU B 134 9.99 35.75 37.07
N GLN B 135 9.35 34.61 37.31
CA GLN B 135 7.98 34.42 36.86
C GLN B 135 7.05 35.41 37.54
N LEU B 136 7.17 35.55 38.86
CA LEU B 136 6.36 36.55 39.58
C LEU B 136 6.58 37.93 39.00
N LEU B 137 7.84 38.30 38.75
CA LEU B 137 8.13 39.63 38.21
C LEU B 137 7.50 39.81 36.84
N ALA B 138 7.55 38.77 36.00
CA ALA B 138 6.97 38.88 34.65
C ALA B 138 5.48 39.17 34.72
N VAL B 139 4.76 38.44 35.57
CA VAL B 139 3.30 38.53 35.58
C VAL B 139 2.82 39.82 36.23
N ILE B 140 3.61 40.41 37.13
CA ILE B 140 3.23 41.67 37.76
C ILE B 140 3.80 42.88 37.04
N MET B 141 4.76 42.68 36.12
CA MET B 141 5.51 43.80 35.57
C MET B 141 4.61 44.85 34.93
N ASP B 142 3.46 44.44 34.38
CA ASP B 142 2.61 45.38 33.67
C ASP B 142 1.82 46.28 34.61
N ASN B 143 1.61 45.84 35.86
CA ASN B 143 0.76 46.56 36.80
C ASN B 143 1.52 47.22 37.94
N ILE B 144 2.85 47.17 37.93
CA ILE B 144 3.63 47.78 39.00
C ILE B 144 3.49 49.29 39.04
N GLY B 145 2.90 49.89 38.01
CA GLY B 145 2.76 51.34 37.99
C GLY B 145 4.09 51.99 37.69
N GLU B 146 4.47 52.96 38.52
CA GLU B 146 5.75 53.64 38.40
C GLU B 146 6.50 53.52 39.72
N ILE B 147 7.79 53.20 39.63
CA ILE B 147 8.63 52.93 40.79
C ILE B 147 9.83 53.86 40.75
N ASP B 148 10.36 54.16 41.94
CA ASP B 148 11.54 55.03 42.01
C ASP B 148 12.69 54.39 41.25
N GLU B 149 13.50 55.23 40.60
CA GLU B 149 14.51 54.72 39.67
C GLU B 149 15.51 53.80 40.34
N SER B 150 15.73 53.93 41.65
CA SER B 150 16.64 53.03 42.34
C SER B 150 16.20 51.58 42.20
N LEU B 151 14.91 51.31 42.44
CA LEU B 151 14.40 49.97 42.26
C LEU B 151 14.33 49.58 40.79
N PHE B 152 14.04 50.53 39.92
CA PHE B 152 14.07 50.27 38.48
C PHE B 152 15.47 49.89 38.02
N ASN B 153 16.48 50.67 38.44
CA ASN B 153 17.85 50.38 38.05
C ASN B 153 18.27 49.00 38.55
N LEU B 154 17.91 48.66 39.79
CA LEU B 154 18.24 47.34 40.32
C LEU B 154 17.43 46.25 39.65
N LEU B 155 16.19 46.56 39.26
CA LEU B 155 15.35 45.54 38.64
C LEU B 155 15.93 45.11 37.29
N ILE B 156 16.21 46.07 36.40
CA ILE B 156 16.73 45.73 35.09
C ILE B 156 18.14 45.15 35.19
N LEU B 157 18.92 45.59 36.18
CA LEU B 157 20.24 45.01 36.39
C LEU B 157 20.13 43.52 36.67
N SER B 158 19.26 43.14 37.62
CA SER B 158 19.11 41.74 37.97
C SER B 158 18.59 40.91 36.80
N LEU B 159 17.74 41.49 35.96
CA LEU B 159 17.20 40.74 34.82
C LEU B 159 18.26 40.52 33.75
N ASN B 160 19.05 41.56 33.43
CA ASN B 160 20.08 41.41 32.42
C ASN B 160 21.06 40.30 32.79
N LYS B 161 21.41 40.19 34.08
CA LYS B 161 22.30 39.13 34.51
C LYS B 161 21.66 37.76 34.37
N ARG B 162 20.33 37.69 34.37
CA ARG B 162 19.63 36.42 34.28
C ARG B 162 19.41 35.97 32.84
N ILE B 163 19.69 36.81 31.85
CA ILE B 163 19.66 36.36 30.47
C ILE B 163 20.71 35.29 30.21
N TYR B 164 21.78 35.28 31.02
CA TYR B 164 22.83 34.29 30.91
C TYR B 164 22.76 33.28 32.05
N ASP B 165 21.55 33.05 32.57
CA ASP B 165 21.36 32.09 33.64
C ASP B 165 21.77 30.69 33.18
N ARG B 166 22.21 29.87 34.13
CA ARG B 166 22.65 28.52 33.80
C ARG B 166 21.50 27.68 33.24
N GLU B 167 20.27 27.86 33.78
CA GLU B 167 19.14 27.06 33.31
C GLU B 167 18.33 27.82 32.27
N PRO B 168 17.94 27.18 31.16
CA PRO B 168 17.14 27.90 30.16
C PRO B 168 15.80 28.37 30.68
N THR B 169 15.10 27.55 31.47
CA THR B 169 13.79 27.94 31.99
C THR B 169 13.87 29.30 32.70
N VAL B 170 14.98 29.57 33.37
CA VAL B 170 15.18 30.88 33.97
C VAL B 170 15.44 31.93 32.88
N ARG B 171 16.23 31.57 31.88
CA ARG B 171 16.48 32.52 30.78
C ARG B 171 15.19 32.89 30.07
N ILE B 172 14.28 31.92 29.92
CA ILE B 172 12.99 32.20 29.27
C ILE B 172 12.25 33.29 30.04
N GLN B 173 12.12 33.12 31.35
CA GLN B 173 11.43 34.12 32.16
C GLN B 173 12.16 35.46 32.12
N ALA B 174 13.49 35.43 32.14
CA ALA B 174 14.25 36.66 32.00
C ALA B 174 13.85 37.40 30.72
N VAL B 175 13.63 36.67 29.64
CA VAL B 175 13.11 37.28 28.42
C VAL B 175 11.74 37.88 28.67
N PHE B 176 10.80 37.05 29.13
CA PHE B 176 9.42 37.50 29.35
C PHE B 176 9.37 38.80 30.16
N CYS B 177 10.32 39.00 31.07
CA CYS B 177 10.39 40.26 31.79
C CYS B 177 10.93 41.38 30.90
N LEU B 178 12.02 41.11 30.19
CA LEU B 178 12.69 42.15 29.42
C LEU B 178 11.90 42.60 28.20
N THR B 179 11.00 41.76 27.68
CA THR B 179 10.20 42.19 26.53
C THR B 179 9.38 43.43 26.86
N LYS B 180 9.07 43.65 28.14
CA LYS B 180 8.23 44.76 28.55
C LYS B 180 8.99 46.07 28.68
N PHE B 181 10.31 46.04 28.57
CA PHE B 181 11.12 47.26 28.58
C PHE B 181 11.56 47.68 27.18
N GLN B 182 11.24 46.90 26.15
CA GLN B 182 11.58 47.26 24.80
C GLN B 182 11.05 48.65 24.46
N ASP B 183 11.77 49.35 23.58
CA ASP B 183 11.40 50.70 23.16
C ASP B 183 11.17 50.70 21.67
N GLU B 184 10.02 51.21 21.25
CA GLU B 184 9.69 51.27 19.83
C GLU B 184 10.76 52.04 19.05
N GLU B 185 11.40 53.01 19.70
CA GLU B 185 12.31 53.94 19.02
C GLU B 185 13.78 53.62 19.27
N GLN B 186 14.09 52.47 19.86
CA GLN B 186 15.47 52.03 20.04
C GLN B 186 15.68 50.70 19.34
N THR B 187 15.31 50.63 18.07
CA THR B 187 15.40 49.40 17.29
C THR B 187 16.50 49.43 16.24
N GLU B 188 17.23 50.52 16.13
CA GLU B 188 18.32 50.64 15.16
C GLU B 188 19.65 50.33 15.82
N HIS B 189 20.63 49.99 15.00
CA HIS B 189 21.99 49.72 15.46
C HIS B 189 21.97 48.64 16.55
N LEU B 190 21.25 47.55 16.25
CA LEU B 190 21.04 46.49 17.21
C LEU B 190 22.31 45.70 17.51
N THR B 191 23.35 45.87 16.71
CA THR B 191 24.61 45.16 16.93
C THR B 191 25.47 45.87 17.96
N GLU B 192 25.41 47.19 18.04
CA GLU B 192 26.19 47.95 19.00
C GLU B 192 25.47 47.97 20.35
N LEU B 193 26.17 48.47 21.37
CA LEU B 193 25.74 48.28 22.74
C LEU B 193 25.99 49.54 23.57
N SER B 194 25.30 49.58 24.71
CA SER B 194 25.56 50.53 25.79
C SER B 194 25.69 51.97 25.25
N ASP B 195 24.51 52.53 24.97
CA ASP B 195 24.36 53.93 24.57
C ASP B 195 25.51 54.82 24.99
N GLU B 201 17.54 49.45 26.04
CA GLU B 201 18.43 48.56 25.31
C GLU B 201 17.91 47.11 25.36
N ALA B 202 16.65 46.95 25.76
CA ALA B 202 16.10 45.61 25.92
C ALA B 202 15.98 44.90 24.57
N THR B 203 15.54 45.61 23.53
CA THR B 203 15.43 45.00 22.21
C THR B 203 16.76 44.43 21.75
N ARG B 204 17.87 45.11 22.08
CA ARG B 204 19.17 44.66 21.61
C ARG B 204 19.61 43.36 22.27
N THR B 205 19.24 43.15 23.54
CA THR B 205 19.62 41.91 24.21
C THR B 205 18.77 40.74 23.80
N LEU B 206 17.55 40.99 23.27
CA LEU B 206 16.73 39.90 22.76
C LEU B 206 17.19 39.48 21.38
N VAL B 207 17.60 40.42 20.54
CA VAL B 207 18.20 40.07 19.26
C VAL B 207 19.48 39.27 19.47
N ALA B 208 20.20 39.54 20.55
CA ALA B 208 21.35 38.71 20.91
C ALA B 208 20.89 37.30 21.27
N SER B 209 19.80 37.18 22.03
CA SER B 209 19.36 35.88 22.51
C SER B 209 18.69 35.06 21.40
N ILE B 210 18.04 35.71 20.44
CA ILE B 210 17.37 34.99 19.38
C ILE B 210 18.37 34.32 18.44
N GLN B 211 19.60 34.81 18.39
CA GLN B 211 20.62 34.23 17.53
C GLN B 211 21.61 33.35 18.27
N ASN B 212 21.90 33.63 19.54
CA ASN B 212 23.03 33.02 20.23
C ASN B 212 22.63 32.15 21.41
N ASP B 213 21.36 32.09 21.79
CA ASP B 213 21.01 31.31 22.97
C ASP B 213 20.97 29.83 22.60
N PRO B 214 21.63 28.95 23.36
CA PRO B 214 21.60 27.52 23.01
C PRO B 214 20.22 26.91 23.08
N SER B 215 19.36 27.43 23.96
CA SER B 215 18.03 26.85 24.16
C SER B 215 17.10 27.24 23.02
N ALA B 216 16.45 26.25 22.43
CA ALA B 216 15.46 26.52 21.40
C ALA B 216 14.29 27.34 21.94
N GLU B 217 13.97 27.17 23.23
CA GLU B 217 12.80 27.83 23.79
C GLU B 217 13.10 29.26 24.22
N VAL B 218 14.35 29.58 24.55
CA VAL B 218 14.71 30.98 24.77
C VAL B 218 14.72 31.73 23.44
N ARG B 219 15.30 31.12 22.40
CA ARG B 219 15.17 31.66 21.06
C ARG B 219 13.70 31.87 20.69
N ARG B 220 12.86 30.89 21.02
CA ARG B 220 11.44 30.99 20.69
C ARG B 220 10.79 32.18 21.39
N ALA B 221 11.03 32.32 22.70
CA ALA B 221 10.46 33.43 23.44
C ALA B 221 10.91 34.76 22.84
N ALA B 222 12.21 34.93 22.62
CA ALA B 222 12.71 36.15 22.00
C ALA B 222 12.03 36.38 20.66
N MET B 223 11.94 35.35 19.83
CA MET B 223 11.32 35.49 18.51
C MET B 223 9.89 35.97 18.63
N LEU B 224 9.11 35.37 19.54
CA LEU B 224 7.68 35.63 19.60
C LEU B 224 7.34 36.94 20.32
N ASN B 225 8.23 37.44 21.17
CA ASN B 225 7.96 38.66 21.92
C ASN B 225 8.81 39.85 21.45
N LEU B 226 9.72 39.64 20.51
CA LEU B 226 10.47 40.75 19.94
C LEU B 226 9.53 41.69 19.21
N ILE B 227 9.82 42.99 19.27
CA ILE B 227 9.11 43.95 18.44
C ILE B 227 9.30 43.56 16.98
N ASN B 228 8.18 43.40 16.27
CA ASN B 228 8.23 43.14 14.84
C ASN B 228 8.37 44.48 14.11
N ASP B 229 9.52 44.68 13.49
CA ASP B 229 9.91 46.01 13.02
C ASP B 229 10.82 45.86 11.80
N ASN B 230 10.84 46.90 10.96
CA ASN B 230 11.74 46.89 9.80
C ASN B 230 13.17 46.60 10.21
N ASN B 231 13.57 47.01 11.43
CA ASN B 231 14.92 46.78 11.88
C ASN B 231 15.11 45.39 12.47
N THR B 232 14.05 44.81 13.06
CA THR B 232 14.15 43.51 13.69
C THR B 232 13.63 42.36 12.82
N ARG B 233 12.73 42.64 11.88
CA ARG B 233 12.14 41.59 11.08
C ARG B 233 13.17 40.67 10.43
N PRO B 234 14.29 41.15 9.88
CA PRO B 234 15.32 40.21 9.43
C PRO B 234 15.69 39.17 10.47
N TYR B 235 15.89 39.59 11.72
CA TYR B 235 16.29 38.63 12.76
C TYR B 235 15.16 37.65 13.06
N ILE B 236 13.92 38.12 13.08
CA ILE B 236 12.80 37.22 13.37
C ILE B 236 12.67 36.18 12.28
N LEU B 237 12.59 36.62 11.02
CA LEU B 237 12.42 35.69 9.91
C LEU B 237 13.64 34.79 9.74
N GLU B 238 14.81 35.25 10.17
CA GLU B 238 16.00 34.40 10.13
C GLU B 238 15.75 33.06 10.82
N ARG B 239 14.82 33.02 11.77
CA ARG B 239 14.52 31.80 12.52
C ARG B 239 13.83 30.75 11.66
N ALA B 240 13.49 31.05 10.42
CA ALA B 240 12.86 30.05 9.55
C ALA B 240 13.76 28.85 9.32
N ARG B 241 15.06 28.98 9.55
CA ARG B 241 16.00 27.86 9.44
C ARG B 241 16.56 27.46 10.80
N ASP B 242 15.82 27.73 11.87
CA ASP B 242 16.23 27.31 13.19
C ASP B 242 16.38 25.80 13.24
N VAL B 243 17.42 25.33 13.95
CA VAL B 243 17.63 23.90 14.12
C VAL B 243 16.43 23.24 14.79
N ASN B 244 15.61 24.01 15.50
CA ASN B 244 14.45 23.47 16.20
C ASN B 244 13.25 23.45 15.26
N ILE B 245 12.50 22.35 15.30
CA ILE B 245 11.38 22.18 14.38
C ILE B 245 10.30 23.23 14.66
N VAL B 246 9.93 23.38 15.93
CA VAL B 246 8.83 24.29 16.28
C VAL B 246 9.18 25.73 15.89
N ASN B 247 10.42 26.14 16.13
CA ASN B 247 10.80 27.51 15.81
C ASN B 247 10.63 27.80 14.33
N ARG B 248 10.98 26.84 13.47
CA ARG B 248 10.76 27.03 12.04
C ARG B 248 9.27 27.12 11.73
N ARG B 249 8.46 26.25 12.34
CA ARG B 249 7.03 26.24 12.06
C ARG B 249 6.38 27.57 12.42
N LEU B 250 6.75 28.13 13.58
CA LEU B 250 6.08 29.33 14.05
C LEU B 250 6.27 30.50 13.10
N VAL B 251 7.37 30.53 12.35
CA VAL B 251 7.58 31.60 11.38
C VAL B 251 6.45 31.62 10.36
N TYR B 252 5.87 30.45 10.06
CA TYR B 252 4.76 30.35 9.12
C TYR B 252 3.40 30.35 9.82
N SER B 253 3.27 29.55 10.89
CA SER B 253 1.97 29.38 11.52
C SER B 253 1.53 30.62 12.29
N ARG B 254 2.48 31.42 12.77
CA ARG B 254 2.17 32.52 13.67
C ARG B 254 2.67 33.86 13.14
N ILE B 255 3.97 34.02 12.94
CA ILE B 255 4.53 35.32 12.59
C ILE B 255 4.00 35.80 11.25
N LEU B 256 4.26 35.04 10.19
CA LEU B 256 3.82 35.45 8.86
C LEU B 256 2.30 35.53 8.77
N LYS B 257 1.59 34.65 9.48
CA LYS B 257 0.13 34.70 9.48
C LYS B 257 -0.38 36.05 10.00
N SER B 258 0.21 36.52 11.11
CA SER B 258 -0.25 37.77 11.70
C SER B 258 -0.06 38.94 10.73
N MET B 259 1.05 38.95 9.99
CA MET B 259 1.29 40.03 9.04
C MET B 259 0.20 40.06 7.96
N GLY B 260 -0.28 38.90 7.54
CA GLY B 260 -1.27 38.83 6.50
C GLY B 260 -0.81 39.43 5.19
N ARG B 261 -1.21 40.67 4.91
CA ARG B 261 -0.86 41.33 3.66
C ARG B 261 0.50 42.01 3.70
N LYS B 262 1.04 42.30 4.89
CA LYS B 262 2.34 42.95 4.97
C LYS B 262 3.46 42.07 4.42
N CYS B 263 3.20 40.78 4.23
CA CYS B 263 4.24 39.88 3.75
C CYS B 263 4.76 40.30 2.38
N PHE B 264 3.85 40.75 1.50
CA PHE B 264 4.26 41.15 0.16
C PHE B 264 4.89 42.54 0.15
N ASP B 265 4.46 43.43 1.04
CA ASP B 265 4.92 44.81 1.04
C ASP B 265 6.16 45.03 1.89
N ASP B 266 6.21 44.45 3.09
CA ASP B 266 7.23 44.78 4.08
C ASP B 266 8.37 43.77 4.16
N ILE B 267 8.40 42.78 3.26
CA ILE B 267 9.50 41.82 3.21
C ILE B 267 10.13 41.87 1.83
N GLU B 268 11.46 41.82 1.79
CA GLU B 268 12.19 42.02 0.55
C GLU B 268 12.02 40.80 -0.37
N PRO B 269 11.92 41.02 -1.71
CA PRO B 269 11.78 39.89 -2.65
C PRO B 269 12.61 38.65 -2.31
N HIS B 270 13.93 38.80 -2.20
CA HIS B 270 14.79 37.63 -2.02
C HIS B 270 14.40 36.85 -0.77
N ILE B 271 14.12 37.54 0.33
CA ILE B 271 13.78 36.85 1.57
C ILE B 271 12.40 36.21 1.46
N PHE B 272 11.44 36.92 0.87
CA PHE B 272 10.09 36.37 0.73
C PHE B 272 10.11 35.08 -0.08
N ASP B 273 10.72 35.10 -1.27
CA ASP B 273 10.82 33.89 -2.06
C ASP B 273 11.66 32.82 -1.36
N GLN B 274 12.69 33.25 -0.60
CA GLN B 274 13.52 32.29 0.12
C GLN B 274 12.71 31.55 1.19
N LEU B 275 11.81 32.26 1.88
CA LEU B 275 11.01 31.64 2.92
C LEU B 275 10.04 30.61 2.36
N ILE B 276 9.50 30.87 1.16
CA ILE B 276 8.60 29.90 0.53
C ILE B 276 9.38 28.64 0.15
N GLU B 277 10.51 28.82 -0.55
CA GLU B 277 11.32 27.67 -0.93
C GLU B 277 11.67 26.81 0.28
N TRP B 278 12.06 27.46 1.38
CA TRP B 278 12.42 26.72 2.59
C TRP B 278 11.20 25.99 3.16
N GLY B 279 10.07 26.68 3.27
CA GLY B 279 8.91 26.09 3.91
C GLY B 279 8.42 24.85 3.21
N LEU B 280 8.23 24.93 1.89
CA LEU B 280 7.69 23.80 1.13
C LEU B 280 8.66 22.64 1.05
N GLU B 281 9.95 22.87 1.32
CA GLU B 281 10.96 21.82 1.19
C GLU B 281 11.48 21.33 2.54
N ASP B 282 11.01 21.89 3.65
CA ASP B 282 11.48 21.43 4.95
C ASP B 282 11.20 19.95 5.11
N ARG B 283 12.10 19.26 5.81
CA ARG B 283 12.02 17.82 5.97
C ARG B 283 11.02 17.39 7.04
N GLU B 284 10.20 18.31 7.54
CA GLU B 284 9.18 18.00 8.53
C GLU B 284 7.80 18.30 7.95
N LEU B 285 6.85 17.41 8.24
CA LEU B 285 5.51 17.56 7.70
C LEU B 285 4.82 18.81 8.24
N SER B 286 4.93 19.05 9.55
CA SER B 286 4.24 20.18 10.15
C SER B 286 4.73 21.50 9.59
N VAL B 287 6.03 21.60 9.30
CA VAL B 287 6.58 22.83 8.73
C VAL B 287 6.04 23.03 7.31
N ARG B 288 6.14 22.01 6.47
CA ARG B 288 5.58 22.10 5.13
C ARG B 288 4.09 22.41 5.19
N ASN B 289 3.35 21.65 5.99
CA ASN B 289 1.92 21.89 6.12
C ASN B 289 1.63 23.32 6.55
N ALA B 290 2.37 23.82 7.54
CA ALA B 290 2.17 25.18 8.00
C ALA B 290 2.39 26.18 6.87
N CYS B 291 3.40 25.94 6.03
CA CYS B 291 3.65 26.84 4.90
C CYS B 291 2.62 26.64 3.79
N LYS B 292 2.20 25.40 3.56
CA LYS B 292 1.17 25.16 2.55
C LYS B 292 -0.15 25.80 2.96
N ARG B 293 -0.49 25.72 4.26
CA ARG B 293 -1.71 26.35 4.74
C ARG B 293 -1.64 27.87 4.62
N LEU B 294 -0.47 28.45 4.90
CA LEU B 294 -0.32 29.89 4.81
C LEU B 294 -0.55 30.37 3.38
N ILE B 295 -0.10 29.60 2.40
CA ILE B 295 -0.26 29.99 1.00
C ILE B 295 -1.70 29.80 0.55
N ALA B 296 -2.24 28.60 0.77
CA ALA B 296 -3.54 28.24 0.19
C ALA B 296 -4.71 28.84 0.95
N HIS B 297 -4.59 29.00 2.28
CA HIS B 297 -5.69 29.46 3.10
C HIS B 297 -5.56 30.94 3.46
N ASP B 298 -4.50 31.31 4.18
CA ASP B 298 -4.39 32.67 4.70
C ASP B 298 -4.25 33.69 3.58
N TRP B 299 -3.33 33.45 2.64
CA TRP B 299 -3.03 34.46 1.63
C TRP B 299 -4.13 34.53 0.57
N LEU B 300 -4.56 33.39 0.03
CA LEU B 300 -5.59 33.41 -1.00
C LEU B 300 -6.85 34.12 -0.49
N ASN B 301 -7.16 33.96 0.80
CA ASN B 301 -8.29 34.70 1.37
C ASN B 301 -8.00 36.19 1.42
N ALA B 302 -6.77 36.56 1.77
CA ALA B 302 -6.40 37.98 1.81
C ALA B 302 -6.52 38.64 0.44
N LEU B 303 -6.29 37.88 -0.63
CA LEU B 303 -6.32 38.41 -1.99
C LEU B 303 -7.67 38.19 -2.67
N ASP B 304 -8.72 37.92 -1.90
CA ASP B 304 -10.08 37.79 -2.41
C ASP B 304 -10.23 36.62 -3.38
N GLY B 305 -9.35 35.63 -3.29
CA GLY B 305 -9.57 34.36 -3.97
C GLY B 305 -9.21 34.31 -5.44
N ASP B 306 -8.29 35.16 -5.91
CA ASP B 306 -7.80 35.09 -7.28
C ASP B 306 -6.32 34.75 -7.26
N LEU B 307 -5.95 33.71 -8.01
CA LEU B 307 -4.56 33.25 -8.00
C LEU B 307 -3.64 34.22 -8.73
N ILE B 308 -4.14 34.90 -9.75
CA ILE B 308 -3.27 35.75 -10.56
C ILE B 308 -2.51 36.73 -9.67
N GLU B 309 -3.23 37.46 -8.83
CA GLU B 309 -2.55 38.35 -7.89
C GLU B 309 -1.60 37.57 -6.99
N LEU B 310 -2.04 36.40 -6.49
CA LEU B 310 -1.16 35.57 -5.68
C LEU B 310 0.06 35.11 -6.46
N LEU B 311 -0.15 34.69 -7.71
CA LEU B 311 0.98 34.24 -8.53
C LEU B 311 1.89 35.41 -8.89
N GLU B 312 1.35 36.63 -8.98
CA GLU B 312 2.20 37.80 -9.15
C GLU B 312 3.15 37.97 -7.97
N LYS B 313 2.70 37.60 -6.77
CA LYS B 313 3.57 37.70 -5.59
C LYS B 313 4.69 36.68 -5.64
N LEU B 314 4.37 35.45 -6.07
CA LEU B 314 5.36 34.37 -6.06
C LEU B 314 6.40 34.53 -7.15
N ASP B 315 6.11 35.32 -8.19
CA ASP B 315 7.07 35.60 -9.26
C ASP B 315 7.43 34.30 -9.99
N VAL B 316 6.43 33.78 -10.72
CA VAL B 316 6.62 32.55 -11.48
C VAL B 316 7.79 32.69 -12.43
N SER B 317 8.04 33.90 -12.94
CA SER B 317 9.11 34.12 -13.90
C SER B 317 10.46 33.67 -13.35
N ARG B 318 10.64 33.75 -12.02
CA ARG B 318 11.90 33.35 -11.40
C ARG B 318 11.66 32.05 -10.65
N SER B 319 11.55 32.07 -9.32
CA SER B 319 11.41 30.86 -8.54
C SER B 319 10.28 29.99 -9.09
N SER B 320 10.60 28.74 -9.40
CA SER B 320 9.60 27.77 -9.78
C SER B 320 9.05 26.98 -8.60
N VAL B 321 9.33 27.43 -7.37
CA VAL B 321 8.64 26.89 -6.20
C VAL B 321 7.14 26.92 -6.42
N CYS B 322 6.67 27.84 -7.26
CA CYS B 322 5.25 27.95 -7.57
C CYS B 322 4.66 26.59 -7.96
N VAL B 323 5.47 25.71 -8.57
CA VAL B 323 4.97 24.37 -8.86
C VAL B 323 4.65 23.65 -7.56
N LYS B 324 5.49 23.80 -6.54
CA LYS B 324 5.20 23.22 -5.24
C LYS B 324 4.13 24.02 -4.51
N ALA B 325 4.13 25.34 -4.67
CA ALA B 325 3.15 26.17 -3.99
C ALA B 325 1.76 25.98 -4.56
N ILE B 326 1.64 25.90 -5.89
CA ILE B 326 0.31 25.82 -6.50
C ILE B 326 -0.23 24.39 -6.40
N GLU B 327 0.63 23.38 -6.37
CA GLU B 327 0.16 22.03 -6.09
C GLU B 327 -0.32 21.91 -4.65
N ALA B 328 0.33 22.62 -3.73
CA ALA B 328 -0.19 22.70 -2.37
C ALA B 328 -1.56 23.36 -2.34
N LEU B 329 -1.77 24.35 -3.21
CA LEU B 329 -3.06 25.03 -3.28
C LEU B 329 -4.12 24.11 -3.87
N PHE B 330 -3.79 23.39 -4.94
CA PHE B 330 -4.79 22.54 -5.59
C PHE B 330 -5.26 21.44 -4.64
N GLN B 331 -4.32 20.77 -3.95
CA GLN B 331 -4.72 19.74 -3.00
C GLN B 331 -5.49 20.35 -1.83
N SER B 332 -5.28 21.63 -1.54
CA SER B 332 -5.97 22.28 -0.43
C SER B 332 -7.39 22.68 -0.83
N ARG B 333 -7.53 23.37 -1.96
CA ARG B 333 -8.83 23.91 -2.40
C ARG B 333 -9.10 23.47 -3.83
N PRO B 334 -9.67 22.28 -4.03
CA PRO B 334 -10.06 21.86 -5.38
C PRO B 334 -11.24 22.63 -5.95
N ASP B 335 -11.97 23.40 -5.14
CA ASP B 335 -13.13 24.11 -5.64
C ASP B 335 -12.75 25.14 -6.70
N ILE B 336 -11.67 25.88 -6.47
CA ILE B 336 -11.24 26.89 -7.45
C ILE B 336 -10.72 26.21 -8.71
N LEU B 337 -10.09 25.05 -8.57
CA LEU B 337 -9.42 24.42 -9.70
C LEU B 337 -10.36 24.21 -10.87
N SER B 338 -11.44 23.44 -10.65
CA SER B 338 -12.34 23.07 -11.74
C SER B 338 -12.78 24.27 -12.57
N LYS B 339 -12.91 25.44 -11.94
CA LYS B 339 -13.45 26.60 -12.63
C LYS B 339 -12.46 27.27 -13.57
N ILE B 340 -11.16 27.01 -13.41
CA ILE B 340 -10.16 27.60 -14.30
C ILE B 340 -10.27 26.93 -15.67
N LYS B 341 -10.39 27.76 -16.71
CA LYS B 341 -10.51 27.27 -18.08
C LYS B 341 -9.62 28.11 -18.98
N PHE B 342 -9.37 27.59 -20.18
CA PHE B 342 -8.50 28.24 -21.16
C PHE B 342 -9.19 28.25 -22.51
N PRO B 343 -10.21 29.10 -22.68
CA PRO B 343 -10.82 29.24 -24.01
C PRO B 343 -9.93 30.02 -24.96
N GLU B 344 -10.37 30.19 -26.21
CA GLU B 344 -9.58 30.94 -27.18
C GLU B 344 -9.57 32.44 -26.90
N SER B 345 -10.33 32.91 -25.92
CA SER B 345 -10.39 34.33 -25.60
C SER B 345 -9.21 34.79 -24.74
N ILE B 346 -8.57 33.88 -24.01
CA ILE B 346 -7.51 34.27 -23.09
C ILE B 346 -6.21 34.57 -23.82
N TRP B 347 -5.94 33.89 -24.93
CA TRP B 347 -4.67 34.07 -25.62
C TRP B 347 -4.43 35.52 -26.05
N LYS B 348 -5.45 36.37 -26.00
CA LYS B 348 -5.26 37.79 -26.25
C LYS B 348 -4.52 38.44 -25.09
N ASP B 349 -5.02 38.26 -23.88
CA ASP B 349 -4.39 38.81 -22.68
C ASP B 349 -3.68 37.67 -21.93
N PHE B 350 -2.60 37.22 -22.53
CA PHE B 350 -1.83 36.07 -22.05
C PHE B 350 -0.56 36.57 -21.39
N THR B 351 -0.33 36.16 -20.15
CA THR B 351 0.80 36.65 -19.36
C THR B 351 1.55 35.47 -18.76
N VAL B 352 2.74 35.75 -18.24
CA VAL B 352 3.56 34.72 -17.61
C VAL B 352 2.77 33.99 -16.53
N GLU B 353 1.95 34.73 -15.77
CA GLU B 353 1.17 34.10 -14.71
C GLU B 353 0.19 33.09 -15.27
N ILE B 354 -0.46 33.42 -16.39
CA ILE B 354 -1.41 32.49 -17.00
C ILE B 354 -0.67 31.36 -17.72
N ALA B 355 0.44 31.67 -18.39
CA ALA B 355 1.22 30.65 -19.05
C ALA B 355 1.66 29.57 -18.07
N PHE B 356 2.21 29.98 -16.93
CA PHE B 356 2.59 29.01 -15.91
C PHE B 356 1.39 28.25 -15.40
N LEU B 357 0.28 28.94 -15.14
CA LEU B 357 -0.91 28.27 -14.65
C LEU B 357 -1.41 27.22 -15.65
N PHE B 358 -1.22 27.47 -16.94
CA PHE B 358 -1.60 26.50 -17.96
C PHE B 358 -0.81 25.20 -17.79
N ARG B 359 0.51 25.30 -17.62
CA ARG B 359 1.33 24.11 -17.47
C ARG B 359 1.15 23.47 -16.10
N ALA B 360 0.93 24.27 -15.06
CA ALA B 360 0.86 23.73 -13.72
C ALA B 360 -0.40 22.90 -13.52
N ILE B 361 -1.53 23.36 -14.07
CA ILE B 361 -2.78 22.63 -13.93
C ILE B 361 -2.75 21.36 -14.77
N TYR B 362 -2.32 21.48 -16.03
CA TYR B 362 -2.29 20.31 -16.91
C TYR B 362 -1.42 19.20 -16.31
N LEU B 363 -0.20 19.55 -15.91
CA LEU B 363 0.68 18.55 -15.30
C LEU B 363 0.08 18.01 -14.00
N TYR B 364 -0.53 18.88 -13.20
CA TYR B 364 -1.16 18.43 -11.96
C TYR B 364 -2.28 17.44 -12.24
N CYS B 365 -3.12 17.72 -13.25
CA CYS B 365 -4.22 16.83 -13.55
C CYS B 365 -3.74 15.48 -14.02
N LEU B 366 -2.65 15.44 -14.79
CA LEU B 366 -2.12 14.16 -15.25
C LEU B 366 -1.61 13.32 -14.07
N ASP B 367 -0.82 13.94 -13.19
CA ASP B 367 -0.22 13.18 -12.10
C ASP B 367 -1.28 12.58 -11.18
N ASN B 368 -2.39 13.30 -10.98
CA ASN B 368 -3.49 12.82 -10.15
C ASN B 368 -4.62 12.21 -10.96
N ASN B 369 -4.47 12.11 -12.29
CA ASN B 369 -5.40 11.37 -13.14
C ASN B 369 -6.80 11.97 -13.09
N ILE B 370 -6.91 13.27 -12.78
CA ILE B 370 -8.21 13.93 -12.85
C ILE B 370 -8.41 14.26 -14.33
N THR B 371 -8.91 13.28 -15.08
CA THR B 371 -9.12 13.44 -16.51
C THR B 371 -10.28 14.38 -16.80
N GLU B 372 -11.34 14.29 -16.00
CA GLU B 372 -12.55 15.05 -16.27
C GLU B 372 -12.30 16.54 -16.41
N MET B 373 -11.17 17.04 -15.91
CA MET B 373 -10.83 18.45 -16.07
C MET B 373 -10.03 18.72 -17.33
N LEU B 374 -9.18 17.78 -17.77
CA LEU B 374 -8.36 18.00 -18.94
C LEU B 374 -9.18 18.15 -20.21
N GLU B 375 -10.45 17.77 -20.20
CA GLU B 375 -11.19 17.60 -21.43
C GLU B 375 -11.93 18.86 -21.88
N GLU B 376 -12.54 19.60 -20.96
CA GLU B 376 -13.35 20.76 -21.32
C GLU B 376 -12.64 22.09 -21.08
N ASN B 377 -11.50 22.08 -20.41
CA ASN B 377 -10.83 23.32 -20.04
C ASN B 377 -9.59 23.63 -20.87
N PHE B 378 -9.16 22.71 -21.74
CA PHE B 378 -7.93 22.90 -22.49
C PHE B 378 -8.19 22.82 -23.99
N PRO B 379 -7.38 23.50 -24.81
CA PRO B 379 -7.51 23.35 -26.26
C PRO B 379 -7.05 21.99 -26.74
N GLU B 380 -7.16 21.76 -28.05
CA GLU B 380 -6.66 20.52 -28.64
C GLU B 380 -5.20 20.71 -29.03
N ALA B 381 -4.51 19.59 -29.23
CA ALA B 381 -3.10 19.63 -29.62
C ALA B 381 -2.90 20.55 -30.82
N SER B 382 -3.83 20.51 -31.78
CA SER B 382 -3.71 21.36 -32.96
C SER B 382 -3.75 22.84 -32.57
N LYS B 383 -4.64 23.21 -31.64
CA LYS B 383 -4.73 24.61 -31.23
C LYS B 383 -3.52 25.02 -30.40
N LEU B 384 -3.05 24.15 -29.52
CA LEU B 384 -1.87 24.48 -28.72
C LEU B 384 -0.65 24.72 -29.60
N SER B 385 -0.54 23.99 -30.72
CA SER B 385 0.56 24.21 -31.64
C SER B 385 0.50 25.60 -32.26
N GLU B 386 -0.70 26.04 -32.64
CA GLU B 386 -0.86 27.39 -33.17
C GLU B 386 -0.35 28.44 -32.18
N HIS B 387 -0.83 28.34 -30.92
CA HIS B 387 -0.42 29.33 -29.92
C HIS B 387 1.04 29.16 -29.55
N LEU B 388 1.52 27.93 -29.46
CA LEU B 388 2.94 27.72 -29.24
C LEU B 388 3.76 28.32 -30.37
N ASN B 389 3.41 28.01 -31.62
CA ASN B 389 4.11 28.59 -32.75
C ASN B 389 3.96 30.10 -32.79
N HIS B 390 2.81 30.62 -32.36
CA HIS B 390 2.59 32.06 -32.35
C HIS B 390 3.70 32.76 -31.59
N TYR B 391 3.99 32.32 -30.36
CA TYR B 391 4.99 32.99 -29.54
C TYR B 391 6.40 32.69 -30.01
N ILE B 392 6.62 31.56 -30.68
CA ILE B 392 7.94 31.29 -31.25
C ILE B 392 8.29 32.35 -32.29
N LEU B 393 7.31 32.76 -33.10
CA LEU B 393 7.58 33.74 -34.14
C LEU B 393 7.76 35.13 -33.56
N LEU B 394 7.00 35.47 -32.51
CA LEU B 394 7.19 36.76 -31.86
C LEU B 394 8.65 36.94 -31.43
N ARG B 395 9.26 35.88 -30.92
CA ARG B 395 10.59 35.97 -30.33
C ARG B 395 11.69 35.74 -31.36
N TYR B 396 11.58 34.70 -32.18
CA TYR B 396 12.67 34.27 -33.04
C TYR B 396 12.48 34.64 -34.51
N HIS B 397 11.32 35.12 -34.91
CA HIS B 397 11.09 35.64 -36.26
C HIS B 397 10.66 37.09 -36.09
N HIS B 398 11.64 37.97 -35.94
CA HIS B 398 11.44 39.35 -35.55
C HIS B 398 10.36 40.02 -36.40
N ASN B 399 9.11 39.80 -36.02
CA ASN B 399 7.92 40.43 -36.62
C ASN B 399 8.17 40.97 -38.02
N HIS B 408 5.67 45.29 -26.67
CA HIS B 408 5.22 44.18 -27.51
C HIS B 408 5.84 42.88 -27.04
N PHE B 409 5.60 42.54 -25.78
CA PHE B 409 6.09 41.30 -25.17
C PHE B 409 7.61 41.30 -25.10
N ASP B 410 8.15 41.38 -23.88
CA ASP B 410 9.59 41.29 -23.68
C ASP B 410 10.10 39.90 -24.03
N TYR B 411 11.36 39.83 -24.44
CA TYR B 411 11.94 38.57 -24.88
C TYR B 411 11.92 37.53 -23.76
N ASN B 412 12.42 37.90 -22.58
CA ASN B 412 12.50 36.92 -21.49
C ASN B 412 11.13 36.41 -21.09
N THR B 413 10.09 37.23 -21.24
CA THR B 413 8.74 36.75 -20.95
C THR B 413 8.23 35.86 -22.07
N LEU B 414 8.65 36.12 -23.31
CA LEU B 414 8.29 35.26 -24.42
C LEU B 414 8.90 33.87 -24.26
N GLU B 415 10.21 33.81 -23.97
CA GLU B 415 10.86 32.52 -23.76
C GLU B 415 10.23 31.76 -22.61
N PHE B 416 9.75 32.47 -21.58
CA PHE B 416 9.02 31.82 -20.50
C PHE B 416 7.72 31.21 -21.02
N ILE B 417 6.92 32.01 -21.71
CA ILE B 417 5.66 31.52 -22.27
C ILE B 417 5.91 30.29 -23.14
N ILE B 418 6.89 30.38 -24.04
CA ILE B 418 7.20 29.24 -24.91
C ILE B 418 7.52 28.02 -24.07
N GLU B 419 8.35 28.20 -23.04
CA GLU B 419 8.75 27.07 -22.21
C GLU B 419 7.55 26.45 -21.49
N GLN B 420 6.71 27.30 -20.89
CA GLN B 420 5.53 26.78 -20.19
C GLN B 420 4.66 25.95 -21.13
N LEU B 421 4.38 26.47 -22.32
CA LEU B 421 3.54 25.73 -23.26
C LEU B 421 4.23 24.47 -23.75
N SER B 422 5.56 24.52 -23.93
CA SER B 422 6.28 23.33 -24.36
C SER B 422 6.28 22.26 -23.28
N ILE B 423 6.37 22.66 -22.01
CA ILE B 423 6.34 21.69 -20.92
C ILE B 423 5.02 20.94 -20.92
N ALA B 424 3.90 21.66 -21.10
CA ALA B 424 2.62 21.01 -21.21
C ALA B 424 2.52 20.20 -22.50
N ALA B 425 3.15 20.67 -23.57
CA ALA B 425 3.07 19.98 -24.86
C ALA B 425 3.69 18.58 -24.77
N GLU B 426 4.78 18.43 -24.03
CA GLU B 426 5.43 17.14 -23.93
C GLU B 426 4.48 16.07 -23.42
N ARG B 427 3.69 16.40 -22.39
CA ARG B 427 2.79 15.46 -21.76
C ARG B 427 1.38 15.51 -22.34
N TYR B 428 1.20 16.21 -23.46
CA TYR B 428 -0.12 16.43 -24.02
C TYR B 428 -0.67 15.15 -24.64
N ASP B 429 -1.98 15.18 -24.91
CA ASP B 429 -2.70 14.03 -25.47
C ASP B 429 -2.76 14.20 -26.98
N TYR B 430 -1.88 13.49 -27.69
CA TYR B 430 -1.86 13.49 -29.15
C TYR B 430 -2.58 12.26 -29.70
N SER B 431 -3.89 12.24 -29.46
CA SER B 431 -4.76 11.21 -30.01
C SER B 431 -5.40 11.63 -31.33
N ASP B 432 -4.87 12.66 -31.98
CA ASP B 432 -5.49 13.28 -33.13
C ASP B 432 -4.81 12.92 -34.45
N GLU B 433 -3.48 13.07 -34.51
CA GLU B 433 -2.68 12.87 -35.72
C GLU B 433 -2.66 14.13 -36.57
N VAL B 434 -3.64 15.01 -36.39
CA VAL B 434 -3.58 16.35 -36.98
C VAL B 434 -2.92 17.34 -36.03
N GLY B 435 -3.36 17.33 -34.76
CA GLY B 435 -2.65 18.09 -33.75
C GLY B 435 -1.24 17.57 -33.55
N ARG B 436 -1.04 16.27 -33.73
CA ARG B 436 0.30 15.69 -33.60
C ARG B 436 1.19 16.16 -34.75
N ARG B 437 0.72 16.04 -35.99
CA ARG B 437 1.48 16.53 -37.13
C ARG B 437 1.79 18.02 -36.96
N SER B 438 0.77 18.81 -36.64
CA SER B 438 0.97 20.24 -36.45
C SER B 438 2.03 20.51 -35.40
N MET B 439 1.88 19.93 -34.20
CA MET B 439 2.84 20.16 -33.14
C MET B 439 4.24 19.73 -33.58
N LEU B 440 4.35 18.66 -34.36
CA LEU B 440 5.66 18.14 -34.72
C LEU B 440 6.38 19.08 -35.67
N THR B 441 5.67 19.64 -36.66
CA THR B 441 6.33 20.57 -37.58
C THR B 441 6.67 21.86 -36.88
N VAL B 442 5.83 22.30 -35.94
CA VAL B 442 6.16 23.48 -35.13
C VAL B 442 7.45 23.23 -34.34
N VAL B 443 7.54 22.07 -33.67
CA VAL B 443 8.71 21.77 -32.86
C VAL B 443 9.93 21.55 -33.75
N ARG B 444 9.75 20.86 -34.88
CA ARG B 444 10.85 20.70 -35.83
C ARG B 444 11.42 22.04 -36.24
N ASN B 445 10.56 23.03 -36.47
CA ASN B 445 11.03 24.36 -36.85
C ASN B 445 11.67 25.08 -35.66
N MET B 446 11.17 24.84 -34.45
CA MET B 446 11.77 25.45 -33.27
C MET B 446 13.20 24.98 -33.08
N LEU B 447 13.42 23.67 -33.17
CA LEU B 447 14.75 23.10 -32.97
C LEU B 447 15.72 23.51 -34.06
N ALA B 448 15.22 23.98 -35.21
CA ALA B 448 16.09 24.44 -36.28
C ALA B 448 16.66 25.84 -36.01
N LEU B 449 16.03 26.60 -35.11
CA LEU B 449 16.49 27.95 -34.81
C LEU B 449 17.85 27.89 -34.10
N THR B 450 18.88 28.41 -34.76
CA THR B 450 20.20 28.44 -34.15
C THR B 450 20.28 29.37 -32.95
N THR B 451 19.27 30.21 -32.72
CA THR B 451 19.23 31.12 -31.59
C THR B 451 18.40 30.59 -30.43
N LEU B 452 17.98 29.33 -30.49
CA LEU B 452 17.13 28.77 -29.46
C LEU B 452 17.94 28.52 -28.19
N SER B 453 17.43 29.02 -27.07
CA SER B 453 18.11 28.86 -25.79
C SER B 453 18.18 27.40 -25.39
N GLU B 454 19.11 27.08 -24.49
CA GLU B 454 19.28 25.69 -24.05
C GLU B 454 18.02 25.16 -23.37
N PRO B 455 17.38 25.87 -22.44
CA PRO B 455 16.14 25.33 -21.86
C PRO B 455 15.11 24.95 -22.91
N LEU B 456 14.99 25.73 -23.98
CA LEU B 456 14.01 25.43 -25.03
C LEU B 456 14.50 24.33 -25.96
N ILE B 457 15.81 24.21 -26.16
CA ILE B 457 16.33 23.03 -26.83
C ILE B 457 15.93 21.78 -26.06
N LYS B 458 16.14 21.80 -24.74
CA LYS B 458 15.84 20.64 -23.92
C LYS B 458 14.39 20.20 -24.09
N ILE B 459 13.45 21.09 -23.79
CA ILE B 459 12.04 20.71 -23.83
C ILE B 459 11.61 20.41 -25.25
N GLY B 460 12.20 21.09 -26.24
CA GLY B 460 11.83 20.83 -27.62
C GLY B 460 12.17 19.42 -28.06
N ILE B 461 13.36 18.94 -27.71
CA ILE B 461 13.73 17.56 -28.01
C ILE B 461 12.72 16.60 -27.36
N ARG B 462 12.24 16.96 -26.17
CA ARG B 462 11.39 16.04 -25.42
C ARG B 462 9.97 16.02 -25.94
N VAL B 463 9.43 17.17 -26.35
CA VAL B 463 8.16 17.16 -27.08
C VAL B 463 8.29 16.29 -28.32
N MET B 464 9.39 16.43 -29.05
CA MET B 464 9.60 15.66 -30.26
C MET B 464 9.64 14.17 -29.96
N LYS B 465 10.21 13.79 -28.82
CA LYS B 465 10.23 12.38 -28.42
C LYS B 465 8.82 11.86 -28.21
N SER B 466 7.97 12.65 -27.56
CA SER B 466 6.58 12.24 -27.32
C SER B 466 5.79 12.12 -28.62
N LEU B 467 6.21 12.81 -29.68
CA LEU B 467 5.48 12.82 -30.95
C LEU B 467 5.94 11.74 -31.92
N SER B 468 6.93 10.94 -31.55
CA SER B 468 7.54 9.99 -32.47
C SER B 468 6.87 8.61 -32.37
N ILE B 469 6.61 8.02 -33.52
CA ILE B 469 6.06 6.66 -33.56
C ILE B 469 6.98 5.70 -32.79
N ASN B 470 8.28 5.77 -33.07
CA ASN B 470 9.24 4.84 -32.50
C ASN B 470 10.52 5.58 -32.17
N GLU B 471 11.49 4.85 -31.61
CA GLU B 471 12.74 5.47 -31.19
C GLU B 471 13.74 5.58 -32.33
N LYS B 472 13.72 4.64 -33.27
CA LYS B 472 14.70 4.65 -34.35
C LYS B 472 14.61 5.94 -35.16
N ASP B 473 13.41 6.30 -35.58
CA ASP B 473 13.21 7.49 -36.40
C ASP B 473 13.01 8.76 -35.59
N PHE B 474 13.05 8.66 -34.25
CA PHE B 474 13.24 9.86 -33.43
C PHE B 474 14.70 10.32 -33.51
N VAL B 475 15.64 9.37 -33.45
CA VAL B 475 17.04 9.70 -33.64
C VAL B 475 17.28 10.25 -35.05
N THR B 476 16.73 9.57 -36.05
CA THR B 476 16.84 10.04 -37.43
C THR B 476 16.38 11.49 -37.53
N MET B 477 15.21 11.80 -36.97
CA MET B 477 14.63 13.12 -37.09
C MET B 477 15.51 14.17 -36.40
N ALA B 478 16.03 13.85 -35.21
CA ALA B 478 16.85 14.81 -34.48
C ALA B 478 18.21 15.01 -35.14
N ILE B 479 18.84 13.93 -35.61
CA ILE B 479 20.16 14.06 -36.21
C ILE B 479 20.07 14.81 -37.55
N GLU B 480 18.94 14.69 -38.26
CA GLU B 480 18.74 15.53 -39.43
C GLU B 480 18.80 17.01 -39.06
N ILE B 481 18.11 17.38 -37.96
CA ILE B 481 18.13 18.77 -37.51
C ILE B 481 19.55 19.17 -37.10
N ILE B 482 20.27 18.26 -36.45
CA ILE B 482 21.63 18.57 -36.02
C ILE B 482 22.55 18.70 -37.23
N ASN B 483 22.44 17.77 -38.19
CA ASN B 483 23.27 17.85 -39.38
C ASN B 483 23.02 19.13 -40.17
N ASP B 484 21.77 19.59 -40.20
CA ASP B 484 21.46 20.82 -40.94
C ASP B 484 22.17 22.02 -40.34
N ILE B 485 22.17 22.15 -39.02
CA ILE B 485 22.83 23.27 -38.37
C ILE B 485 24.33 23.24 -38.65
N ARG B 486 24.91 22.04 -38.66
CA ARG B 486 26.34 21.90 -38.96
C ARG B 486 26.61 22.19 -40.44
N ASP B 487 25.80 21.61 -41.33
CA ASP B 487 26.02 21.79 -42.76
C ASP B 487 25.93 23.26 -43.15
N ASP B 488 24.93 23.98 -42.64
CA ASP B 488 24.79 25.39 -42.95
C ASP B 488 26.05 26.17 -42.57
N ASP B 489 26.63 25.88 -41.41
CA ASP B 489 27.82 26.59 -40.98
C ASP B 489 28.97 26.38 -41.96
N ILE B 490 29.11 25.16 -42.50
CA ILE B 490 30.19 24.86 -43.42
C ILE B 490 29.92 25.48 -44.79
N GLU B 491 28.65 25.52 -45.20
CA GLU B 491 28.32 26.03 -46.53
C GLU B 491 28.59 27.53 -46.63
N LYS B 492 28.25 28.29 -45.59
CA LYS B 492 28.45 29.73 -45.62
C LYS B 492 29.93 30.13 -45.55
N GLN B 493 30.83 29.19 -45.26
CA GLN B 493 32.25 29.52 -45.22
C GLN B 493 32.79 29.77 -46.63
N GLU B 494 32.46 28.89 -47.57
CA GLU B 494 32.80 29.03 -48.98
C GLU B 494 34.29 28.97 -49.25
N SER B 495 35.09 28.59 -48.28
CA SER B 495 36.54 28.45 -48.48
C SER B 495 37.19 27.85 -47.23
N GLU B 506 38.39 18.25 -45.71
CA GLU B 506 37.05 18.71 -45.38
C GLU B 506 37.09 19.85 -44.36
N LYS B 507 36.04 20.67 -44.38
CA LYS B 507 35.93 21.80 -43.48
C LYS B 507 35.20 21.39 -42.20
N GLU B 508 35.40 22.19 -41.16
CA GLU B 508 34.78 21.94 -39.87
C GLU B 508 33.97 23.16 -39.44
N ALA B 509 32.90 22.90 -38.70
CA ALA B 509 32.00 23.96 -38.28
C ALA B 509 32.65 24.82 -37.19
N SER B 510 32.14 26.04 -37.05
CA SER B 510 32.65 26.94 -36.04
C SER B 510 32.36 26.39 -34.64
N SER B 511 33.14 26.87 -33.67
CA SER B 511 32.95 26.42 -32.29
C SER B 511 31.55 26.76 -31.79
N ALA B 512 31.00 27.91 -32.20
CA ALA B 512 29.67 28.30 -31.76
C ALA B 512 28.63 27.28 -32.20
N THR B 513 28.70 26.85 -33.46
CA THR B 513 27.71 25.89 -33.95
C THR B 513 27.99 24.47 -33.46
N ILE B 514 29.26 24.14 -33.18
CA ILE B 514 29.56 22.85 -32.59
C ILE B 514 28.93 22.73 -31.21
N VAL B 515 28.79 23.84 -30.49
CA VAL B 515 28.08 23.82 -29.23
C VAL B 515 26.59 23.65 -29.46
N LEU B 516 26.04 24.35 -30.46
CA LEU B 516 24.62 24.22 -30.77
C LEU B 516 24.27 22.78 -31.12
N CYS B 517 25.16 22.09 -31.84
CA CYS B 517 24.87 20.73 -32.27
C CYS B 517 25.02 19.75 -31.11
N LEU B 518 26.11 19.87 -30.34
CA LEU B 518 26.32 18.96 -29.22
C LEU B 518 25.25 19.14 -28.15
N THR B 519 24.81 20.38 -27.92
CA THR B 519 23.75 20.60 -26.95
C THR B 519 22.48 19.86 -27.35
N ARG B 520 22.12 19.93 -28.63
CA ARG B 520 20.96 19.18 -29.12
C ARG B 520 21.22 17.68 -29.06
N SER B 521 22.42 17.24 -29.41
CA SER B 521 22.70 15.80 -29.44
C SER B 521 22.66 15.20 -28.04
N SER B 522 23.07 15.95 -27.02
CA SER B 522 23.09 15.40 -25.66
C SER B 522 21.68 15.21 -25.13
N TYR B 523 20.79 16.17 -25.39
CA TYR B 523 19.39 16.00 -25.00
C TYR B 523 18.67 14.95 -25.84
N MET B 524 19.18 14.66 -27.04
CA MET B 524 18.64 13.55 -27.83
C MET B 524 19.11 12.22 -27.27
N LEU B 525 20.43 12.08 -27.09
CA LEU B 525 20.99 10.83 -26.58
C LEU B 525 20.50 10.49 -25.18
N GLU B 526 20.06 11.48 -24.41
CA GLU B 526 19.52 11.21 -23.08
C GLU B 526 18.20 10.46 -23.15
N LEU B 527 17.49 10.52 -24.27
CA LEU B 527 16.21 9.86 -24.43
C LEU B 527 16.30 8.60 -25.30
N VAL B 528 17.52 8.12 -25.56
CA VAL B 528 17.74 6.92 -26.36
C VAL B 528 18.04 5.77 -25.42
N ASN B 529 17.28 4.67 -25.57
CA ASN B 529 17.44 3.49 -24.73
C ASN B 529 17.55 2.22 -25.58
N THR B 530 18.26 2.31 -26.69
CA THR B 530 18.53 1.17 -27.55
C THR B 530 20.01 1.15 -27.91
N PRO B 531 20.53 -0.01 -28.30
CA PRO B 531 21.97 -0.10 -28.60
C PRO B 531 22.38 0.79 -29.75
N LEU B 532 23.68 1.12 -29.79
CA LEU B 532 24.21 1.92 -30.88
C LEU B 532 24.08 1.18 -32.21
N THR B 533 24.24 -0.15 -32.19
CA THR B 533 24.16 -0.93 -33.40
C THR B 533 22.82 -0.74 -34.10
N GLU B 534 21.77 -0.47 -33.33
CA GLU B 534 20.44 -0.26 -33.89
C GLU B 534 20.18 1.19 -34.27
N ASN B 535 21.12 2.10 -34.00
CA ASN B 535 21.02 3.50 -34.42
C ASN B 535 22.29 3.83 -35.19
N ILE B 536 22.19 3.78 -36.53
CA ILE B 536 23.39 3.86 -37.37
C ILE B 536 23.88 5.30 -37.48
N LEU B 537 22.97 6.27 -37.58
CA LEU B 537 23.40 7.65 -37.72
C LEU B 537 24.22 8.12 -36.53
N ILE B 538 24.08 7.49 -35.37
CA ILE B 538 24.86 7.90 -34.21
C ILE B 538 26.35 7.63 -34.45
N ALA B 539 26.67 6.62 -35.26
CA ALA B 539 28.06 6.41 -35.65
C ALA B 539 28.58 7.58 -36.48
N SER B 540 27.77 8.07 -37.42
CA SER B 540 28.15 9.26 -38.17
C SER B 540 28.25 10.47 -37.26
N LEU B 541 27.32 10.59 -36.30
CA LEU B 541 27.39 11.68 -35.34
C LEU B 541 28.68 11.61 -34.53
N MET B 542 29.11 10.40 -34.18
CA MET B 542 30.38 10.23 -33.49
C MET B 542 31.54 10.80 -34.28
N ASP B 543 31.76 10.27 -35.49
CA ASP B 543 32.96 10.60 -36.25
C ASP B 543 33.04 12.09 -36.55
N THR B 544 31.94 12.69 -37.00
CA THR B 544 31.98 14.07 -37.46
C THR B 544 31.92 15.08 -36.34
N LEU B 545 31.40 14.72 -35.17
CA LEU B 545 31.13 15.73 -34.15
C LEU B 545 31.60 15.35 -32.75
N ILE B 546 31.05 14.28 -32.17
CA ILE B 546 31.33 14.00 -30.76
C ILE B 546 32.81 13.71 -30.56
N THR B 547 33.35 12.74 -31.31
CA THR B 547 34.75 12.35 -31.13
C THR B 547 35.69 13.53 -31.26
N PRO B 548 35.67 14.33 -32.34
CA PRO B 548 36.56 15.49 -32.42
C PRO B 548 36.34 16.51 -31.32
N ALA B 549 35.14 16.56 -30.73
CA ALA B 549 34.88 17.54 -29.67
C ALA B 549 35.65 17.21 -28.41
N VAL B 550 35.77 15.92 -28.07
CA VAL B 550 36.51 15.53 -26.88
C VAL B 550 37.94 16.04 -26.93
N ARG B 551 38.50 16.16 -28.13
CA ARG B 551 39.87 16.61 -28.33
C ARG B 551 39.95 18.08 -28.70
N ASN B 552 38.93 18.87 -28.38
CA ASN B 552 38.84 20.28 -28.75
C ASN B 552 38.76 21.09 -27.47
N THR B 553 39.81 21.84 -27.17
CA THR B 553 39.88 22.62 -25.93
C THR B 553 39.15 23.95 -26.02
N ALA B 554 38.50 24.24 -27.15
CA ALA B 554 37.72 25.46 -27.26
C ALA B 554 36.72 25.51 -26.11
N PRO B 555 36.36 26.69 -25.62
CA PRO B 555 35.53 26.76 -24.40
C PRO B 555 34.23 25.97 -24.55
N ASN B 556 34.00 25.08 -23.59
CA ASN B 556 32.72 24.38 -23.41
C ASN B 556 32.55 23.19 -24.35
N ILE B 557 33.31 23.12 -25.44
CA ILE B 557 33.14 22.02 -26.38
C ILE B 557 33.62 20.71 -25.76
N ARG B 558 34.81 20.72 -25.14
CA ARG B 558 35.36 19.50 -24.59
C ARG B 558 34.43 18.88 -23.55
N GLU B 559 33.83 19.72 -22.69
CA GLU B 559 32.93 19.20 -21.67
C GLU B 559 31.68 18.60 -22.30
N LEU B 560 31.10 19.29 -23.29
CA LEU B 560 29.94 18.74 -24.00
C LEU B 560 30.30 17.46 -24.73
N GLY B 561 31.52 17.38 -25.28
CA GLY B 561 31.92 16.17 -25.97
C GLY B 561 31.92 14.96 -25.05
N VAL B 562 32.48 15.11 -23.85
CA VAL B 562 32.54 13.98 -22.92
C VAL B 562 31.12 13.57 -22.50
N LYS B 563 30.25 14.56 -22.23
CA LYS B 563 28.88 14.24 -21.86
C LYS B 563 28.19 13.48 -22.98
N ASN B 564 28.39 13.90 -24.24
CA ASN B 564 27.84 13.17 -25.36
C ASN B 564 28.47 11.78 -25.48
N LEU B 565 29.80 11.71 -25.38
CA LEU B 565 30.47 10.41 -25.41
C LEU B 565 29.95 9.50 -24.32
N GLY B 566 29.76 10.05 -23.11
CA GLY B 566 29.27 9.22 -22.00
C GLY B 566 27.89 8.65 -22.29
N LEU B 567 26.98 9.49 -22.78
CA LEU B 567 25.64 9.01 -23.11
C LEU B 567 25.68 7.92 -24.17
N CYS B 568 26.70 7.92 -25.03
CA CYS B 568 26.82 6.87 -26.03
C CYS B 568 27.46 5.61 -25.46
N CYS B 569 28.35 5.76 -24.47
CA CYS B 569 28.95 4.60 -23.82
C CYS B 569 27.93 3.80 -23.01
N LEU B 570 26.84 4.43 -22.59
CA LEU B 570 25.78 3.72 -21.86
C LEU B 570 24.94 2.83 -22.77
N LEU B 571 25.21 2.82 -24.07
CA LEU B 571 24.45 2.01 -25.03
C LEU B 571 25.33 1.05 -25.81
N ASP B 572 26.63 1.00 -25.53
CA ASP B 572 27.54 0.07 -26.21
C ASP B 572 28.69 -0.21 -25.27
N VAL B 573 28.74 -1.42 -24.70
CA VAL B 573 29.79 -1.75 -23.74
C VAL B 573 31.15 -1.65 -24.40
N LYS B 574 31.27 -2.09 -25.66
CA LYS B 574 32.55 -2.03 -26.35
C LYS B 574 33.09 -0.61 -26.38
N LEU B 575 32.24 0.34 -26.74
CA LEU B 575 32.67 1.73 -26.79
C LEU B 575 33.15 2.21 -25.42
N ALA B 576 32.40 1.86 -24.36
CA ALA B 576 32.82 2.24 -23.02
C ALA B 576 34.23 1.75 -22.72
N ILE B 577 34.53 0.49 -23.08
CA ILE B 577 35.84 -0.07 -22.83
C ILE B 577 36.93 0.75 -23.51
N ASP B 578 36.68 1.16 -24.75
CA ASP B 578 37.70 1.87 -25.52
C ASP B 578 37.98 3.26 -24.98
N ASN B 579 37.05 3.85 -24.24
CA ASN B 579 37.18 5.23 -23.78
C ASN B 579 37.38 5.36 -22.27
N MET B 580 37.50 4.24 -21.55
CA MET B 580 37.78 4.34 -20.11
C MET B 580 39.09 5.09 -19.87
N TYR B 581 40.12 4.79 -20.66
CA TYR B 581 41.42 5.43 -20.44
C TYR B 581 41.34 6.93 -20.71
N ILE B 582 40.66 7.33 -21.78
CA ILE B 582 40.53 8.75 -22.08
C ILE B 582 39.73 9.46 -20.99
N LEU B 583 38.62 8.86 -20.57
CA LEU B 583 37.82 9.46 -19.51
C LEU B 583 38.63 9.60 -18.22
N GLY B 584 39.38 8.56 -17.87
CA GLY B 584 40.23 8.66 -16.69
C GLY B 584 41.23 9.81 -16.80
N MET B 585 41.75 10.03 -18.01
CA MET B 585 42.70 11.12 -18.21
C MET B 585 42.04 12.47 -18.03
N CYS B 586 40.79 12.61 -18.47
CA CYS B 586 40.05 13.85 -18.26
C CYS B 586 40.03 14.22 -16.78
N VAL B 587 39.85 13.22 -15.91
CA VAL B 587 39.86 13.49 -14.47
C VAL B 587 41.28 13.76 -13.99
N SER B 588 42.23 12.93 -14.42
CA SER B 588 43.59 13.04 -13.91
C SER B 588 44.19 14.40 -14.19
N LYS B 589 44.02 14.91 -15.41
CA LYS B 589 44.74 16.10 -15.85
C LYS B 589 43.85 17.19 -16.44
N GLY B 590 42.54 16.97 -16.53
CA GLY B 590 41.67 17.98 -17.08
C GLY B 590 41.34 19.10 -16.11
N ASN B 591 40.87 20.21 -16.67
CA ASN B 591 40.41 21.31 -15.84
C ASN B 591 39.19 20.90 -15.02
N ALA B 592 38.87 21.71 -14.02
CA ALA B 592 37.81 21.36 -13.08
C ALA B 592 36.48 21.11 -13.79
N SER B 593 36.16 21.93 -14.79
CA SER B 593 34.91 21.74 -15.53
C SER B 593 34.88 20.38 -16.22
N LEU B 594 35.96 20.04 -16.93
CA LEU B 594 36.04 18.74 -17.57
C LEU B 594 36.10 17.62 -16.54
N LYS B 595 36.87 17.81 -15.48
CA LYS B 595 36.98 16.82 -14.43
C LYS B 595 35.62 16.53 -13.80
N TYR B 596 34.79 17.55 -13.66
CA TYR B 596 33.47 17.38 -13.05
C TYR B 596 32.60 16.44 -13.87
N ILE B 597 32.56 16.65 -15.19
CA ILE B 597 31.69 15.84 -16.05
C ILE B 597 32.27 14.45 -16.25
N ALA B 598 33.59 14.34 -16.39
CA ALA B 598 34.21 13.03 -16.65
C ALA B 598 33.94 12.07 -15.50
N LEU B 599 33.98 12.55 -14.27
CA LEU B 599 33.71 11.70 -13.11
C LEU B 599 32.31 11.10 -13.19
N GLN B 600 31.31 11.92 -13.51
CA GLN B 600 29.95 11.43 -13.64
C GLN B 600 29.84 10.37 -14.73
N VAL B 601 30.53 10.59 -15.86
CA VAL B 601 30.48 9.62 -16.95
C VAL B 601 31.04 8.28 -16.49
N ILE B 602 32.22 8.30 -15.86
CA ILE B 602 32.82 7.06 -15.37
C ILE B 602 31.85 6.32 -14.45
N VAL B 603 31.32 7.04 -13.46
CA VAL B 603 30.43 6.41 -12.49
C VAL B 603 29.19 5.84 -13.17
N ASP B 604 28.66 6.56 -14.16
CA ASP B 604 27.47 6.07 -14.85
C ASP B 604 27.78 4.87 -15.72
N ILE B 605 28.97 4.82 -16.31
CA ILE B 605 29.37 3.64 -17.07
C ILE B 605 29.42 2.42 -16.16
N PHE B 606 30.06 2.56 -15.00
CA PHE B 606 30.08 1.46 -14.02
C PHE B 606 28.67 1.08 -13.60
N SER B 607 27.79 2.08 -13.43
CA SER B 607 26.42 1.81 -13.00
C SER B 607 25.67 0.96 -14.01
N VAL B 608 26.07 1.02 -15.29
CA VAL B 608 25.28 0.42 -16.37
C VAL B 608 25.94 -0.86 -16.84
N HIS B 609 27.28 -0.90 -16.78
CA HIS B 609 28.02 -2.04 -17.32
C HIS B 609 28.70 -2.88 -16.25
N GLY B 610 28.77 -2.42 -15.02
CA GLY B 610 29.50 -3.15 -14.00
C GLY B 610 30.99 -3.15 -14.28
N ASN B 611 31.66 -4.20 -13.81
CA ASN B 611 33.11 -4.31 -13.95
C ASN B 611 33.52 -4.96 -15.26
N THR B 612 32.62 -5.03 -16.24
CA THR B 612 32.99 -5.52 -17.56
C THR B 612 33.99 -4.62 -18.26
N VAL B 613 34.03 -3.34 -17.90
CA VAL B 613 34.78 -2.34 -18.65
C VAL B 613 36.20 -2.20 -18.13
N VAL B 614 36.59 -3.06 -17.18
CA VAL B 614 37.90 -2.97 -16.56
C VAL B 614 38.45 -4.38 -16.31
N ASP B 615 39.75 -4.43 -16.02
CA ASP B 615 40.41 -5.63 -15.52
C ASP B 615 40.51 -6.71 -16.60
N GLY B 616 41.27 -6.43 -17.65
CA GLY B 616 41.55 -7.41 -18.67
C GLY B 616 42.64 -6.90 -19.58
N GLU B 617 42.86 -7.64 -20.67
CA GLU B 617 43.78 -7.21 -21.71
C GLU B 617 43.03 -6.30 -22.68
N GLY B 618 43.62 -5.13 -22.96
CA GLY B 618 42.92 -4.10 -23.69
C GLY B 618 41.95 -3.29 -22.86
N LYS B 619 41.89 -3.53 -21.55
CA LYS B 619 40.99 -2.82 -20.65
C LYS B 619 41.80 -2.09 -19.58
N VAL B 620 41.28 -0.93 -19.17
CA VAL B 620 41.87 -0.20 -18.05
C VAL B 620 41.73 -1.02 -16.78
N ASP B 621 42.73 -0.96 -15.91
CA ASP B 621 42.68 -1.67 -14.65
C ASP B 621 42.02 -0.80 -13.58
N SER B 622 41.29 -1.47 -12.66
CA SER B 622 40.49 -0.74 -11.69
C SER B 622 41.35 0.05 -10.71
N ILE B 623 42.53 -0.46 -10.37
CA ILE B 623 43.38 0.25 -9.40
C ILE B 623 43.72 1.64 -9.91
N SER B 624 43.97 1.78 -11.22
CA SER B 624 44.22 3.11 -11.78
C SER B 624 43.06 4.04 -11.51
N LEU B 625 41.83 3.56 -11.70
CA LEU B 625 40.65 4.39 -11.45
C LEU B 625 40.44 4.61 -9.96
N HIS B 626 40.75 3.62 -9.13
CA HIS B 626 40.64 3.79 -7.69
C HIS B 626 41.49 4.97 -7.21
N LYS B 627 42.71 5.09 -7.74
CA LYS B 627 43.57 6.20 -7.34
C LYS B 627 43.10 7.51 -7.95
N ILE B 628 42.54 7.48 -9.16
CA ILE B 628 41.94 8.69 -9.73
C ILE B 628 40.81 9.19 -8.84
N PHE B 629 39.89 8.30 -8.49
CA PHE B 629 38.81 8.66 -7.57
C PHE B 629 39.37 9.16 -6.24
N TYR B 630 40.32 8.41 -5.67
CA TYR B 630 40.88 8.78 -4.37
C TYR B 630 41.54 10.15 -4.43
N LYS B 631 42.23 10.46 -5.53
CA LYS B 631 42.90 11.74 -5.66
C LYS B 631 41.91 12.90 -5.64
N VAL B 632 40.69 12.68 -6.15
CA VAL B 632 39.68 13.73 -6.16
C VAL B 632 39.06 13.90 -4.78
N LEU B 633 38.82 12.79 -4.08
CA LEU B 633 38.24 12.87 -2.74
C LEU B 633 39.12 13.71 -1.82
N LYS B 634 40.44 13.55 -1.91
CA LYS B 634 41.36 14.24 -1.01
C LYS B 634 41.57 15.70 -1.38
N ASN B 635 41.09 16.14 -2.53
CA ASN B 635 41.36 17.50 -3.01
C ASN B 635 40.27 18.43 -2.49
N ASN B 636 40.53 19.05 -1.35
CA ASN B 636 39.59 20.00 -0.78
C ASN B 636 39.49 21.29 -1.60
N GLY B 637 40.42 21.52 -2.53
CA GLY B 637 40.37 22.70 -3.38
C GLY B 637 39.37 22.62 -4.52
N LEU B 638 38.80 21.46 -4.76
CA LEU B 638 37.75 21.27 -5.77
C LEU B 638 36.56 20.59 -5.10
N PRO B 639 35.84 21.33 -4.24
CA PRO B 639 34.78 20.69 -3.44
C PRO B 639 33.67 20.07 -4.28
N GLU B 640 33.27 20.71 -5.37
CA GLU B 640 32.18 20.16 -6.18
C GLU B 640 32.56 18.83 -6.79
N CYS B 641 33.82 18.66 -7.17
CA CYS B 641 34.27 17.37 -7.68
C CYS B 641 34.31 16.32 -6.57
N GLN B 642 34.62 16.74 -5.34
CA GLN B 642 34.60 15.80 -4.22
C GLN B 642 33.22 15.20 -4.02
N VAL B 643 32.18 16.03 -4.12
CA VAL B 643 30.82 15.55 -3.90
C VAL B 643 30.47 14.47 -4.93
N ILE B 644 30.87 14.69 -6.18
CA ILE B 644 30.64 13.67 -7.21
C ILE B 644 31.38 12.40 -6.86
N ALA B 645 32.68 12.52 -6.56
CA ALA B 645 33.45 11.36 -6.14
C ALA B 645 32.80 10.66 -4.96
N ALA B 646 32.45 11.43 -3.92
CA ALA B 646 31.79 10.86 -2.75
C ALA B 646 30.51 10.14 -3.15
N GLU B 647 29.56 10.87 -3.72
CA GLU B 647 28.28 10.27 -4.10
C GLU B 647 28.48 9.15 -5.11
N GLY B 648 29.37 9.35 -6.08
CA GLY B 648 29.59 8.32 -7.09
C GLY B 648 30.07 7.01 -6.50
N LEU B 649 31.04 7.08 -5.60
CA LEU B 649 31.58 5.87 -4.99
C LEU B 649 30.53 5.15 -4.16
N CYS B 650 29.72 5.90 -3.40
CA CYS B 650 28.64 5.29 -2.64
C CYS B 650 27.68 4.55 -3.55
N LYS B 651 27.37 5.13 -4.71
CA LYS B 651 26.50 4.46 -5.66
C LYS B 651 27.10 3.14 -6.13
N LEU B 652 28.41 3.11 -6.35
CA LEU B 652 29.04 1.90 -6.87
C LEU B 652 29.20 0.84 -5.78
N PHE B 653 29.50 1.24 -4.55
CA PHE B 653 29.58 0.28 -3.45
C PHE B 653 28.21 -0.32 -3.17
N LEU B 654 27.16 0.51 -3.18
CA LEU B 654 25.82 0.01 -2.97
C LEU B 654 25.42 -0.98 -4.05
N ALA B 655 25.78 -0.70 -5.30
CA ALA B 655 25.51 -1.60 -6.41
C ALA B 655 26.43 -2.81 -6.43
N ASP B 656 27.34 -2.92 -5.46
CA ASP B 656 28.32 -4.02 -5.40
C ASP B 656 29.22 -4.05 -6.61
N VAL B 657 29.31 -2.94 -7.35
CA VAL B 657 30.31 -2.82 -8.40
C VAL B 657 31.69 -2.63 -7.77
N PHE B 658 31.77 -1.89 -6.68
CA PHE B 658 33.00 -1.69 -5.93
C PHE B 658 32.94 -2.46 -4.62
N THR B 659 34.09 -2.96 -4.20
CA THR B 659 34.18 -3.77 -3.00
C THR B 659 35.52 -3.65 -2.28
N ASP B 660 36.47 -2.88 -2.80
CA ASP B 660 37.79 -2.80 -2.19
C ASP B 660 37.69 -2.26 -0.78
N ASP B 661 38.18 -3.04 0.20
CA ASP B 661 38.15 -2.61 1.59
C ASP B 661 38.90 -1.29 1.76
N ASP B 662 40.12 -1.20 1.23
CA ASP B 662 40.91 0.00 1.42
C ASP B 662 40.22 1.23 0.84
N LEU B 663 39.55 1.06 -0.30
CA LEU B 663 38.81 2.18 -0.88
C LEU B 663 37.62 2.55 -0.02
N PHE B 664 36.88 1.56 0.48
CA PHE B 664 35.75 1.83 1.36
C PHE B 664 36.21 2.55 2.63
N GLU B 665 37.40 2.18 3.13
CA GLU B 665 37.93 2.84 4.32
C GLU B 665 38.19 4.32 4.06
N THR B 666 38.65 4.65 2.86
CA THR B 666 38.87 6.06 2.53
C THR B 666 37.56 6.83 2.44
N LEU B 667 36.47 6.17 2.04
CA LEU B 667 35.17 6.84 2.03
C LEU B 667 34.78 7.29 3.44
N VAL B 668 34.80 6.37 4.40
CA VAL B 668 34.42 6.71 5.76
C VAL B 668 35.36 7.77 6.32
N LEU B 669 36.67 7.55 6.13
CA LEU B 669 37.64 8.54 6.59
C LEU B 669 37.38 9.90 5.95
N SER B 670 36.94 9.91 4.69
CA SER B 670 36.59 11.16 4.05
C SER B 670 35.44 11.85 4.77
N TYR B 671 34.46 11.07 5.22
CA TYR B 671 33.29 11.64 5.87
C TYR B 671 33.66 12.30 7.19
N PHE B 672 34.54 11.67 7.97
CA PHE B 672 34.92 12.18 9.28
C PHE B 672 36.08 13.17 9.22
N SER B 673 36.75 13.29 8.09
CA SER B 673 37.97 14.09 8.02
C SER B 673 37.69 15.52 8.48
N PRO B 674 38.61 16.15 9.21
CA PRO B 674 38.43 17.56 9.56
C PRO B 674 38.62 18.50 8.39
N ILE B 675 39.31 18.06 7.34
CA ILE B 675 39.53 18.93 6.18
C ILE B 675 38.24 19.10 5.39
N ASN B 676 37.44 18.04 5.30
CA ASN B 676 36.19 18.06 4.54
C ASN B 676 35.01 18.58 5.35
N SER B 677 35.22 18.98 6.61
CA SER B 677 34.13 19.50 7.41
C SER B 677 33.44 20.67 6.74
N SER B 678 34.15 21.41 5.88
CA SER B 678 33.59 22.57 5.20
C SER B 678 32.70 22.20 4.03
N ASN B 679 32.88 20.99 3.47
CA ASN B 679 32.10 20.57 2.30
C ASN B 679 30.77 20.00 2.79
N GLU B 680 29.78 20.88 2.93
CA GLU B 680 28.50 20.47 3.48
C GLU B 680 27.84 19.40 2.60
N ALA B 681 27.89 19.58 1.28
CA ALA B 681 27.25 18.63 0.38
C ALA B 681 27.90 17.26 0.48
N LEU B 682 29.22 17.22 0.66
CA LEU B 682 29.91 15.94 0.84
C LEU B 682 29.48 15.27 2.13
N VAL B 683 29.52 16.00 3.24
CA VAL B 683 29.11 15.43 4.53
C VAL B 683 27.72 14.83 4.42
N GLN B 684 26.78 15.58 3.83
CA GLN B 684 25.40 15.09 3.72
C GLN B 684 25.32 13.85 2.84
N ALA B 685 26.12 13.80 1.77
CA ALA B 685 26.11 12.63 0.91
C ALA B 685 26.48 11.37 1.70
N PHE B 686 27.55 11.45 2.48
CA PHE B 686 27.97 10.30 3.29
C PHE B 686 27.00 10.05 4.44
N ALA B 687 26.49 11.12 5.05
CA ALA B 687 25.57 10.95 6.16
C ALA B 687 24.38 10.07 5.78
N PHE B 688 23.92 10.17 4.53
CA PHE B 688 22.79 9.39 4.05
C PHE B 688 23.22 8.04 3.51
N CYS B 689 24.35 7.97 2.81
CA CYS B 689 24.70 6.77 2.05
C CYS B 689 25.35 5.71 2.93
N ILE B 690 26.22 6.11 3.88
CA ILE B 690 26.90 5.12 4.72
C ILE B 690 25.91 4.27 5.49
N PRO B 691 24.93 4.83 6.22
CA PRO B 691 23.95 3.95 6.89
C PRO B 691 23.21 3.06 5.92
N VAL B 692 22.72 3.63 4.81
CA VAL B 692 22.02 2.84 3.81
C VAL B 692 22.88 1.66 3.36
N TYR B 693 24.17 1.90 3.16
CA TYR B 693 25.05 0.82 2.70
C TYR B 693 25.14 -0.29 3.73
N CYS B 694 25.44 0.06 4.99
CA CYS B 694 25.62 -0.95 6.01
C CYS B 694 24.33 -1.73 6.26
N PHE B 695 23.20 -1.04 6.31
CA PHE B 695 21.94 -1.67 6.67
C PHE B 695 21.23 -2.31 5.49
N SER B 696 21.77 -2.19 4.27
CA SER B 696 21.09 -2.74 3.10
C SER B 696 21.41 -4.21 2.87
N HIS B 697 22.52 -4.71 3.41
CA HIS B 697 22.93 -6.10 3.19
C HIS B 697 24.00 -6.46 4.21
N PRO B 698 24.03 -7.71 4.69
CA PRO B 698 25.05 -8.07 5.68
C PRO B 698 26.48 -7.96 5.16
N ALA B 699 26.71 -8.30 3.89
CA ALA B 699 28.05 -8.20 3.33
C ALA B 699 28.57 -6.77 3.40
N HIS B 700 27.69 -5.79 3.21
CA HIS B 700 28.09 -4.40 3.34
C HIS B 700 28.46 -4.07 4.79
N GLN B 701 27.57 -4.42 5.72
CA GLN B 701 27.85 -4.16 7.13
C GLN B 701 29.12 -4.85 7.57
N GLN B 702 29.34 -6.08 7.11
CA GLN B 702 30.55 -6.81 7.49
C GLN B 702 31.80 -6.10 6.98
N ARG B 703 31.71 -5.49 5.79
CA ARG B 703 32.85 -4.74 5.25
C ARG B 703 33.19 -3.56 6.15
N MET B 704 32.17 -2.87 6.65
CA MET B 704 32.42 -1.82 7.65
C MET B 704 33.13 -2.39 8.86
N SER B 705 32.76 -3.61 9.27
CA SER B 705 33.29 -4.18 10.50
C SER B 705 34.78 -4.45 10.40
N ARG B 706 35.25 -4.96 9.25
CA ARG B 706 36.67 -5.24 9.08
C ARG B 706 37.49 -3.96 9.14
N THR B 707 36.97 -2.88 8.57
CA THR B 707 37.71 -1.63 8.42
C THR B 707 37.41 -0.62 9.52
N ALA B 708 36.31 -0.78 10.26
CA ALA B 708 35.92 0.25 11.21
C ALA B 708 36.94 0.42 12.33
N ALA B 709 37.69 -0.63 12.67
CA ALA B 709 38.69 -0.50 13.72
C ALA B 709 39.83 0.39 13.28
N ASP B 710 40.36 0.16 12.07
CA ASP B 710 41.42 1.02 11.56
C ASP B 710 40.90 2.45 11.37
N ILE B 711 39.66 2.59 10.90
CA ILE B 711 39.05 3.92 10.77
C ILE B 711 39.12 4.66 12.09
N LEU B 712 38.64 4.02 13.16
CA LEU B 712 38.62 4.66 14.46
C LEU B 712 40.02 5.06 14.91
N LEU B 713 40.99 4.16 14.75
CA LEU B 713 42.36 4.46 15.16
C LEU B 713 42.88 5.69 14.44
N ARG B 714 42.78 5.71 13.11
CA ARG B 714 43.37 6.79 12.33
C ARG B 714 42.74 8.14 12.69
N LEU B 715 41.41 8.16 12.86
CA LEU B 715 40.75 9.40 13.26
C LEU B 715 41.17 9.84 14.66
N CYS B 716 41.41 8.89 15.56
CA CYS B 716 41.93 9.25 16.87
C CYS B 716 43.28 9.94 16.75
N VAL B 717 44.13 9.45 15.84
CA VAL B 717 45.41 10.12 15.57
C VAL B 717 45.15 11.52 15.04
N LEU B 718 44.31 11.64 14.02
CA LEU B 718 44.02 12.95 13.44
C LEU B 718 43.46 13.90 14.49
N TRP B 719 42.43 13.47 15.22
CA TRP B 719 41.85 14.33 16.24
C TRP B 719 42.89 14.73 17.26
N ASP B 720 43.78 13.81 17.63
CA ASP B 720 44.80 14.11 18.63
C ASP B 720 45.71 15.24 18.14
N ASP B 721 46.36 15.04 17.00
CA ASP B 721 47.26 16.07 16.47
C ASP B 721 46.52 17.37 16.21
N LEU B 722 45.26 17.29 15.78
CA LEU B 722 44.47 18.50 15.55
C LEU B 722 44.32 19.30 16.84
N GLN B 723 44.24 18.62 17.99
CA GLN B 723 44.03 19.30 19.26
C GLN B 723 45.32 19.80 19.90
N SER B 724 46.46 19.20 19.56
CA SER B 724 47.71 19.48 20.27
C SER B 724 48.78 20.14 19.42
N SER B 725 48.66 20.11 18.10
CA SER B 725 49.69 20.69 17.24
C SER B 725 49.60 22.21 17.26
N VAL B 726 50.75 22.86 17.03
CA VAL B 726 50.81 24.31 17.03
C VAL B 726 49.94 24.87 15.90
N ILE B 727 50.13 24.37 14.69
CA ILE B 727 49.42 24.87 13.52
C ILE B 727 48.53 23.76 12.94
N PRO B 728 47.33 23.56 13.47
CA PRO B 728 46.41 22.60 12.86
C PRO B 728 45.99 23.06 11.47
N GLU B 729 45.56 22.08 10.66
CA GLU B 729 45.14 22.39 9.30
C GLU B 729 43.86 23.23 9.30
N VAL B 730 42.94 22.95 10.21
CA VAL B 730 41.66 23.66 10.27
C VAL B 730 41.29 23.90 11.72
N ASP B 731 40.06 24.35 11.96
CA ASP B 731 39.60 24.58 13.31
C ASP B 731 39.68 23.30 14.13
N ARG B 732 40.03 23.44 15.41
CA ARG B 732 40.17 22.29 16.29
C ARG B 732 38.83 21.65 16.61
N GLU B 733 37.72 22.37 16.45
CA GLU B 733 36.39 21.82 16.62
C GLU B 733 35.81 21.29 15.32
N ALA B 734 36.63 21.16 14.27
CA ALA B 734 36.11 20.91 12.93
C ALA B 734 35.57 19.48 12.79
N MET B 735 36.09 18.54 13.57
CA MET B 735 35.67 17.15 13.46
C MET B 735 35.06 16.68 14.78
N LEU B 736 34.41 15.53 14.71
CA LEU B 736 33.77 14.93 15.87
C LEU B 736 34.80 14.31 16.80
N LYS B 737 34.51 14.36 18.10
CA LYS B 737 35.37 13.73 19.08
C LYS B 737 35.32 12.21 18.93
N PRO B 738 36.43 11.51 19.19
CA PRO B 738 36.44 10.05 19.02
C PRO B 738 35.26 9.31 19.65
N ASN B 739 34.77 9.76 20.80
CA ASN B 739 33.64 9.07 21.42
C ASN B 739 32.41 9.10 20.51
N ILE B 740 32.14 10.25 19.89
CA ILE B 740 31.01 10.34 18.97
C ILE B 740 31.28 9.50 17.73
N ILE B 741 32.51 9.54 17.22
CA ILE B 741 32.87 8.69 16.09
C ILE B 741 32.65 7.22 16.44
N PHE B 742 33.16 6.79 17.59
CA PHE B 742 33.05 5.40 17.98
C PHE B 742 31.59 4.98 18.15
N GLN B 743 30.75 5.89 18.66
CA GLN B 743 29.33 5.58 18.83
C GLN B 743 28.67 5.29 17.49
N GLN B 744 28.99 6.08 16.46
CA GLN B 744 28.36 5.89 15.16
C GLN B 744 28.90 4.64 14.46
N LEU B 745 30.19 4.33 14.65
CA LEU B 745 30.73 3.09 14.11
C LEU B 745 30.01 1.88 14.71
N LEU B 746 29.64 1.98 15.99
CA LEU B 746 28.83 0.92 16.58
C LEU B 746 27.43 0.89 15.97
N PHE B 747 26.83 2.07 15.74
CA PHE B 747 25.52 2.11 15.13
C PHE B 747 25.51 1.45 13.75
N TRP B 748 26.55 1.69 12.96
CA TRP B 748 26.61 1.12 11.62
C TRP B 748 26.88 -0.38 11.65
N THR B 749 27.64 -0.84 12.65
CA THR B 749 27.98 -2.25 12.75
C THR B 749 26.94 -3.07 13.51
N ASP B 750 25.99 -2.43 14.17
CA ASP B 750 24.97 -3.14 14.94
C ASP B 750 24.14 -4.01 14.01
N PRO B 751 24.10 -5.33 14.21
CA PRO B 751 23.32 -6.19 13.30
C PRO B 751 21.81 -6.00 13.43
N ARG B 752 21.33 -5.42 14.52
CA ARG B 752 19.90 -5.21 14.69
C ARG B 752 19.35 -4.19 13.69
N ASN B 753 20.20 -3.31 13.16
CA ASN B 753 19.77 -2.30 12.21
C ASN B 753 19.64 -2.83 10.78
N LEU B 754 20.11 -4.05 10.51
CA LEU B 754 19.98 -4.62 9.18
C LEU B 754 18.52 -4.76 8.79
N VAL B 755 18.21 -4.44 7.53
CA VAL B 755 16.88 -4.70 7.01
C VAL B 755 16.72 -6.17 6.68
N ASN B 756 17.79 -6.81 6.18
CA ASN B 756 17.81 -8.25 5.97
C ASN B 756 18.05 -8.93 7.32
N GLN B 757 17.05 -8.82 8.18
CA GLN B 757 17.14 -9.21 9.58
C GLN B 757 16.16 -10.35 9.83
N THR B 758 16.61 -11.58 9.61
CA THR B 758 15.77 -12.75 9.89
C THR B 758 16.66 -13.93 10.21
N GLY B 759 16.39 -14.59 11.33
CA GLY B 759 17.07 -15.81 11.70
C GLY B 759 18.46 -15.59 12.29
N SER B 760 19.38 -15.09 11.48
CA SER B 760 20.78 -14.96 11.87
C SER B 760 21.09 -13.62 12.54
N THR B 761 20.08 -12.79 12.78
CA THR B 761 20.36 -11.46 13.34
C THR B 761 20.96 -11.56 14.74
N LYS B 762 20.43 -12.45 15.58
CA LYS B 762 20.94 -12.60 16.93
C LYS B 762 22.19 -13.46 16.99
N LYS B 763 22.40 -14.33 15.99
CA LYS B 763 23.64 -15.08 15.89
C LYS B 763 24.77 -14.28 15.25
N ASP B 764 24.44 -13.20 14.53
CA ASP B 764 25.46 -12.45 13.82
C ASP B 764 26.47 -11.85 14.79
N THR B 765 27.75 -12.12 14.54
CA THR B 765 28.84 -11.63 15.37
C THR B 765 29.58 -10.46 14.74
N VAL B 766 28.97 -9.82 13.72
CA VAL B 766 29.66 -8.79 12.97
C VAL B 766 30.13 -7.66 13.89
N GLN B 767 29.31 -7.31 14.89
CA GLN B 767 29.68 -6.22 15.78
C GLN B 767 30.76 -6.64 16.77
N LEU B 768 30.71 -7.89 17.24
CA LEU B 768 31.70 -8.37 18.19
C LEU B 768 33.10 -8.31 17.59
N THR B 769 33.26 -8.85 16.39
CA THR B 769 34.58 -8.86 15.76
C THR B 769 35.09 -7.44 15.55
N PHE B 770 34.20 -6.47 15.38
CA PHE B 770 34.62 -5.08 15.29
C PHE B 770 35.25 -4.62 16.59
N LEU B 771 34.55 -4.79 17.72
CA LEU B 771 35.08 -4.35 18.99
C LEU B 771 36.37 -5.08 19.34
N ILE B 772 36.41 -6.39 19.09
CA ILE B 772 37.67 -7.12 19.27
C ILE B 772 38.80 -6.36 18.61
N ASP B 773 38.62 -6.00 17.33
CA ASP B 773 39.63 -5.21 16.64
C ASP B 773 39.88 -3.88 17.33
N VAL B 774 38.84 -3.29 17.94
CA VAL B 774 39.02 -2.01 18.63
C VAL B 774 39.95 -2.18 19.83
N LEU B 775 39.70 -3.20 20.66
CA LEU B 775 40.54 -3.41 21.83
C LEU B 775 41.95 -3.85 21.46
N LYS B 776 42.13 -4.44 20.28
CA LYS B 776 43.48 -4.79 19.84
C LYS B 776 44.30 -3.56 19.52
N ILE B 777 43.67 -2.54 18.89
CA ILE B 777 44.35 -1.28 18.64
C ILE B 777 44.23 -0.32 19.82
N TYR B 778 43.43 -0.66 20.84
CA TYR B 778 43.35 0.15 22.04
C TYR B 778 44.72 0.38 22.67
N ALA B 779 45.69 -0.49 22.38
CA ALA B 779 47.04 -0.30 22.90
C ALA B 779 47.71 0.94 22.32
N GLN B 780 47.41 1.27 21.07
CA GLN B 780 48.15 2.30 20.34
C GLN B 780 47.61 3.71 20.60
N ILE B 781 46.55 3.86 21.37
CA ILE B 781 46.00 5.19 21.67
C ILE B 781 46.90 5.79 22.75
N GLU B 782 47.78 6.71 22.35
CA GLU B 782 48.84 7.17 23.25
C GLU B 782 48.27 7.93 24.43
N LYS B 783 47.44 8.94 24.18
CA LYS B 783 46.93 9.78 25.26
C LYS B 783 45.70 9.15 25.90
N LYS B 784 45.53 9.41 27.19
CA LYS B 784 44.59 8.67 28.02
C LYS B 784 43.15 9.11 27.79
N GLU B 785 42.89 10.41 27.67
CA GLU B 785 41.51 10.86 27.53
C GLU B 785 40.83 10.23 26.33
N ILE B 786 41.60 9.91 25.29
CA ILE B 786 41.02 9.24 24.13
C ILE B 786 40.75 7.77 24.44
N LYS B 787 41.60 7.13 25.26
CA LYS B 787 41.30 5.78 25.73
C LYS B 787 39.98 5.76 26.49
N LYS B 788 39.74 6.77 27.33
CA LYS B 788 38.51 6.80 28.11
C LYS B 788 37.30 6.99 27.21
N MET B 789 37.43 7.82 26.18
CA MET B 789 36.32 8.06 25.27
C MET B 789 35.87 6.76 24.60
N ILE B 790 36.82 5.90 24.24
CA ILE B 790 36.48 4.63 23.60
C ILE B 790 35.83 3.68 24.60
N ILE B 791 36.41 3.58 25.81
CA ILE B 791 35.98 2.55 26.75
C ILE B 791 34.65 2.90 27.40
N THR B 792 34.23 4.16 27.36
CA THR B 792 32.96 4.53 27.99
C THR B 792 31.77 4.01 27.20
N ASN B 793 31.91 3.86 25.89
CA ASN B 793 30.79 3.57 25.02
C ASN B 793 30.73 2.10 24.57
N ILE B 794 31.54 1.23 25.17
CA ILE B 794 31.52 -0.18 24.78
C ILE B 794 30.25 -0.90 25.19
N ASN B 795 29.43 -0.30 26.07
CA ASN B 795 28.24 -0.98 26.56
C ASN B 795 27.07 -0.92 25.57
N ALA B 796 27.23 -0.28 24.42
CA ALA B 796 26.17 -0.19 23.43
C ALA B 796 26.15 -1.40 22.49
N ILE B 797 26.98 -2.40 22.74
CA ILE B 797 27.10 -3.54 21.86
C ILE B 797 25.96 -4.52 22.09
N PHE B 798 25.61 -5.27 21.05
CA PHE B 798 24.55 -6.27 21.13
C PHE B 798 25.17 -7.63 21.46
N LEU B 799 24.78 -8.18 22.61
CA LEU B 799 25.20 -9.50 23.03
C LEU B 799 24.00 -10.44 23.04
N SER B 800 24.26 -11.72 22.74
CA SER B 800 23.19 -12.70 22.73
C SER B 800 23.80 -14.08 22.95
N SER B 801 23.00 -14.97 23.55
CA SER B 801 23.45 -16.34 23.78
C SER B 801 23.67 -17.11 22.49
N GLU B 802 23.05 -16.66 21.39
CA GLU B 802 23.17 -17.36 20.12
C GLU B 802 24.42 -16.98 19.34
N GLN B 803 25.17 -15.98 19.80
CA GLN B 803 26.39 -15.59 19.12
C GLN B 803 27.49 -16.63 19.36
N ASP B 804 28.44 -16.71 18.42
CA ASP B 804 29.43 -17.78 18.40
C ASP B 804 30.26 -17.84 19.68
N TYR B 805 30.05 -18.91 20.46
CA TYR B 805 30.80 -19.12 21.71
C TYR B 805 32.26 -18.70 21.62
N SER B 806 32.94 -19.09 20.53
CA SER B 806 34.36 -18.81 20.42
C SER B 806 34.64 -17.32 20.46
N THR B 807 33.84 -16.51 19.75
CA THR B 807 34.17 -15.10 19.58
C THR B 807 33.91 -14.30 20.85
N LEU B 808 32.84 -14.61 21.58
CA LEU B 808 32.55 -13.87 22.81
C LEU B 808 33.66 -14.04 23.83
N LYS B 809 34.17 -15.27 23.98
CA LYS B 809 35.25 -15.49 24.93
C LYS B 809 36.52 -14.77 24.50
N GLU B 810 36.87 -14.86 23.21
CA GLU B 810 38.00 -14.10 22.70
C GLU B 810 37.86 -12.62 23.07
N LEU B 811 36.66 -12.07 22.86
CA LEU B 811 36.43 -10.68 23.24
C LEU B 811 36.68 -10.46 24.72
N LEU B 812 36.28 -11.42 25.55
CA LEU B 812 36.47 -11.26 26.99
C LEU B 812 37.95 -11.34 27.37
N GLU B 813 38.74 -12.14 26.64
CA GLU B 813 40.18 -12.19 26.88
C GLU B 813 40.77 -10.79 26.85
N TYR B 814 40.57 -10.07 25.75
CA TYR B 814 41.02 -8.69 25.66
C TYR B 814 40.34 -7.82 26.72
N SER B 815 39.02 -7.94 26.83
CA SER B 815 38.29 -7.16 27.83
C SER B 815 38.83 -7.41 29.22
N ASP B 816 39.14 -8.67 29.55
CA ASP B 816 39.75 -8.98 30.84
C ASP B 816 41.13 -8.33 30.96
N ASP B 817 41.90 -8.33 29.87
CA ASP B 817 43.26 -7.81 29.92
C ASP B 817 43.28 -6.34 30.30
N ILE B 818 42.47 -5.52 29.63
CA ILE B 818 42.47 -4.09 29.90
C ILE B 818 42.15 -3.81 31.35
N ALA B 819 41.47 -4.73 32.03
CA ALA B 819 41.27 -4.62 33.48
C ALA B 819 42.52 -5.00 34.26
N GLU B 820 43.42 -5.78 33.66
CA GLU B 820 44.67 -6.17 34.31
C GLU B 820 45.70 -5.07 34.32
N ASN B 821 45.54 -4.04 33.50
CA ASN B 821 46.55 -2.98 33.37
C ASN B 821 45.86 -1.67 33.04
N ASP B 822 46.62 -0.59 33.16
CA ASP B 822 46.31 0.76 32.67
C ASP B 822 45.60 1.61 33.71
N ASN B 823 45.15 1.03 34.83
CA ASN B 823 44.63 1.79 35.97
C ASN B 823 43.64 2.86 35.50
N LEU B 824 42.49 2.38 35.05
CA LEU B 824 41.47 3.25 34.48
C LEU B 824 40.72 4.01 35.58
N ASP B 825 39.94 5.00 35.16
CA ASP B 825 39.05 5.69 36.07
C ASP B 825 37.90 4.78 36.47
N ASN B 826 37.15 5.20 37.50
CA ASN B 826 36.06 4.36 38.01
C ASN B 826 35.02 4.09 36.93
N VAL B 827 34.40 5.15 36.39
CA VAL B 827 33.47 4.96 35.28
C VAL B 827 34.16 4.27 34.13
N SER B 828 35.45 4.52 33.93
CA SER B 828 36.21 3.82 32.90
C SER B 828 36.33 2.34 33.22
N LYS B 829 36.66 2.01 34.48
CA LYS B 829 36.65 0.62 34.90
C LYS B 829 35.24 0.08 34.98
N ASN B 830 34.29 0.91 35.44
CA ASN B 830 32.92 0.44 35.63
C ASN B 830 32.32 -0.06 34.32
N ALA B 831 32.46 0.73 33.25
CA ALA B 831 31.92 0.32 31.96
C ALA B 831 32.56 -0.98 31.49
N LEU B 832 33.88 -1.11 31.66
CA LEU B 832 34.54 -2.37 31.33
C LEU B 832 34.02 -3.51 32.19
N ASP B 833 33.98 -3.30 33.51
CA ASP B 833 33.50 -4.34 34.42
C ASP B 833 32.11 -4.81 34.03
N LYS B 834 31.25 -3.88 33.61
CA LYS B 834 29.90 -4.25 33.19
C LYS B 834 29.94 -5.37 32.15
N LEU B 835 30.75 -5.20 31.10
CA LEU B 835 30.75 -6.14 30.00
C LEU B 835 31.51 -7.42 30.35
N ARG B 836 32.48 -7.35 31.26
CA ARG B 836 33.06 -8.57 31.80
C ARG B 836 31.98 -9.43 32.43
N ASN B 837 31.10 -8.82 33.22
CA ASN B 837 30.00 -9.54 33.84
C ASN B 837 29.04 -10.08 32.79
N ASN B 838 28.55 -9.21 31.90
CA ASN B 838 27.57 -9.63 30.91
C ASN B 838 28.13 -10.72 30.02
N LEU B 839 29.41 -10.63 29.64
CA LEU B 839 30.04 -11.69 28.86
C LEU B 839 30.08 -12.99 29.65
N ASN B 840 30.60 -12.94 30.87
CA ASN B 840 30.66 -14.13 31.71
C ASN B 840 29.29 -14.79 31.83
N SER B 841 28.28 -14.01 32.23
CA SER B 841 26.93 -14.56 32.40
C SER B 841 26.49 -15.37 31.19
N LEU B 842 26.62 -14.79 29.99
CA LEU B 842 26.19 -15.48 28.79
C LEU B 842 27.13 -16.64 28.44
N ILE B 843 28.42 -16.51 28.75
CA ILE B 843 29.35 -17.60 28.49
C ILE B 843 29.02 -18.79 29.39
N GLU B 844 28.54 -18.54 30.61
CA GLU B 844 28.10 -19.64 31.46
C GLU B 844 26.84 -20.29 30.88
N GLU B 845 25.96 -19.49 30.28
CA GLU B 845 24.73 -20.04 29.71
C GLU B 845 25.01 -20.89 28.48
N ILE B 846 26.03 -20.55 27.70
CA ILE B 846 26.39 -21.38 26.56
C ILE B 846 27.19 -22.59 27.03
N ASN B 847 27.96 -22.45 28.12
CA ASN B 847 28.72 -23.57 28.66
C ASN B 847 27.80 -24.68 29.14
N GLU B 848 26.70 -24.31 29.82
CA GLU B 848 25.82 -25.32 30.40
C GLU B 848 25.24 -26.24 29.34
N ARG B 849 24.99 -25.72 28.14
CA ARG B 849 24.22 -26.46 27.13
C ARG B 849 24.85 -27.82 26.88
N SER B 850 24.49 -28.80 27.71
CA SER B 850 24.99 -30.15 27.59
C SER B 850 23.95 -31.12 28.14
N SER C 7 10.44 -3.30 -8.78
CA SER C 7 10.62 -4.39 -7.82
C SER C 7 9.77 -4.15 -6.57
N ILE C 8 9.04 -5.18 -6.14
CA ILE C 8 8.02 -5.00 -5.11
C ILE C 8 8.67 -4.56 -3.79
N PHE C 9 9.50 -5.42 -3.21
CA PHE C 9 10.10 -5.11 -1.92
C PHE C 9 11.04 -3.92 -2.02
N GLU C 10 11.73 -3.77 -3.15
CA GLU C 10 12.70 -2.68 -3.30
C GLU C 10 12.03 -1.32 -3.10
N LYS C 11 10.86 -1.11 -3.73
CA LYS C 11 10.17 0.16 -3.59
C LYS C 11 9.90 0.48 -2.13
N ASP C 12 9.49 -0.52 -1.35
CA ASP C 12 9.24 -0.30 0.08
C ASP C 12 10.54 -0.09 0.84
N LEU C 13 11.57 -0.88 0.52
CA LEU C 13 12.87 -0.71 1.16
C LEU C 13 13.39 0.71 0.95
N MET C 14 13.29 1.22 -0.26
CA MET C 14 13.74 2.59 -0.54
C MET C 14 12.95 3.59 0.29
N ALA C 15 11.61 3.47 0.26
CA ALA C 15 10.78 4.33 1.09
C ALA C 15 11.21 4.26 2.55
N TYR C 16 11.49 3.05 3.03
CA TYR C 16 11.84 2.86 4.44
C TYR C 16 13.06 3.70 4.82
N PHE C 17 14.10 3.67 4.01
CA PHE C 17 15.32 4.42 4.31
C PHE C 17 15.07 5.93 4.30
N ASP C 18 14.25 6.40 3.35
CA ASP C 18 13.94 7.83 3.30
C ASP C 18 13.18 8.28 4.54
N GLU C 19 12.28 7.45 5.05
CA GLU C 19 11.48 7.84 6.21
C GLU C 19 12.35 7.93 7.46
N ASN C 20 13.18 6.91 7.71
CA ASN C 20 13.92 6.83 8.95
C ASN C 20 15.17 7.71 8.96
N LEU C 21 15.82 7.89 7.81
CA LEU C 21 17.03 8.68 7.76
C LEU C 21 16.77 10.15 7.47
N ASN C 22 15.51 10.54 7.31
CA ASN C 22 15.14 11.93 7.55
C ASN C 22 15.46 12.25 9.00
N ARG C 23 15.76 13.53 9.27
CA ARG C 23 16.12 14.00 10.61
C ARG C 23 17.62 13.82 10.86
N ASN C 24 18.25 12.86 10.20
CA ASN C 24 19.69 12.66 10.29
C ASN C 24 20.43 13.13 9.05
N TRP C 25 19.76 13.88 8.17
CA TRP C 25 20.39 14.35 6.94
C TRP C 25 21.65 15.16 7.23
N ARG C 26 21.66 15.93 8.31
CA ARG C 26 22.79 16.80 8.61
C ARG C 26 24.06 16.01 8.90
N GLY C 27 23.95 14.76 9.33
CA GLY C 27 25.13 13.99 9.67
C GLY C 27 25.84 14.59 10.89
N ARG C 28 27.16 14.44 10.89
CA ARG C 28 28.01 14.93 11.99
C ARG C 28 27.50 14.27 13.27
N GLU C 29 27.20 15.03 14.32
CA GLU C 29 26.64 14.45 15.54
C GLU C 29 25.11 14.51 15.58
N HIS C 30 24.51 15.32 14.71
CA HIS C 30 23.05 15.42 14.67
C HIS C 30 22.46 14.17 14.02
N TRP C 31 22.52 13.05 14.72
CA TRP C 31 22.01 11.78 14.20
C TRP C 31 21.38 10.99 15.35
N LYS C 32 20.83 9.84 15.02
CA LYS C 32 20.15 8.95 15.98
C LYS C 32 18.86 9.58 16.48
N VAL C 33 18.07 10.13 15.57
CA VAL C 33 16.64 10.31 15.78
C VAL C 33 15.97 9.34 14.83
N ARG C 34 16.12 8.05 15.12
CA ARG C 34 15.93 6.99 14.14
C ARG C 34 15.37 5.76 14.84
N ASN C 35 14.67 4.92 14.08
CA ASN C 35 14.18 3.64 14.58
C ASN C 35 14.43 2.54 13.56
N LEU C 82 -1.00 16.86 46.21
CA LEU C 82 -0.12 17.69 47.04
C LEU C 82 -0.81 18.99 47.41
N GLU C 83 -0.50 19.49 48.61
CA GLU C 83 -0.96 20.79 49.05
C GLU C 83 0.05 21.37 50.03
N ILE C 84 0.34 22.65 49.87
CA ILE C 84 1.20 23.35 50.82
C ILE C 84 0.35 23.77 52.02
N ASP C 85 0.94 23.69 53.21
CA ASP C 85 0.28 24.16 54.43
C ASP C 85 0.73 25.60 54.65
N PHE C 86 -0.04 26.54 54.12
CA PHE C 86 0.29 27.96 54.26
C PHE C 86 0.16 28.44 55.70
N PHE C 87 -0.38 27.62 56.60
CA PHE C 87 -0.46 27.96 58.01
C PHE C 87 0.77 27.52 58.80
N LYS C 88 1.54 26.57 58.27
CA LYS C 88 2.76 26.14 58.94
C LYS C 88 3.75 27.29 59.04
N THR C 89 4.37 27.44 60.20
CA THR C 89 5.23 28.59 60.50
C THR C 89 6.71 28.28 60.31
N ASP C 90 7.04 27.35 59.42
CA ASP C 90 8.44 26.97 59.22
C ASP C 90 9.25 28.15 58.71
N ASP C 91 10.43 28.36 59.30
CA ASP C 91 11.37 29.37 58.86
C ASP C 91 12.67 28.80 58.33
N SER C 92 12.94 27.51 58.55
CA SER C 92 14.21 26.94 58.13
C SER C 92 14.34 26.93 56.61
N PHE C 93 13.26 26.61 55.89
CA PHE C 93 13.34 26.52 54.44
C PHE C 93 13.59 27.88 53.79
N GLU C 94 13.26 28.97 54.47
CA GLU C 94 13.61 30.30 53.95
C GLU C 94 15.12 30.50 53.93
N ASP C 95 15.84 29.93 54.90
CA ASP C 95 17.30 30.04 54.89
C ASP C 95 17.90 29.40 53.66
N LYS C 96 17.26 28.37 53.11
CA LYS C 96 17.74 27.76 51.89
C LYS C 96 17.34 28.56 50.66
N VAL C 97 16.16 29.19 50.70
CA VAL C 97 15.68 29.96 49.56
C VAL C 97 16.57 31.17 49.32
N PHE C 98 16.62 32.08 50.28
CA PHE C 98 17.38 33.33 50.13
C PHE C 98 18.87 33.15 50.40
N ALA C 99 19.35 31.91 50.50
CA ALA C 99 20.76 31.66 50.72
C ALA C 99 21.59 32.31 49.63
N SER C 100 22.88 32.51 49.94
CA SER C 100 23.83 32.97 48.94
C SER C 100 24.30 31.79 48.09
N LYS C 101 24.60 32.07 46.82
CA LYS C 101 24.96 30.99 45.90
C LYS C 101 26.26 30.33 46.30
N GLY C 102 27.25 31.11 46.73
CA GLY C 102 28.53 30.55 47.13
C GLY C 102 29.28 29.89 45.99
N ARG C 103 29.44 28.57 46.05
CA ARG C 103 30.15 27.82 45.02
C ARG C 103 29.23 27.18 44.00
N THR C 104 27.93 27.46 44.07
CA THR C 104 26.99 27.03 43.04
C THR C 104 27.00 28.08 41.93
N LYS C 105 27.31 27.65 40.71
CA LYS C 105 27.33 28.55 39.57
C LYS C 105 25.93 28.68 39.00
N ILE C 106 25.49 29.92 38.80
CA ILE C 106 24.16 30.22 38.27
C ILE C 106 24.21 30.85 36.90
N ASP C 107 25.40 31.00 36.31
CA ASP C 107 25.57 31.59 34.99
C ASP C 107 26.15 30.55 34.04
N MET C 108 25.74 30.62 32.78
CA MET C 108 26.24 29.70 31.79
C MET C 108 27.69 30.05 31.42
N PRO C 109 28.48 29.07 31.00
CA PRO C 109 29.86 29.36 30.58
C PRO C 109 29.90 30.47 29.54
N ILE C 110 30.93 31.31 29.62
CA ILE C 110 31.01 32.49 28.78
C ILE C 110 31.10 32.11 27.31
N LYS C 111 31.60 30.91 27.02
CA LYS C 111 31.75 30.49 25.63
C LYS C 111 30.41 30.16 24.98
N ASN C 112 29.45 29.68 25.77
CA ASN C 112 28.13 29.33 25.24
C ASN C 112 27.27 30.54 24.92
N ARG C 113 27.68 31.75 25.34
CA ARG C 113 26.88 32.93 25.11
C ARG C 113 26.94 33.42 23.67
N LYS C 114 27.85 32.89 22.87
CA LYS C 114 27.96 33.26 21.47
C LYS C 114 28.26 32.02 20.65
N ASN C 115 27.67 31.95 19.44
CA ASN C 115 27.91 30.83 18.55
C ASN C 115 27.74 31.32 17.12
N ASP C 116 28.77 31.11 16.30
CA ASP C 116 28.75 31.65 14.94
C ASP C 116 27.68 30.98 14.08
N THR C 117 27.37 29.70 14.33
CA THR C 117 26.33 29.04 13.56
C THR C 117 24.99 29.74 13.71
N HIS C 118 24.79 30.48 14.81
CA HIS C 118 23.51 31.12 15.13
C HIS C 118 22.37 30.10 15.20
N TYR C 119 22.70 28.82 15.34
CA TYR C 119 21.72 27.75 15.56
C TYR C 119 20.71 27.68 14.41
N LEU C 120 21.24 27.64 13.18
CA LEU C 120 20.43 27.39 12.00
C LEU C 120 20.91 26.13 11.30
N LEU C 121 20.05 25.58 10.45
CA LEU C 121 20.41 24.42 9.65
C LEU C 121 21.38 24.83 8.56
N PRO C 122 22.19 23.89 8.06
CA PRO C 122 22.99 24.18 6.86
C PRO C 122 22.11 24.18 5.62
N ASP C 123 22.70 24.41 4.45
CA ASP C 123 21.97 24.19 3.22
C ASP C 123 21.59 22.72 3.12
N ASP C 124 20.34 22.46 2.77
CA ASP C 124 19.85 21.10 2.60
C ASP C 124 19.99 20.70 1.13
N PHE C 125 20.76 19.64 0.88
CA PHE C 125 20.95 19.12 -0.46
C PHE C 125 20.01 17.96 -0.78
N HIS C 126 19.21 17.52 0.19
CA HIS C 126 18.13 16.56 -0.04
C HIS C 126 18.63 15.29 -0.73
N PHE C 127 19.59 14.64 -0.07
CA PHE C 127 20.03 13.32 -0.51
C PHE C 127 18.99 12.29 -0.11
N SER C 128 18.50 11.54 -1.09
CA SER C 128 17.45 10.56 -0.87
C SER C 128 17.69 9.39 -1.82
N THR C 129 16.93 8.32 -1.61
CA THR C 129 16.99 7.19 -2.53
C THR C 129 16.66 7.63 -3.95
N ASP C 130 15.80 8.65 -4.10
CA ASP C 130 15.48 9.16 -5.42
C ASP C 130 16.72 9.71 -6.11
N ARG C 131 17.50 10.53 -5.40
CA ARG C 131 18.71 11.10 -5.99
C ARG C 131 19.75 10.03 -6.28
N ILE C 132 19.94 9.09 -5.36
CA ILE C 132 21.06 8.16 -5.45
C ILE C 132 20.82 7.11 -6.51
N THR C 133 19.55 6.74 -6.75
CA THR C 133 19.26 5.67 -7.70
C THR C 133 19.40 6.11 -9.14
N ARG C 134 19.34 7.41 -9.42
CA ARG C 134 19.42 7.90 -10.79
C ARG C 134 20.87 8.03 -11.24
N LEU C 135 21.08 7.85 -12.55
CA LEU C 135 22.38 8.12 -13.14
C LEU C 135 22.64 9.61 -13.18
N PHE C 136 23.92 9.99 -13.16
CA PHE C 136 24.27 11.41 -13.19
C PHE C 136 23.86 12.04 -14.51
N ILE C 137 24.42 11.55 -15.63
CA ILE C 137 24.22 12.19 -16.93
C ILE C 137 22.91 11.78 -17.59
N LYS C 138 22.16 10.85 -16.98
CA LYS C 138 20.91 10.36 -17.56
C LYS C 138 19.90 10.18 -16.42
N PRO C 139 19.50 11.28 -15.80
CA PRO C 139 18.68 11.17 -14.57
C PRO C 139 17.36 10.43 -14.77
N GLY C 140 16.85 10.36 -16.01
CA GLY C 140 15.61 9.65 -16.24
C GLY C 140 15.71 8.15 -16.00
N GLN C 141 16.92 7.61 -16.00
CA GLN C 141 17.14 6.18 -15.82
C GLN C 141 17.61 5.90 -14.39
N LYS C 142 17.08 4.83 -13.79
CA LYS C 142 17.37 4.48 -12.42
C LYS C 142 18.03 3.10 -12.39
N MET C 143 18.99 2.95 -11.47
CA MET C 143 19.67 1.68 -11.26
C MET C 143 19.22 1.07 -9.94
N SER C 144 19.32 -0.26 -9.86
CA SER C 144 18.97 -0.96 -8.64
C SER C 144 20.16 -0.97 -7.69
N LEU C 145 19.92 -0.59 -6.44
CA LEU C 145 20.94 -0.58 -5.41
C LEU C 145 20.72 -1.63 -4.33
N PHE C 146 19.70 -2.47 -4.48
CA PHE C 146 19.29 -3.39 -3.42
C PHE C 146 19.03 -4.76 -4.02
N SER C 147 19.78 -5.76 -3.55
CA SER C 147 19.68 -7.13 -4.03
C SER C 147 19.55 -8.06 -2.83
N HIS C 148 19.38 -9.34 -3.11
CA HIS C 148 19.25 -10.35 -2.06
C HIS C 148 20.09 -11.59 -2.40
N VAL D 81 -20.64 -59.66 15.64
CA VAL D 81 -20.24 -61.05 15.71
C VAL D 81 -21.50 -61.91 15.80
N LEU D 82 -21.32 -63.23 15.93
CA LEU D 82 -22.42 -64.18 16.08
C LEU D 82 -23.61 -63.55 16.79
N GLU D 83 -23.39 -63.18 18.05
CA GLU D 83 -24.39 -62.52 18.89
C GLU D 83 -23.66 -62.20 20.19
N ILE D 84 -24.36 -61.63 21.17
CA ILE D 84 -23.77 -61.35 22.47
C ILE D 84 -24.47 -62.21 23.51
N ASP D 85 -23.68 -62.85 24.38
CA ASP D 85 -24.21 -63.63 25.48
C ASP D 85 -24.37 -62.67 26.66
N PHE D 86 -25.58 -62.13 26.79
CA PHE D 86 -25.87 -61.20 27.88
C PHE D 86 -25.92 -61.87 29.24
N PHE D 87 -25.87 -63.21 29.29
CA PHE D 87 -25.82 -63.93 30.55
C PHE D 87 -24.40 -64.10 31.09
N LYS D 88 -23.39 -63.68 30.33
CA LYS D 88 -22.00 -63.82 30.76
C LYS D 88 -21.68 -62.73 31.78
N THR D 89 -21.51 -63.12 33.04
CA THR D 89 -20.81 -62.28 34.01
C THR D 89 -19.30 -62.53 33.98
N ASP D 90 -18.86 -63.61 33.35
CA ASP D 90 -17.44 -63.92 33.24
C ASP D 90 -16.69 -62.80 32.52
N ASP D 91 -17.32 -62.17 31.54
CA ASP D 91 -16.65 -61.18 30.68
C ASP D 91 -15.71 -60.28 31.48
N SER D 92 -14.42 -60.42 31.22
CA SER D 92 -13.39 -59.69 31.96
C SER D 92 -13.01 -58.42 31.22
N PHE D 93 -12.77 -57.36 31.97
CA PHE D 93 -12.33 -56.08 31.43
C PHE D 93 -13.34 -55.49 30.45
N GLU D 94 -14.64 -55.75 30.66
CA GLU D 94 -15.64 -55.04 29.89
C GLU D 94 -15.88 -53.63 30.42
N ASP D 95 -15.54 -53.38 31.68
CA ASP D 95 -15.54 -52.03 32.24
C ASP D 95 -14.39 -51.19 31.71
N LYS D 96 -13.53 -51.76 30.86
CA LYS D 96 -12.44 -51.00 30.25
C LYS D 96 -12.97 -49.85 29.40
N VAL D 97 -14.21 -49.93 28.92
CA VAL D 97 -14.77 -48.85 28.11
C VAL D 97 -14.82 -47.55 28.90
N PHE D 98 -14.89 -47.63 30.23
CA PHE D 98 -14.98 -46.45 31.08
C PHE D 98 -13.60 -45.97 31.55
N ALA D 99 -12.53 -46.34 30.85
CA ALA D 99 -11.19 -45.94 31.24
C ALA D 99 -11.03 -44.43 31.12
N SER D 100 -9.86 -43.94 31.55
CA SER D 100 -9.65 -42.50 31.67
C SER D 100 -9.22 -41.87 30.35
N LYS D 101 -8.25 -42.50 29.66
CA LYS D 101 -7.78 -42.17 28.31
C LYS D 101 -6.35 -41.64 28.33
N GLY D 102 -5.82 -41.33 29.51
CA GLY D 102 -4.51 -40.71 29.68
C GLY D 102 -3.57 -40.78 28.48
N ARG D 103 -3.38 -39.65 27.82
CA ARG D 103 -2.46 -39.49 26.70
C ARG D 103 -2.98 -40.13 25.41
N THR D 104 -4.27 -40.42 25.34
CA THR D 104 -4.93 -40.77 24.09
C THR D 104 -5.74 -39.56 23.64
N LYS D 105 -5.47 -39.08 22.43
CA LYS D 105 -6.08 -37.86 21.95
C LYS D 105 -7.49 -38.14 21.43
N ILE D 106 -8.48 -37.51 22.04
CA ILE D 106 -9.87 -37.65 21.65
C ILE D 106 -10.47 -36.35 21.12
N ASP D 107 -9.78 -35.23 21.24
CA ASP D 107 -10.26 -33.94 20.76
C ASP D 107 -9.48 -33.54 19.52
N MET D 108 -10.19 -32.98 18.54
CA MET D 108 -9.51 -32.46 17.36
C MET D 108 -8.61 -31.30 17.78
N PRO D 109 -7.49 -31.09 17.09
CA PRO D 109 -6.59 -30.00 17.47
C PRO D 109 -7.26 -28.64 17.33
N ILE D 110 -6.93 -27.74 18.26
CA ILE D 110 -7.66 -26.47 18.34
C ILE D 110 -7.42 -25.59 17.13
N LYS D 111 -6.39 -25.89 16.32
CA LYS D 111 -6.12 -25.05 15.15
C LYS D 111 -7.24 -25.18 14.12
N ASN D 112 -7.67 -26.41 13.85
CA ASN D 112 -8.60 -26.70 12.76
C ASN D 112 -10.05 -26.36 13.09
N ARG D 113 -10.36 -26.11 14.36
CA ARG D 113 -11.77 -25.96 14.76
C ARG D 113 -12.40 -24.79 14.04
N LYS D 114 -11.67 -23.69 13.85
CA LYS D 114 -12.17 -22.51 13.18
C LYS D 114 -11.32 -22.20 11.97
N ASN D 115 -11.98 -21.85 10.86
CA ASN D 115 -11.33 -21.52 9.61
C ASN D 115 -11.97 -20.26 9.04
N ASP D 116 -11.13 -19.32 8.58
CA ASP D 116 -11.64 -18.05 8.07
C ASP D 116 -12.36 -18.21 6.75
N THR D 117 -11.97 -19.20 5.94
CA THR D 117 -12.61 -19.39 4.64
C THR D 117 -14.06 -19.82 4.76
N HIS D 118 -14.45 -20.37 5.91
CA HIS D 118 -15.79 -20.93 6.13
C HIS D 118 -16.09 -22.07 5.18
N TYR D 119 -15.09 -22.58 4.46
CA TYR D 119 -15.25 -23.71 3.56
C TYR D 119 -16.27 -23.42 2.46
N LEU D 120 -16.13 -22.26 1.85
CA LEU D 120 -16.87 -21.91 0.63
C LEU D 120 -15.91 -21.79 -0.54
N LEU D 121 -16.48 -21.83 -1.74
CA LEU D 121 -15.71 -21.57 -2.94
C LEU D 121 -15.65 -20.07 -3.20
N PRO D 122 -14.57 -19.58 -3.80
CA PRO D 122 -14.52 -18.17 -4.17
C PRO D 122 -15.49 -17.85 -5.30
N ASP D 123 -15.63 -16.57 -5.60
CA ASP D 123 -16.36 -16.16 -6.78
C ASP D 123 -15.77 -16.86 -8.00
N ASP D 124 -16.63 -17.25 -8.93
CA ASP D 124 -16.22 -18.03 -10.10
C ASP D 124 -16.53 -17.23 -11.35
N PHE D 125 -15.50 -17.04 -12.19
CA PHE D 125 -15.63 -16.27 -13.42
C PHE D 125 -15.64 -17.14 -14.68
N HIS D 126 -15.47 -18.45 -14.53
CA HIS D 126 -15.64 -19.41 -15.63
C HIS D 126 -14.80 -19.00 -16.85
N PHE D 127 -13.50 -19.19 -16.71
CA PHE D 127 -12.57 -18.99 -17.82
C PHE D 127 -12.50 -20.29 -18.61
N SER D 128 -13.06 -20.29 -19.81
CA SER D 128 -13.08 -21.44 -20.69
C SER D 128 -12.29 -21.14 -21.96
N THR D 129 -11.93 -22.21 -22.67
CA THR D 129 -11.32 -22.03 -23.99
C THR D 129 -12.22 -21.21 -24.90
N ASP D 130 -13.53 -21.43 -24.81
CA ASP D 130 -14.47 -20.62 -25.58
C ASP D 130 -14.34 -19.15 -25.24
N ARG D 131 -14.09 -18.84 -23.96
CA ARG D 131 -13.93 -17.44 -23.54
C ARG D 131 -12.69 -16.82 -24.18
N ILE D 132 -11.58 -17.53 -24.15
CA ILE D 132 -10.30 -16.95 -24.53
C ILE D 132 -10.16 -16.86 -26.04
N THR D 133 -10.60 -17.90 -26.76
CA THR D 133 -10.42 -17.91 -28.21
C THR D 133 -11.16 -16.77 -28.90
N ARG D 134 -12.11 -16.14 -28.23
CA ARG D 134 -12.91 -15.09 -28.84
C ARG D 134 -12.23 -13.74 -28.66
N LEU D 135 -12.46 -12.85 -29.62
CA LEU D 135 -11.96 -11.49 -29.53
C LEU D 135 -12.75 -10.70 -28.48
N PHE D 136 -12.12 -9.63 -27.98
CA PHE D 136 -12.76 -8.79 -26.98
C PHE D 136 -13.88 -7.96 -27.61
N ILE D 137 -13.55 -7.13 -28.60
CA ILE D 137 -14.53 -6.22 -29.18
C ILE D 137 -15.40 -6.88 -30.24
N LYS D 138 -15.07 -8.11 -30.63
CA LYS D 138 -15.82 -8.83 -31.66
C LYS D 138 -15.95 -10.27 -31.22
N PRO D 139 -16.74 -10.53 -30.17
CA PRO D 139 -16.75 -11.87 -29.57
C PRO D 139 -17.24 -12.96 -30.51
N GLY D 140 -17.96 -12.61 -31.58
CA GLY D 140 -18.40 -13.62 -32.53
C GLY D 140 -17.25 -14.30 -33.23
N GLN D 141 -16.21 -13.56 -33.55
CA GLN D 141 -15.04 -14.11 -34.22
C GLN D 141 -14.11 -14.76 -33.22
N LYS D 142 -13.42 -15.80 -33.67
CA LYS D 142 -12.46 -16.53 -32.86
C LYS D 142 -11.06 -16.43 -33.48
N MET D 143 -10.05 -16.69 -32.66
CA MET D 143 -8.66 -16.73 -33.09
C MET D 143 -8.10 -18.11 -32.82
N SER D 144 -6.95 -18.39 -33.42
CA SER D 144 -6.32 -19.70 -33.28
C SER D 144 -5.31 -19.69 -32.13
#